data_1B6U
# 
_entry.id   1B6U 
# 
_audit_conform.dict_name       mmcif_pdbx.dic 
_audit_conform.dict_version    5.399 
_audit_conform.dict_location   http://mmcif.pdb.org/dictionaries/ascii/mmcif_pdbx.dic 
# 
loop_
_database_2.database_id 
_database_2.database_code 
_database_2.pdbx_database_accession 
_database_2.pdbx_DOI 
PDB   1B6U         pdb_00001b6u 10.2210/pdb1b6u/pdb 
WWPDB D_1000171504 ?            ?                   
# 
loop_
_pdbx_audit_revision_history.ordinal 
_pdbx_audit_revision_history.data_content_type 
_pdbx_audit_revision_history.major_revision 
_pdbx_audit_revision_history.minor_revision 
_pdbx_audit_revision_history.revision_date 
1 'Structure model' 1 0 1999-01-27 
2 'Structure model' 1 1 2008-03-24 
3 'Structure model' 1 2 2011-07-13 
4 'Structure model' 1 3 2018-06-13 
5 'Structure model' 1 4 2024-11-20 
# 
_pdbx_audit_revision_details.ordinal             1 
_pdbx_audit_revision_details.revision_ordinal    1 
_pdbx_audit_revision_details.data_content_type   'Structure model' 
_pdbx_audit_revision_details.provider            repository 
_pdbx_audit_revision_details.type                'Initial release' 
_pdbx_audit_revision_details.description         ? 
_pdbx_audit_revision_details.details             ? 
# 
loop_
_pdbx_audit_revision_group.ordinal 
_pdbx_audit_revision_group.revision_ordinal 
_pdbx_audit_revision_group.data_content_type 
_pdbx_audit_revision_group.group 
1 2 'Structure model' 'Version format compliance' 
2 3 'Structure model' 'Version format compliance' 
3 4 'Structure model' 'Data collection'           
4 5 'Structure model' 'Data collection'           
5 5 'Structure model' 'Database references'       
6 5 'Structure model' 'Structure summary'         
# 
loop_
_pdbx_audit_revision_category.ordinal 
_pdbx_audit_revision_category.revision_ordinal 
_pdbx_audit_revision_category.data_content_type 
_pdbx_audit_revision_category.category 
1 4 'Structure model' diffrn_radiation          
2 4 'Structure model' diffrn_source             
3 5 'Structure model' chem_comp_atom            
4 5 'Structure model' chem_comp_bond            
5 5 'Structure model' database_2                
6 5 'Structure model' pdbx_entry_details        
7 5 'Structure model' pdbx_modification_feature 
# 
loop_
_pdbx_audit_revision_item.ordinal 
_pdbx_audit_revision_item.revision_ordinal 
_pdbx_audit_revision_item.data_content_type 
_pdbx_audit_revision_item.item 
1 4 'Structure model' '_diffrn_radiation.pdbx_diffrn_protocol' 
2 4 'Structure model' '_diffrn_source.pdbx_wavelength_list'    
3 5 'Structure model' '_database_2.pdbx_DOI'                   
4 5 'Structure model' '_database_2.pdbx_database_accession'    
# 
_pdbx_database_status.status_code                     REL 
_pdbx_database_status.entry_id                        1B6U 
_pdbx_database_status.recvd_initial_deposition_date   1999-01-18 
_pdbx_database_status.deposit_site                    ? 
_pdbx_database_status.process_site                    BNL 
_pdbx_database_status.status_code_sf                  REL 
_pdbx_database_status.status_code_mr                  ? 
_pdbx_database_status.SG_entry                        ? 
_pdbx_database_status.pdb_format_compatible           Y 
_pdbx_database_status.status_code_cs                  ? 
_pdbx_database_status.methods_development_category    ? 
_pdbx_database_status.status_code_nmr_data            ? 
# 
loop_
_audit_author.name 
_audit_author.pdbx_ordinal 
'Maenaka, K.'  1 
'Juji, T.'     2 
'Stuart, D.I.' 3 
'Jones, E.Y.'  4 
# 
_citation.id                        primary 
_citation.title                     
'Crystal structure of the human p58 killer cell inhibitory receptor (KIR2DL3) specific for HLA-Cw3-related MHC class I.' 
_citation.journal_abbrev            'Structure Fold.Des.' 
_citation.journal_volume            7 
_citation.page_first                391 
_citation.page_last                 398 
_citation.year                      1999 
_citation.journal_id_ASTM           FODEFH 
_citation.country                   UK 
_citation.journal_id_ISSN           0969-2126 
_citation.journal_id_CSD            1263 
_citation.book_publisher            ? 
_citation.pdbx_database_id_PubMed   10196125 
_citation.pdbx_database_id_DOI      '10.1016/S0969-2126(99)80052-5' 
# 
loop_
_citation_author.citation_id 
_citation_author.name 
_citation_author.ordinal 
_citation_author.identifier_ORCID 
primary 'Maenaka, K.'  1 ? 
primary 'Juji, T.'     2 ? 
primary 'Stuart, D.I.' 3 ? 
primary 'Jones, E.Y.'  4 ? 
# 
_entity.id                         1 
_entity.type                       polymer 
_entity.src_method                 man 
_entity.pdbx_description           'P58 KILLER CELL INHIBITORY RECEPTOR' 
_entity.formula_weight             28189.141 
_entity.pdbx_number_of_molecules   1 
_entity.pdbx_ec                    ? 
_entity.pdbx_mutation              ? 
_entity.pdbx_fragment              'EXTRACELLULAR REGION' 
_entity.details                    ? 
# 
_entity_name_com.entity_id   1 
_entity_name_com.name        KIR2DL3 
# 
_entity_poly.entity_id                      1 
_entity_poly.type                           'polypeptide(L)' 
_entity_poly.nstd_linkage                   no 
_entity_poly.nstd_monomer                   no 
_entity_poly.pdbx_seq_one_letter_code       
;HEGVHRKPSLLAHPGPLVKSEETVILQCWSDVRFQHFLLHREGKFKDTLHLIGEHHDGVSKANFSIGPMMQDLAGTYRCY
GSVTHSPYQLSAPSDPLDIVITGLYEKPSLSAQPGPTVLAGESVTLSCSSRSSYDMYHLSREGEAHERRFSAGPKVNGTF
QADFPLGPATHGGTYRCFGSFRDSPYEWSNSSDPLLVSVTGNPSNSWPSPTEPSSETGNPRHLHAAAEQKLISEEDLNLD
LVPRGSSSHHHHHHSSG
;
_entity_poly.pdbx_seq_one_letter_code_can   
;HEGVHRKPSLLAHPGPLVKSEETVILQCWSDVRFQHFLLHREGKFKDTLHLIGEHHDGVSKANFSIGPMMQDLAGTYRCY
GSVTHSPYQLSAPSDPLDIVITGLYEKPSLSAQPGPTVLAGESVTLSCSSRSSYDMYHLSREGEAHERRFSAGPKVNGTF
QADFPLGPATHGGTYRCFGSFRDSPYEWSNSSDPLLVSVTGNPSNSWPSPTEPSSETGNPRHLHAAAEQKLISEEDLNLD
LVPRGSSSHHHHHHSSG
;
_entity_poly.pdbx_strand_id                 A 
_entity_poly.pdbx_target_identifier         ? 
# 
loop_
_entity_poly_seq.entity_id 
_entity_poly_seq.num 
_entity_poly_seq.mon_id 
_entity_poly_seq.hetero 
1 1   HIS n 
1 2   GLU n 
1 3   GLY n 
1 4   VAL n 
1 5   HIS n 
1 6   ARG n 
1 7   LYS n 
1 8   PRO n 
1 9   SER n 
1 10  LEU n 
1 11  LEU n 
1 12  ALA n 
1 13  HIS n 
1 14  PRO n 
1 15  GLY n 
1 16  PRO n 
1 17  LEU n 
1 18  VAL n 
1 19  LYS n 
1 20  SER n 
1 21  GLU n 
1 22  GLU n 
1 23  THR n 
1 24  VAL n 
1 25  ILE n 
1 26  LEU n 
1 27  GLN n 
1 28  CYS n 
1 29  TRP n 
1 30  SER n 
1 31  ASP n 
1 32  VAL n 
1 33  ARG n 
1 34  PHE n 
1 35  GLN n 
1 36  HIS n 
1 37  PHE n 
1 38  LEU n 
1 39  LEU n 
1 40  HIS n 
1 41  ARG n 
1 42  GLU n 
1 43  GLY n 
1 44  LYS n 
1 45  PHE n 
1 46  LYS n 
1 47  ASP n 
1 48  THR n 
1 49  LEU n 
1 50  HIS n 
1 51  LEU n 
1 52  ILE n 
1 53  GLY n 
1 54  GLU n 
1 55  HIS n 
1 56  HIS n 
1 57  ASP n 
1 58  GLY n 
1 59  VAL n 
1 60  SER n 
1 61  LYS n 
1 62  ALA n 
1 63  ASN n 
1 64  PHE n 
1 65  SER n 
1 66  ILE n 
1 67  GLY n 
1 68  PRO n 
1 69  MET n 
1 70  MET n 
1 71  GLN n 
1 72  ASP n 
1 73  LEU n 
1 74  ALA n 
1 75  GLY n 
1 76  THR n 
1 77  TYR n 
1 78  ARG n 
1 79  CYS n 
1 80  TYR n 
1 81  GLY n 
1 82  SER n 
1 83  VAL n 
1 84  THR n 
1 85  HIS n 
1 86  SER n 
1 87  PRO n 
1 88  TYR n 
1 89  GLN n 
1 90  LEU n 
1 91  SER n 
1 92  ALA n 
1 93  PRO n 
1 94  SER n 
1 95  ASP n 
1 96  PRO n 
1 97  LEU n 
1 98  ASP n 
1 99  ILE n 
1 100 VAL n 
1 101 ILE n 
1 102 THR n 
1 103 GLY n 
1 104 LEU n 
1 105 TYR n 
1 106 GLU n 
1 107 LYS n 
1 108 PRO n 
1 109 SER n 
1 110 LEU n 
1 111 SER n 
1 112 ALA n 
1 113 GLN n 
1 114 PRO n 
1 115 GLY n 
1 116 PRO n 
1 117 THR n 
1 118 VAL n 
1 119 LEU n 
1 120 ALA n 
1 121 GLY n 
1 122 GLU n 
1 123 SER n 
1 124 VAL n 
1 125 THR n 
1 126 LEU n 
1 127 SER n 
1 128 CYS n 
1 129 SER n 
1 130 SER n 
1 131 ARG n 
1 132 SER n 
1 133 SER n 
1 134 TYR n 
1 135 ASP n 
1 136 MET n 
1 137 TYR n 
1 138 HIS n 
1 139 LEU n 
1 140 SER n 
1 141 ARG n 
1 142 GLU n 
1 143 GLY n 
1 144 GLU n 
1 145 ALA n 
1 146 HIS n 
1 147 GLU n 
1 148 ARG n 
1 149 ARG n 
1 150 PHE n 
1 151 SER n 
1 152 ALA n 
1 153 GLY n 
1 154 PRO n 
1 155 LYS n 
1 156 VAL n 
1 157 ASN n 
1 158 GLY n 
1 159 THR n 
1 160 PHE n 
1 161 GLN n 
1 162 ALA n 
1 163 ASP n 
1 164 PHE n 
1 165 PRO n 
1 166 LEU n 
1 167 GLY n 
1 168 PRO n 
1 169 ALA n 
1 170 THR n 
1 171 HIS n 
1 172 GLY n 
1 173 GLY n 
1 174 THR n 
1 175 TYR n 
1 176 ARG n 
1 177 CYS n 
1 178 PHE n 
1 179 GLY n 
1 180 SER n 
1 181 PHE n 
1 182 ARG n 
1 183 ASP n 
1 184 SER n 
1 185 PRO n 
1 186 TYR n 
1 187 GLU n 
1 188 TRP n 
1 189 SER n 
1 190 ASN n 
1 191 SER n 
1 192 SER n 
1 193 ASP n 
1 194 PRO n 
1 195 LEU n 
1 196 LEU n 
1 197 VAL n 
1 198 SER n 
1 199 VAL n 
1 200 THR n 
1 201 GLY n 
1 202 ASN n 
1 203 PRO n 
1 204 SER n 
1 205 ASN n 
1 206 SER n 
1 207 TRP n 
1 208 PRO n 
1 209 SER n 
1 210 PRO n 
1 211 THR n 
1 212 GLU n 
1 213 PRO n 
1 214 SER n 
1 215 SER n 
1 216 GLU n 
1 217 THR n 
1 218 GLY n 
1 219 ASN n 
1 220 PRO n 
1 221 ARG n 
1 222 HIS n 
1 223 LEU n 
1 224 HIS n 
1 225 ALA n 
1 226 ALA n 
1 227 ALA n 
1 228 GLU n 
1 229 GLN n 
1 230 LYS n 
1 231 LEU n 
1 232 ILE n 
1 233 SER n 
1 234 GLU n 
1 235 GLU n 
1 236 ASP n 
1 237 LEU n 
1 238 ASN n 
1 239 LEU n 
1 240 ASP n 
1 241 LEU n 
1 242 VAL n 
1 243 PRO n 
1 244 ARG n 
1 245 GLY n 
1 246 SER n 
1 247 SER n 
1 248 SER n 
1 249 HIS n 
1 250 HIS n 
1 251 HIS n 
1 252 HIS n 
1 253 HIS n 
1 254 HIS n 
1 255 SER n 
1 256 SER n 
1 257 GLY n 
# 
_entity_src_gen.entity_id                          1 
_entity_src_gen.pdbx_src_id                        1 
_entity_src_gen.pdbx_alt_source_flag               sample 
_entity_src_gen.pdbx_seq_type                      ? 
_entity_src_gen.pdbx_beg_seq_num                   ? 
_entity_src_gen.pdbx_end_seq_num                   ? 
_entity_src_gen.gene_src_common_name               human 
_entity_src_gen.gene_src_genus                     Homo 
_entity_src_gen.pdbx_gene_src_gene                 NKAT2 
_entity_src_gen.gene_src_species                   ? 
_entity_src_gen.gene_src_strain                    ? 
_entity_src_gen.gene_src_tissue                    ? 
_entity_src_gen.gene_src_tissue_fraction           ? 
_entity_src_gen.gene_src_details                   ? 
_entity_src_gen.pdbx_gene_src_fragment             ? 
_entity_src_gen.pdbx_gene_src_scientific_name      'Homo sapiens' 
_entity_src_gen.pdbx_gene_src_ncbi_taxonomy_id     9606 
_entity_src_gen.pdbx_gene_src_variant              ? 
_entity_src_gen.pdbx_gene_src_cell_line            BL21 
_entity_src_gen.pdbx_gene_src_atcc                 ? 
_entity_src_gen.pdbx_gene_src_organ                ? 
_entity_src_gen.pdbx_gene_src_organelle            ? 
_entity_src_gen.pdbx_gene_src_cell                 'NATURAL KILLER CELL' 
_entity_src_gen.pdbx_gene_src_cellular_location    'CELL SURFACE' 
_entity_src_gen.host_org_common_name               ? 
_entity_src_gen.pdbx_host_org_scientific_name      'Escherichia coli' 
_entity_src_gen.pdbx_host_org_ncbi_taxonomy_id     562 
_entity_src_gen.host_org_genus                     Escherichia 
_entity_src_gen.pdbx_host_org_gene                 NKAT2 
_entity_src_gen.pdbx_host_org_organ                ? 
_entity_src_gen.host_org_species                   ? 
_entity_src_gen.pdbx_host_org_tissue               ? 
_entity_src_gen.pdbx_host_org_tissue_fraction      ? 
_entity_src_gen.pdbx_host_org_strain               'BL21 PLYSS' 
_entity_src_gen.pdbx_host_org_variant              ? 
_entity_src_gen.pdbx_host_org_cell_line            ? 
_entity_src_gen.pdbx_host_org_atcc                 ? 
_entity_src_gen.pdbx_host_org_culture_collection   ? 
_entity_src_gen.pdbx_host_org_cell                 ? 
_entity_src_gen.pdbx_host_org_organelle            ? 
_entity_src_gen.pdbx_host_org_cellular_location    'MEDIA AND PERIPLASMIC SPACE' 
_entity_src_gen.pdbx_host_org_vector_type          PLASMID 
_entity_src_gen.pdbx_host_org_vector               'ESCHERICHIA COLI' 
_entity_src_gen.host_org_details                   ? 
_entity_src_gen.expression_system_id               ? 
_entity_src_gen.plasmid_name                       PKMATHNK2 
_entity_src_gen.plasmid_details                    ? 
_entity_src_gen.pdbx_description                   'CLONING BY PCR' 
# 
loop_
_chem_comp.id 
_chem_comp.type 
_chem_comp.mon_nstd_flag 
_chem_comp.name 
_chem_comp.pdbx_synonyms 
_chem_comp.formula 
_chem_comp.formula_weight 
ALA 'L-peptide linking' y ALANINE         ? 'C3 H7 N O2'     89.093  
ARG 'L-peptide linking' y ARGININE        ? 'C6 H15 N4 O2 1' 175.209 
ASN 'L-peptide linking' y ASPARAGINE      ? 'C4 H8 N2 O3'    132.118 
ASP 'L-peptide linking' y 'ASPARTIC ACID' ? 'C4 H7 N O4'     133.103 
CYS 'L-peptide linking' y CYSTEINE        ? 'C3 H7 N O2 S'   121.158 
GLN 'L-peptide linking' y GLUTAMINE       ? 'C5 H10 N2 O3'   146.144 
GLU 'L-peptide linking' y 'GLUTAMIC ACID' ? 'C5 H9 N O4'     147.129 
GLY 'peptide linking'   y GLYCINE         ? 'C2 H5 N O2'     75.067  
HIS 'L-peptide linking' y HISTIDINE       ? 'C6 H10 N3 O2 1' 156.162 
ILE 'L-peptide linking' y ISOLEUCINE      ? 'C6 H13 N O2'    131.173 
LEU 'L-peptide linking' y LEUCINE         ? 'C6 H13 N O2'    131.173 
LYS 'L-peptide linking' y LYSINE          ? 'C6 H15 N2 O2 1' 147.195 
MET 'L-peptide linking' y METHIONINE      ? 'C5 H11 N O2 S'  149.211 
PHE 'L-peptide linking' y PHENYLALANINE   ? 'C9 H11 N O2'    165.189 
PRO 'L-peptide linking' y PROLINE         ? 'C5 H9 N O2'     115.130 
SER 'L-peptide linking' y SERINE          ? 'C3 H7 N O3'     105.093 
THR 'L-peptide linking' y THREONINE       ? 'C4 H9 N O3'     119.119 
TRP 'L-peptide linking' y TRYPTOPHAN      ? 'C11 H12 N2 O2'  204.225 
TYR 'L-peptide linking' y TYROSINE        ? 'C9 H11 N O3'    181.189 
VAL 'L-peptide linking' y VALINE          ? 'C5 H11 N O2'    117.146 
# 
loop_
_pdbx_poly_seq_scheme.asym_id 
_pdbx_poly_seq_scheme.entity_id 
_pdbx_poly_seq_scheme.seq_id 
_pdbx_poly_seq_scheme.mon_id 
_pdbx_poly_seq_scheme.ndb_seq_num 
_pdbx_poly_seq_scheme.pdb_seq_num 
_pdbx_poly_seq_scheme.auth_seq_num 
_pdbx_poly_seq_scheme.pdb_mon_id 
_pdbx_poly_seq_scheme.auth_mon_id 
_pdbx_poly_seq_scheme.pdb_strand_id 
_pdbx_poly_seq_scheme.pdb_ins_code 
_pdbx_poly_seq_scheme.hetero 
A 1 1   HIS 1   1   ?   ?   ?   A . n 
A 1 2   GLU 2   2   ?   ?   ?   A . n 
A 1 3   GLY 3   3   ?   ?   ?   A . n 
A 1 4   VAL 4   4   ?   ?   ?   A . n 
A 1 5   HIS 5   5   5   HIS HIS A . n 
A 1 6   ARG 6   6   6   ARG ARG A . n 
A 1 7   LYS 7   7   7   LYS LYS A . n 
A 1 8   PRO 8   8   8   PRO PRO A . n 
A 1 9   SER 9   9   9   SER SER A . n 
A 1 10  LEU 10  10  10  LEU LEU A . n 
A 1 11  LEU 11  11  11  LEU LEU A . n 
A 1 12  ALA 12  12  12  ALA ALA A . n 
A 1 13  HIS 13  13  13  HIS HIS A . n 
A 1 14  PRO 14  14  14  PRO PRO A . n 
A 1 15  GLY 15  15  15  GLY GLY A . n 
A 1 16  PRO 16  16  16  PRO PRO A . n 
A 1 17  LEU 17  17  17  LEU LEU A . n 
A 1 18  VAL 18  18  18  VAL VAL A . n 
A 1 19  LYS 19  19  19  LYS LYS A . n 
A 1 20  SER 20  20  20  SER SER A . n 
A 1 21  GLU 21  21  21  GLU GLU A . n 
A 1 22  GLU 22  22  22  GLU GLU A . n 
A 1 23  THR 23  23  23  THR THR A . n 
A 1 24  VAL 24  24  24  VAL VAL A . n 
A 1 25  ILE 25  25  25  ILE ILE A . n 
A 1 26  LEU 26  26  26  LEU LEU A . n 
A 1 27  GLN 27  27  27  GLN GLN A . n 
A 1 28  CYS 28  28  28  CYS CYS A . n 
A 1 29  TRP 29  29  29  TRP TRP A . n 
A 1 30  SER 30  30  30  SER SER A . n 
A 1 31  ASP 31  31  31  ASP ASP A . n 
A 1 32  VAL 32  32  32  VAL VAL A . n 
A 1 33  ARG 33  33  33  ARG ARG A . n 
A 1 34  PHE 34  34  34  PHE PHE A . n 
A 1 35  GLN 35  35  35  GLN GLN A . n 
A 1 36  HIS 36  36  36  HIS HIS A . n 
A 1 37  PHE 37  37  37  PHE PHE A . n 
A 1 38  LEU 38  38  38  LEU LEU A . n 
A 1 39  LEU 39  39  39  LEU LEU A . n 
A 1 40  HIS 40  40  40  HIS HIS A . n 
A 1 41  ARG 41  41  41  ARG ARG A . n 
A 1 42  GLU 42  42  42  GLU GLU A . n 
A 1 43  GLY 43  43  43  GLY GLY A . n 
A 1 44  LYS 44  44  44  LYS LYS A . n 
A 1 45  PHE 45  45  45  PHE PHE A . n 
A 1 46  LYS 46  46  46  LYS LYS A . n 
A 1 47  ASP 47  47  47  ASP ASP A . n 
A 1 48  THR 48  48  48  THR THR A . n 
A 1 49  LEU 49  49  49  LEU LEU A . n 
A 1 50  HIS 50  50  50  HIS HIS A . n 
A 1 51  LEU 51  51  51  LEU LEU A . n 
A 1 52  ILE 52  52  52  ILE ILE A . n 
A 1 53  GLY 53  53  53  GLY GLY A . n 
A 1 54  GLU 54  54  54  GLU GLU A . n 
A 1 55  HIS 55  55  55  HIS HIS A . n 
A 1 56  HIS 56  56  56  HIS HIS A . n 
A 1 57  ASP 57  57  57  ASP ASP A . n 
A 1 58  GLY 58  58  58  GLY GLY A . n 
A 1 59  VAL 59  59  59  VAL VAL A . n 
A 1 60  SER 60  60  60  SER SER A . n 
A 1 61  LYS 61  61  61  LYS LYS A . n 
A 1 62  ALA 62  62  62  ALA ALA A . n 
A 1 63  ASN 63  63  63  ASN ASN A . n 
A 1 64  PHE 64  64  64  PHE PHE A . n 
A 1 65  SER 65  65  65  SER SER A . n 
A 1 66  ILE 66  66  66  ILE ILE A . n 
A 1 67  GLY 67  67  67  GLY GLY A . n 
A 1 68  PRO 68  68  68  PRO PRO A . n 
A 1 69  MET 69  69  69  MET MET A . n 
A 1 70  MET 70  70  70  MET MET A . n 
A 1 71  GLN 71  71  71  GLN GLN A . n 
A 1 72  ASP 72  72  72  ASP ASP A . n 
A 1 73  LEU 73  73  73  LEU LEU A . n 
A 1 74  ALA 74  74  74  ALA ALA A . n 
A 1 75  GLY 75  75  75  GLY GLY A . n 
A 1 76  THR 76  76  76  THR THR A . n 
A 1 77  TYR 77  77  77  TYR TYR A . n 
A 1 78  ARG 78  78  78  ARG ARG A . n 
A 1 79  CYS 79  79  79  CYS CYS A . n 
A 1 80  TYR 80  80  80  TYR TYR A . n 
A 1 81  GLY 81  81  81  GLY GLY A . n 
A 1 82  SER 82  82  82  SER SER A . n 
A 1 83  VAL 83  83  83  VAL VAL A . n 
A 1 84  THR 84  84  84  THR THR A . n 
A 1 85  HIS 85  85  85  HIS HIS A . n 
A 1 86  SER 86  86  86  SER SER A . n 
A 1 87  PRO 87  87  87  PRO PRO A . n 
A 1 88  TYR 88  88  88  TYR TYR A . n 
A 1 89  GLN 89  89  89  GLN GLN A . n 
A 1 90  LEU 90  90  90  LEU LEU A . n 
A 1 91  SER 91  91  91  SER SER A . n 
A 1 92  ALA 92  92  92  ALA ALA A . n 
A 1 93  PRO 93  93  93  PRO PRO A . n 
A 1 94  SER 94  94  94  SER SER A . n 
A 1 95  ASP 95  95  95  ASP ASP A . n 
A 1 96  PRO 96  96  96  PRO PRO A . n 
A 1 97  LEU 97  97  97  LEU LEU A . n 
A 1 98  ASP 98  98  98  ASP ASP A . n 
A 1 99  ILE 99  99  99  ILE ILE A . n 
A 1 100 VAL 100 100 100 VAL VAL A . n 
A 1 101 ILE 101 101 101 ILE ILE A . n 
A 1 102 THR 102 102 102 THR THR A . n 
A 1 103 GLY 103 103 103 GLY GLY A . n 
A 1 104 LEU 104 104 104 LEU LEU A . n 
A 1 105 TYR 105 105 105 TYR TYR A . n 
A 1 106 GLU 106 106 106 GLU GLU A . n 
A 1 107 LYS 107 107 107 LYS LYS A . n 
A 1 108 PRO 108 108 108 PRO PRO A . n 
A 1 109 SER 109 109 109 SER SER A . n 
A 1 110 LEU 110 110 110 LEU LEU A . n 
A 1 111 SER 111 111 111 SER SER A . n 
A 1 112 ALA 112 112 112 ALA ALA A . n 
A 1 113 GLN 113 113 113 GLN GLN A . n 
A 1 114 PRO 114 114 114 PRO PRO A . n 
A 1 115 GLY 115 115 115 GLY GLY A . n 
A 1 116 PRO 116 116 116 PRO PRO A . n 
A 1 117 THR 117 117 117 THR THR A . n 
A 1 118 VAL 118 118 118 VAL VAL A . n 
A 1 119 LEU 119 119 119 LEU LEU A . n 
A 1 120 ALA 120 120 120 ALA ALA A . n 
A 1 121 GLY 121 121 121 GLY GLY A . n 
A 1 122 GLU 122 122 122 GLU GLU A . n 
A 1 123 SER 123 123 123 SER SER A . n 
A 1 124 VAL 124 124 124 VAL VAL A . n 
A 1 125 THR 125 125 125 THR THR A . n 
A 1 126 LEU 126 126 126 LEU LEU A . n 
A 1 127 SER 127 127 127 SER SER A . n 
A 1 128 CYS 128 128 128 CYS CYS A . n 
A 1 129 SER 129 129 129 SER SER A . n 
A 1 130 SER 130 130 130 SER SER A . n 
A 1 131 ARG 131 131 131 ARG ARG A . n 
A 1 132 SER 132 132 132 SER SER A . n 
A 1 133 SER 133 133 133 SER SER A . n 
A 1 134 TYR 134 134 134 TYR TYR A . n 
A 1 135 ASP 135 135 135 ASP ASP A . n 
A 1 136 MET 136 136 136 MET MET A . n 
A 1 137 TYR 137 137 137 TYR TYR A . n 
A 1 138 HIS 138 138 138 HIS HIS A . n 
A 1 139 LEU 139 139 139 LEU LEU A . n 
A 1 140 SER 140 140 140 SER SER A . n 
A 1 141 ARG 141 141 141 ARG ARG A . n 
A 1 142 GLU 142 142 142 GLU GLU A . n 
A 1 143 GLY 143 143 143 GLY GLY A . n 
A 1 144 GLU 144 144 144 GLU GLU A . n 
A 1 145 ALA 145 145 145 ALA ALA A . n 
A 1 146 HIS 146 146 146 HIS HIS A . n 
A 1 147 GLU 147 147 147 GLU GLU A . n 
A 1 148 ARG 148 148 148 ARG ARG A . n 
A 1 149 ARG 149 149 149 ARG ARG A . n 
A 1 150 PHE 150 150 150 PHE PHE A . n 
A 1 151 SER 151 151 151 SER SER A . n 
A 1 152 ALA 152 152 152 ALA ALA A . n 
A 1 153 GLY 153 153 153 GLY GLY A . n 
A 1 154 PRO 154 154 154 PRO PRO A . n 
A 1 155 LYS 155 155 155 LYS LYS A . n 
A 1 156 VAL 156 156 156 VAL VAL A . n 
A 1 157 ASN 157 157 157 ASN ASN A . n 
A 1 158 GLY 158 158 158 GLY GLY A . n 
A 1 159 THR 159 159 159 THR THR A . n 
A 1 160 PHE 160 160 160 PHE PHE A . n 
A 1 161 GLN 161 161 161 GLN GLN A . n 
A 1 162 ALA 162 162 162 ALA ALA A . n 
A 1 163 ASP 163 163 163 ASP ASP A . n 
A 1 164 PHE 164 164 164 PHE PHE A . n 
A 1 165 PRO 165 165 165 PRO PRO A . n 
A 1 166 LEU 166 166 166 LEU LEU A . n 
A 1 167 GLY 167 167 167 GLY GLY A . n 
A 1 168 PRO 168 168 168 PRO PRO A . n 
A 1 169 ALA 169 169 169 ALA ALA A . n 
A 1 170 THR 170 170 170 THR THR A . n 
A 1 171 HIS 171 171 171 HIS HIS A . n 
A 1 172 GLY 172 172 172 GLY GLY A . n 
A 1 173 GLY 173 173 173 GLY GLY A . n 
A 1 174 THR 174 174 174 THR THR A . n 
A 1 175 TYR 175 175 175 TYR TYR A . n 
A 1 176 ARG 176 176 176 ARG ARG A . n 
A 1 177 CYS 177 177 177 CYS CYS A . n 
A 1 178 PHE 178 178 178 PHE PHE A . n 
A 1 179 GLY 179 179 179 GLY GLY A . n 
A 1 180 SER 180 180 180 SER SER A . n 
A 1 181 PHE 181 181 181 PHE PHE A . n 
A 1 182 ARG 182 182 182 ARG ARG A . n 
A 1 183 ASP 183 183 183 ASP ASP A . n 
A 1 184 SER 184 184 184 SER SER A . n 
A 1 185 PRO 185 185 185 PRO PRO A . n 
A 1 186 TYR 186 186 186 TYR TYR A . n 
A 1 187 GLU 187 187 187 GLU GLU A . n 
A 1 188 TRP 188 188 188 TRP TRP A . n 
A 1 189 SER 189 189 189 SER SER A . n 
A 1 190 ASN 190 190 190 ASN ASN A . n 
A 1 191 SER 191 191 191 SER SER A . n 
A 1 192 SER 192 192 192 SER SER A . n 
A 1 193 ASP 193 193 193 ASP ASP A . n 
A 1 194 PRO 194 194 194 PRO PRO A . n 
A 1 195 LEU 195 195 195 LEU LEU A . n 
A 1 196 LEU 196 196 196 LEU LEU A . n 
A 1 197 VAL 197 197 197 VAL VAL A . n 
A 1 198 SER 198 198 198 SER SER A . n 
A 1 199 VAL 199 199 199 VAL VAL A . n 
A 1 200 THR 200 200 200 THR THR A . n 
A 1 201 GLY 201 201 201 GLY GLY A . n 
A 1 202 ASN 202 202 202 ASN ASN A . n 
A 1 203 PRO 203 203 203 PRO PRO A . n 
A 1 204 SER 204 204 ?   ?   ?   A . n 
A 1 205 ASN 205 205 ?   ?   ?   A . n 
A 1 206 SER 206 206 ?   ?   ?   A . n 
A 1 207 TRP 207 207 ?   ?   ?   A . n 
A 1 208 PRO 208 208 ?   ?   ?   A . n 
A 1 209 SER 209 209 ?   ?   ?   A . n 
A 1 210 PRO 210 210 ?   ?   ?   A . n 
A 1 211 THR 211 211 ?   ?   ?   A . n 
A 1 212 GLU 212 212 ?   ?   ?   A . n 
A 1 213 PRO 213 213 ?   ?   ?   A . n 
A 1 214 SER 214 214 ?   ?   ?   A . n 
A 1 215 SER 215 215 ?   ?   ?   A . n 
A 1 216 GLU 216 216 ?   ?   ?   A . n 
A 1 217 THR 217 217 ?   ?   ?   A . n 
A 1 218 GLY 218 218 ?   ?   ?   A . n 
A 1 219 ASN 219 219 ?   ?   ?   A . n 
A 1 220 PRO 220 220 ?   ?   ?   A . n 
A 1 221 ARG 221 221 ?   ?   ?   A . n 
A 1 222 HIS 222 222 ?   ?   ?   A . n 
A 1 223 LEU 223 223 ?   ?   ?   A . n 
A 1 224 HIS 224 224 ?   ?   ?   A . n 
A 1 225 ALA 225 225 ?   ?   ?   A . n 
A 1 226 ALA 226 226 ?   ?   ?   A . n 
A 1 227 ALA 227 227 ?   ?   ?   A . n 
A 1 228 GLU 228 228 ?   ?   ?   A . n 
A 1 229 GLN 229 229 ?   ?   ?   A . n 
A 1 230 LYS 230 230 ?   ?   ?   A . n 
A 1 231 LEU 231 231 ?   ?   ?   A . n 
A 1 232 ILE 232 232 ?   ?   ?   A . n 
A 1 233 SER 233 233 ?   ?   ?   A . n 
A 1 234 GLU 234 234 ?   ?   ?   A . n 
A 1 235 GLU 235 235 ?   ?   ?   A . n 
A 1 236 ASP 236 236 ?   ?   ?   A . n 
A 1 237 LEU 237 237 ?   ?   ?   A . n 
A 1 238 ASN 238 238 ?   ?   ?   A . n 
A 1 239 LEU 239 239 ?   ?   ?   A . n 
A 1 240 ASP 240 240 ?   ?   ?   A . n 
A 1 241 LEU 241 241 ?   ?   ?   A . n 
A 1 242 VAL 242 242 ?   ?   ?   A . n 
A 1 243 PRO 243 243 ?   ?   ?   A . n 
A 1 244 ARG 244 244 ?   ?   ?   A . n 
A 1 245 GLY 245 245 ?   ?   ?   A . n 
A 1 246 SER 246 246 ?   ?   ?   A . n 
A 1 247 SER 247 247 ?   ?   ?   A . n 
A 1 248 SER 248 248 ?   ?   ?   A . n 
A 1 249 HIS 249 249 ?   ?   ?   A . n 
A 1 250 HIS 250 250 ?   ?   ?   A . n 
A 1 251 HIS 251 251 ?   ?   ?   A . n 
A 1 252 HIS 252 252 ?   ?   ?   A . n 
A 1 253 HIS 253 253 ?   ?   ?   A . n 
A 1 254 HIS 254 254 ?   ?   ?   A . n 
A 1 255 SER 255 255 ?   ?   ?   A . n 
A 1 256 SER 256 256 ?   ?   ?   A . n 
A 1 257 GLY 257 257 ?   ?   ?   A . n 
# 
loop_
_software.name 
_software.classification 
_software.version 
_software.citation_id 
_software.pdbx_ordinal 
_software.date 
_software.type 
_software.location 
_software.language 
DENZO     'data reduction' .   ? 1 ? ? ? ? 
SCALEPACK 'data scaling'   .   ? 2 ? ? ? ? 
CNS       refinement       0.5 ? 3 ? ? ? ? 
CNS       phasing          0.5 ? 4 ? ? ? ? 
# 
_cell.entry_id           1B6U 
_cell.length_a           95.400 
_cell.length_b           95.400 
_cell.length_c           130.800 
_cell.angle_alpha        90.00 
_cell.angle_beta         90.00 
_cell.angle_gamma        120.00 
_cell.Z_PDB              12 
_cell.pdbx_unique_axis   ? 
# 
_symmetry.entry_id                         1B6U 
_symmetry.space_group_name_H-M             'P 65 2 2' 
_symmetry.pdbx_full_space_group_name_H-M   ? 
_symmetry.cell_setting                     ? 
_symmetry.Int_Tables_number                179 
# 
_exptl.entry_id          1B6U 
_exptl.method            'X-RAY DIFFRACTION' 
_exptl.crystals_number   1 
# 
_exptl_crystal.id                    1 
_exptl_crystal.density_meas          ? 
_exptl_crystal.density_Matthews      3.05 
_exptl_crystal.density_percent_sol   60 
_exptl_crystal.description           'DATA WERE COLLECTED USING WEISSENBERG METHOD.' 
_exptl_crystal.preparation           ? 
# 
_exptl_crystal_grow.crystal_id      1 
_exptl_crystal_grow.method          ? 
_exptl_crystal_grow.temp            ? 
_exptl_crystal_grow.temp_details    ? 
_exptl_crystal_grow.pH              7.5 
_exptl_crystal_grow.pdbx_pH_range   ? 
_exptl_crystal_grow.pdbx_details    'pH 7.5' 
# 
_diffrn.id                     1 
_diffrn.ambient_temp           288 
_diffrn.ambient_temp_details   ? 
_diffrn.crystal_id             1 
# 
_diffrn_detector.diffrn_id              1 
_diffrn_detector.detector               'IMAGE PLATE' 
_diffrn_detector.type                   FUJI 
_diffrn_detector.pdbx_collection_date   1996-10 
_diffrn_detector.details                MIRRORS 
# 
_diffrn_radiation.diffrn_id                        1 
_diffrn_radiation.wavelength_id                    1 
_diffrn_radiation.pdbx_monochromatic_or_laue_m_l   M 
_diffrn_radiation.monochromator                    ? 
_diffrn_radiation.pdbx_diffrn_protocol             'SINGLE WAVELENGTH' 
_diffrn_radiation.pdbx_scattering_type             x-ray 
# 
_diffrn_radiation_wavelength.id           1 
_diffrn_radiation_wavelength.wavelength   1.0 
_diffrn_radiation_wavelength.wt           1.0 
# 
_diffrn_source.diffrn_id                   1 
_diffrn_source.source                      SYNCHROTRON 
_diffrn_source.type                        'PHOTON FACTORY BEAMLINE BL-6A' 
_diffrn_source.pdbx_synchrotron_site       'Photon Factory' 
_diffrn_source.pdbx_synchrotron_beamline   BL-6A 
_diffrn_source.pdbx_wavelength             1.0 
_diffrn_source.pdbx_wavelength_list        1.0 
# 
_reflns.entry_id                     1B6U 
_reflns.observed_criterion_sigma_I   0 
_reflns.observed_criterion_sigma_F   ? 
_reflns.d_resolution_low             20.0 
_reflns.d_resolution_high            3.0 
_reflns.number_obs                   6281 
_reflns.number_all                   ? 
_reflns.percent_possible_obs         84.9 
_reflns.pdbx_Rmerge_I_obs            0.195 
_reflns.pdbx_Rsym_value              ? 
_reflns.pdbx_netI_over_sigmaI        4.7 
_reflns.B_iso_Wilson_estimate        ? 
_reflns.pdbx_redundancy              2.9 
_reflns.pdbx_diffrn_id               1 
_reflns.pdbx_ordinal                 1 
# 
_reflns_shell.d_res_high             3.0 
_reflns_shell.d_res_low              3.11 
_reflns_shell.percent_possible_all   87.6 
_reflns_shell.Rmerge_I_obs           0.49 
_reflns_shell.pdbx_Rsym_value        ? 
_reflns_shell.meanI_over_sigI_obs    1.5 
_reflns_shell.pdbx_redundancy        ? 
_reflns_shell.pdbx_diffrn_id         ? 
_reflns_shell.pdbx_ordinal           1 
# 
_refine.entry_id                                 1B6U 
_refine.ls_number_reflns_obs                     5896 
_refine.ls_number_reflns_all                     ? 
_refine.pdbx_ls_sigma_I                          ? 
_refine.pdbx_ls_sigma_F                          0 
_refine.pdbx_data_cutoff_high_absF               ? 
_refine.pdbx_data_cutoff_low_absF                ? 
_refine.pdbx_data_cutoff_high_rms_absF           ? 
_refine.ls_d_res_low                             15.0 
_refine.ls_d_res_high                            3.0 
_refine.ls_percent_reflns_obs                    79.4 
_refine.ls_R_factor_obs                          0.248 
_refine.ls_R_factor_all                          ? 
_refine.ls_R_factor_R_work                       0.248 
_refine.ls_R_factor_R_free                       0.32 
_refine.ls_R_factor_R_free_error                 ? 
_refine.ls_R_factor_R_free_error_details         ? 
_refine.ls_percent_reflns_R_free                 5 
_refine.ls_number_reflns_R_free                  354 
_refine.ls_number_parameters                     ? 
_refine.ls_number_restraints                     ? 
_refine.occupancy_min                            ? 
_refine.occupancy_max                            ? 
_refine.B_iso_mean                               40.8 
_refine.aniso_B[1][1]                            -0.40 
_refine.aniso_B[2][2]                            -0.40 
_refine.aniso_B[3][3]                            0.81 
_refine.aniso_B[1][2]                            -4.12 
_refine.aniso_B[1][3]                            0.00 
_refine.aniso_B[2][3]                            0.00 
_refine.solvent_model_details                    'FLAT MODEL' 
_refine.solvent_model_param_ksol                 0.25 
_refine.solvent_model_param_bsol                 20 
_refine.pdbx_ls_cross_valid_method               THROUGHOUT 
_refine.details                                  'REFINED BY X-PLOR, REFMAC AND CN' 
_refine.pdbx_starting_model                      ? 
_refine.pdbx_method_to_determine_struct          'MOLECULAR REPLACEMENT' 
_refine.pdbx_isotropic_thermal_model             ? 
_refine.pdbx_stereochemistry_target_values       ? 
_refine.pdbx_stereochem_target_val_spec_case     ? 
_refine.pdbx_R_Free_selection_details            RANDOM 
_refine.pdbx_overall_ESU_R                       ? 
_refine.pdbx_overall_ESU_R_Free                  ? 
_refine.overall_SU_ML                            ? 
_refine.overall_SU_B                             ? 
_refine.pdbx_refine_id                           'X-RAY DIFFRACTION' 
_refine.pdbx_diffrn_id                           1 
_refine.pdbx_TLS_residual_ADP_flag               ? 
_refine.correlation_coeff_Fo_to_Fc               ? 
_refine.correlation_coeff_Fo_to_Fc_free          ? 
_refine.pdbx_solvent_vdw_probe_radii             ? 
_refine.pdbx_solvent_ion_probe_radii             ? 
_refine.pdbx_solvent_shrinkage_radii             ? 
_refine.pdbx_overall_phase_error                 ? 
_refine.overall_SU_R_Cruickshank_DPI             ? 
_refine.pdbx_overall_SU_R_free_Cruickshank_DPI   ? 
_refine.pdbx_overall_SU_R_Blow_DPI               ? 
_refine.pdbx_overall_SU_R_free_Blow_DPI          ? 
# 
_refine_hist.pdbx_refine_id                   'X-RAY DIFFRACTION' 
_refine_hist.cycle_id                         LAST 
_refine_hist.pdbx_number_atoms_protein        1541 
_refine_hist.pdbx_number_atoms_nucleic_acid   0 
_refine_hist.pdbx_number_atoms_ligand         0 
_refine_hist.number_atoms_solvent             0 
_refine_hist.number_atoms_total               1541 
_refine_hist.d_res_high                       3.0 
_refine_hist.d_res_low                        15.0 
# 
loop_
_refine_ls_restr.type 
_refine_ls_restr.dev_ideal 
_refine_ls_restr.dev_ideal_target 
_refine_ls_restr.weight 
_refine_ls_restr.number 
_refine_ls_restr.pdbx_refine_id 
_refine_ls_restr.pdbx_restraint_function 
c_bond_d                0.008 ? ? ? 'X-RAY DIFFRACTION' ? 
c_bond_d_na             ?     ? ? ? 'X-RAY DIFFRACTION' ? 
c_bond_d_prot           ?     ? ? ? 'X-RAY DIFFRACTION' ? 
c_angle_d               ?     ? ? ? 'X-RAY DIFFRACTION' ? 
c_angle_d_na            ?     ? ? ? 'X-RAY DIFFRACTION' ? 
c_angle_d_prot          ?     ? ? ? 'X-RAY DIFFRACTION' ? 
c_angle_deg             1.57  ? ? ? 'X-RAY DIFFRACTION' ? 
c_angle_deg_na          ?     ? ? ? 'X-RAY DIFFRACTION' ? 
c_angle_deg_prot        ?     ? ? ? 'X-RAY DIFFRACTION' ? 
c_dihedral_angle_d      ?     ? ? ? 'X-RAY DIFFRACTION' ? 
c_dihedral_angle_d_na   ?     ? ? ? 'X-RAY DIFFRACTION' ? 
c_dihedral_angle_d_prot ?     ? ? ? 'X-RAY DIFFRACTION' ? 
c_improper_angle_d      ?     ? ? ? 'X-RAY DIFFRACTION' ? 
c_improper_angle_d_na   ?     ? ? ? 'X-RAY DIFFRACTION' ? 
c_improper_angle_d_prot ?     ? ? ? 'X-RAY DIFFRACTION' ? 
c_mcbond_it             ?     ? ? ? 'X-RAY DIFFRACTION' ? 
c_mcangle_it            ?     ? ? ? 'X-RAY DIFFRACTION' ? 
c_scbond_it             ?     ? ? ? 'X-RAY DIFFRACTION' ? 
c_scangle_it            ?     ? ? ? 'X-RAY DIFFRACTION' ? 
# 
_struct.entry_id                  1B6U 
_struct.title                     
'CRYSTAL STRUCTURE OF THE HUMAN KILLER CELL INHIBITORY RECEPTOR (KIR2DL3) SPECIFIC FOR HLA-CW3 RELATED ALLELES' 
_struct.pdbx_model_details        ? 
_struct.pdbx_CASP_flag            ? 
_struct.pdbx_model_type_details   ? 
# 
_struct_keywords.entry_id        1B6U 
_struct_keywords.pdbx_keywords   'KILLER CELL INHIBITORY RECEPTOR' 
_struct_keywords.text            
;KILLER CELL INHIBITORY RECEPTOR, NATURAL KILLER CELL, HLA, MAJOR HISTOCOMPATIBILITY COMPLEX CLASS I (MHC CLASS I), CELL SURFACE RECEPTOR, IMMUNOGLOBULIN SUPERFAMILY
;
# 
_struct_asym.id                            A 
_struct_asym.pdbx_blank_PDB_chainid_flag   N 
_struct_asym.pdbx_modified                 N 
_struct_asym.entity_id                     1 
_struct_asym.details                       ? 
# 
_struct_ref.id                         1 
_struct_ref.db_name                    UNP 
_struct_ref.db_code                    KI2L3_HUMAN 
_struct_ref.entity_id                  1 
_struct_ref.pdbx_db_accession          P43628 
_struct_ref.pdbx_align_begin           1 
_struct_ref.pdbx_seq_one_letter_code   
;MSLMVVSMVCVGFFLLQGAWPHEGVHRKPSLLAHPGPLVKSEETVILQCWSDVRFQHFLLHREGKFKDTLHLIGEHHDGV
SKANFSIGPMMQDLAGTYRCYGSVTHSPYQLSAPSDPLDIVITGLYEKPSLSAQPGPTVLAGESVTLSCSSRSSYDMYHL
SREGEAHERRFSAGPKVNGTFQADFPLGPATHGGTYRCFGSFRDSPYEWSNSSDPLLVSVTGNPSNSWPSPTEPSSETGN
PRHLHVLIGTSVVIILFILLLFFLLHRWCCNKKNAVVMDQEPAGNRTVNREDSDEQDPQEVTYAQLNHCVFTQRKITRPS
QRPKTPPTDIIVYTELPNAEP
;
_struct_ref.pdbx_db_isoform            ? 
# 
_struct_ref_seq.align_id                      1 
_struct_ref_seq.ref_id                        1 
_struct_ref_seq.pdbx_PDB_id_code              1B6U 
_struct_ref_seq.pdbx_strand_id                A 
_struct_ref_seq.seq_align_beg                 1 
_struct_ref_seq.pdbx_seq_align_beg_ins_code   ? 
_struct_ref_seq.seq_align_end                 224 
_struct_ref_seq.pdbx_seq_align_end_ins_code   ? 
_struct_ref_seq.pdbx_db_accession             P43628 
_struct_ref_seq.db_align_beg                  22 
_struct_ref_seq.pdbx_db_align_beg_ins_code    ? 
_struct_ref_seq.db_align_end                  245 
_struct_ref_seq.pdbx_db_align_end_ins_code    ? 
_struct_ref_seq.pdbx_auth_seq_align_beg       1 
_struct_ref_seq.pdbx_auth_seq_align_end       224 
# 
_pdbx_struct_assembly.id                   1 
_pdbx_struct_assembly.details              author_defined_assembly 
_pdbx_struct_assembly.method_details       ? 
_pdbx_struct_assembly.oligomeric_details   dimeric 
_pdbx_struct_assembly.oligomeric_count     2 
# 
_pdbx_struct_assembly_gen.assembly_id       1 
_pdbx_struct_assembly_gen.oper_expression   1,2 
_pdbx_struct_assembly_gen.asym_id_list      A 
# 
loop_
_pdbx_struct_oper_list.id 
_pdbx_struct_oper_list.type 
_pdbx_struct_oper_list.name 
_pdbx_struct_oper_list.symmetry_operation 
_pdbx_struct_oper_list.matrix[1][1] 
_pdbx_struct_oper_list.matrix[1][2] 
_pdbx_struct_oper_list.matrix[1][3] 
_pdbx_struct_oper_list.vector[1] 
_pdbx_struct_oper_list.matrix[2][1] 
_pdbx_struct_oper_list.matrix[2][2] 
_pdbx_struct_oper_list.matrix[2][3] 
_pdbx_struct_oper_list.vector[2] 
_pdbx_struct_oper_list.matrix[3][1] 
_pdbx_struct_oper_list.matrix[3][2] 
_pdbx_struct_oper_list.matrix[3][3] 
_pdbx_struct_oper_list.vector[3] 
1 'identity operation'         1_555 x,y,z              1.0000000000 0.0000000000  0.0000000000 0.0000000000  0.0000000000  1.0000000000  0.0000000000  0.0000000000  0.0000000000 0.0000000000  1.0000000000  0.0000000000  
2 'crystal symmetry operation' 9_765 -x+2,-x+y+1,-z+1/3 0.2032585599 -0.9730035253 0.1093165020 18.3501423415 -0.9730035253 -0.2131900061 -0.0883977438 21.8032545723 0.1093165020 -0.0883977438 -0.9900685538 -7.9157516830 
# 
loop_
_struct_conn.id 
_struct_conn.conn_type_id 
_struct_conn.pdbx_leaving_atom_flag 
_struct_conn.pdbx_PDB_id 
_struct_conn.ptnr1_label_asym_id 
_struct_conn.ptnr1_label_comp_id 
_struct_conn.ptnr1_label_seq_id 
_struct_conn.ptnr1_label_atom_id 
_struct_conn.pdbx_ptnr1_label_alt_id 
_struct_conn.pdbx_ptnr1_PDB_ins_code 
_struct_conn.pdbx_ptnr1_standard_comp_id 
_struct_conn.ptnr1_symmetry 
_struct_conn.ptnr2_label_asym_id 
_struct_conn.ptnr2_label_comp_id 
_struct_conn.ptnr2_label_seq_id 
_struct_conn.ptnr2_label_atom_id 
_struct_conn.pdbx_ptnr2_label_alt_id 
_struct_conn.pdbx_ptnr2_PDB_ins_code 
_struct_conn.ptnr1_auth_asym_id 
_struct_conn.ptnr1_auth_comp_id 
_struct_conn.ptnr1_auth_seq_id 
_struct_conn.ptnr2_auth_asym_id 
_struct_conn.ptnr2_auth_comp_id 
_struct_conn.ptnr2_auth_seq_id 
_struct_conn.ptnr2_symmetry 
_struct_conn.pdbx_ptnr3_label_atom_id 
_struct_conn.pdbx_ptnr3_label_seq_id 
_struct_conn.pdbx_ptnr3_label_comp_id 
_struct_conn.pdbx_ptnr3_label_asym_id 
_struct_conn.pdbx_ptnr3_label_alt_id 
_struct_conn.pdbx_ptnr3_PDB_ins_code 
_struct_conn.details 
_struct_conn.pdbx_dist_value 
_struct_conn.pdbx_value_order 
_struct_conn.pdbx_role 
disulf1 disulf ? ? A CYS 28  SG ? ? ? 1_555 A CYS 79  SG ? ? A CYS 28  A CYS 79  1_555 ? ? ? ? ? ? ? 2.015 ? ? 
disulf2 disulf ? ? A CYS 128 SG ? ? ? 1_555 A CYS 177 SG ? ? A CYS 128 A CYS 177 1_555 ? ? ? ? ? ? ? 2.029 ? ? 
# 
_struct_conn_type.id          disulf 
_struct_conn_type.criteria    ? 
_struct_conn_type.reference   ? 
# 
loop_
_pdbx_modification_feature.ordinal 
_pdbx_modification_feature.label_comp_id 
_pdbx_modification_feature.label_asym_id 
_pdbx_modification_feature.label_seq_id 
_pdbx_modification_feature.label_alt_id 
_pdbx_modification_feature.modified_residue_label_comp_id 
_pdbx_modification_feature.modified_residue_label_asym_id 
_pdbx_modification_feature.modified_residue_label_seq_id 
_pdbx_modification_feature.modified_residue_label_alt_id 
_pdbx_modification_feature.auth_comp_id 
_pdbx_modification_feature.auth_asym_id 
_pdbx_modification_feature.auth_seq_id 
_pdbx_modification_feature.PDB_ins_code 
_pdbx_modification_feature.symmetry 
_pdbx_modification_feature.modified_residue_auth_comp_id 
_pdbx_modification_feature.modified_residue_auth_asym_id 
_pdbx_modification_feature.modified_residue_auth_seq_id 
_pdbx_modification_feature.modified_residue_PDB_ins_code 
_pdbx_modification_feature.modified_residue_symmetry 
_pdbx_modification_feature.comp_id_linking_atom 
_pdbx_modification_feature.modified_residue_id_linking_atom 
_pdbx_modification_feature.modified_residue_id 
_pdbx_modification_feature.ref_pcm_id 
_pdbx_modification_feature.ref_comp_id 
_pdbx_modification_feature.type 
_pdbx_modification_feature.category 
1 CYS A 28  ? CYS A 79  ? CYS A 28  ? 1_555 CYS A 79  ? 1_555 SG SG . . . None 'Disulfide bridge' 
2 CYS A 128 ? CYS A 177 ? CYS A 128 ? 1_555 CYS A 177 ? 1_555 SG SG . . . None 'Disulfide bridge' 
# 
loop_
_struct_mon_prot_cis.pdbx_id 
_struct_mon_prot_cis.label_comp_id 
_struct_mon_prot_cis.label_seq_id 
_struct_mon_prot_cis.label_asym_id 
_struct_mon_prot_cis.label_alt_id 
_struct_mon_prot_cis.pdbx_PDB_ins_code 
_struct_mon_prot_cis.auth_comp_id 
_struct_mon_prot_cis.auth_seq_id 
_struct_mon_prot_cis.auth_asym_id 
_struct_mon_prot_cis.pdbx_label_comp_id_2 
_struct_mon_prot_cis.pdbx_label_seq_id_2 
_struct_mon_prot_cis.pdbx_label_asym_id_2 
_struct_mon_prot_cis.pdbx_PDB_ins_code_2 
_struct_mon_prot_cis.pdbx_auth_comp_id_2 
_struct_mon_prot_cis.pdbx_auth_seq_id_2 
_struct_mon_prot_cis.pdbx_auth_asym_id_2 
_struct_mon_prot_cis.pdbx_PDB_model_num 
_struct_mon_prot_cis.pdbx_omega_angle 
1 HIS 13  A . ? HIS 13  A PRO 14  A ? PRO 14  A 1 0.07 
2 GLN 113 A . ? GLN 113 A PRO 114 A ? PRO 114 A 1 0.19 
# 
loop_
_struct_sheet.id 
_struct_sheet.type 
_struct_sheet.number_strands 
_struct_sheet.details 
A ? 2 ? 
B ? 2 ? 
C ? 4 ? 
D ? 3 ? 
E ? 3 ? 
# 
loop_
_struct_sheet_order.sheet_id 
_struct_sheet_order.range_id_1 
_struct_sheet_order.range_id_2 
_struct_sheet_order.offset 
_struct_sheet_order.sense 
A 1 2 ? parallel      
B 1 2 ? anti-parallel 
C 1 2 ? anti-parallel 
C 2 3 ? anti-parallel 
C 3 4 ? anti-parallel 
D 1 2 ? anti-parallel 
D 2 3 ? anti-parallel 
E 1 2 ? anti-parallel 
E 2 3 ? anti-parallel 
# 
loop_
_struct_sheet_range.sheet_id 
_struct_sheet_range.id 
_struct_sheet_range.beg_label_comp_id 
_struct_sheet_range.beg_label_asym_id 
_struct_sheet_range.beg_label_seq_id 
_struct_sheet_range.pdbx_beg_PDB_ins_code 
_struct_sheet_range.end_label_comp_id 
_struct_sheet_range.end_label_asym_id 
_struct_sheet_range.end_label_seq_id 
_struct_sheet_range.pdbx_end_PDB_ins_code 
_struct_sheet_range.beg_auth_comp_id 
_struct_sheet_range.beg_auth_asym_id 
_struct_sheet_range.beg_auth_seq_id 
_struct_sheet_range.end_auth_comp_id 
_struct_sheet_range.end_auth_asym_id 
_struct_sheet_range.end_auth_seq_id 
A 1 LEU A 17  ? LYS A 19  ? LEU A 17  LYS A 19  
A 2 VAL A 100 ? THR A 102 ? VAL A 100 THR A 102 
B 1 VAL A 24  ? SER A 30  ? VAL A 24  SER A 30  
B 2 SER A 60  ? ILE A 66  ? SER A 60  ILE A 66  
C 1 ASP A 47  ? ILE A 52  ? ASP A 47  ILE A 52  
C 2 HIS A 36  ? GLU A 42  ? HIS A 36  GLU A 42  
C 3 GLY A 75  ? SER A 82  ? GLY A 75  SER A 82  
C 4 LEU A 97  ? ILE A 99  ? LEU A 97  ILE A 99  
D 1 SER A 109 ? SER A 111 ? SER A 109 SER A 111 
D 2 SER A 123 ? SER A 130 ? SER A 123 SER A 130 
D 3 PHE A 160 ? PRO A 168 ? PHE A 160 PRO A 168 
E 1 MET A 136 ? ARG A 141 ? MET A 136 ARG A 141 
E 2 GLY A 173 ? SER A 180 ? GLY A 173 SER A 180 
E 3 LEU A 195 ? VAL A 197 ? LEU A 195 VAL A 197 
# 
loop_
_pdbx_struct_sheet_hbond.sheet_id 
_pdbx_struct_sheet_hbond.range_id_1 
_pdbx_struct_sheet_hbond.range_id_2 
_pdbx_struct_sheet_hbond.range_1_label_atom_id 
_pdbx_struct_sheet_hbond.range_1_label_comp_id 
_pdbx_struct_sheet_hbond.range_1_label_asym_id 
_pdbx_struct_sheet_hbond.range_1_label_seq_id 
_pdbx_struct_sheet_hbond.range_1_PDB_ins_code 
_pdbx_struct_sheet_hbond.range_1_auth_atom_id 
_pdbx_struct_sheet_hbond.range_1_auth_comp_id 
_pdbx_struct_sheet_hbond.range_1_auth_asym_id 
_pdbx_struct_sheet_hbond.range_1_auth_seq_id 
_pdbx_struct_sheet_hbond.range_2_label_atom_id 
_pdbx_struct_sheet_hbond.range_2_label_comp_id 
_pdbx_struct_sheet_hbond.range_2_label_asym_id 
_pdbx_struct_sheet_hbond.range_2_label_seq_id 
_pdbx_struct_sheet_hbond.range_2_PDB_ins_code 
_pdbx_struct_sheet_hbond.range_2_auth_atom_id 
_pdbx_struct_sheet_hbond.range_2_auth_comp_id 
_pdbx_struct_sheet_hbond.range_2_auth_asym_id 
_pdbx_struct_sheet_hbond.range_2_auth_seq_id 
A 1 2 O VAL A 18  ? O VAL A 18  N VAL A 100 ? N VAL A 100 
B 1 2 O VAL A 24  ? O VAL A 24  N ILE A 66  ? N ILE A 66  
C 1 2 O ASP A 47  ? O ASP A 47  N ARG A 41  ? N ARG A 41  
C 2 3 O HIS A 36  ? O HIS A 36  N SER A 82  ? N SER A 82  
C 3 4 O GLY A 75  ? O GLY A 75  N ILE A 99  ? N ILE A 99  
D 1 2 O SER A 109 ? O SER A 109 N SER A 129 ? N SER A 129 
D 2 3 O VAL A 124 ? O VAL A 124 N GLY A 167 ? N GLY A 167 
E 1 2 O MET A 136 ? O MET A 136 N SER A 180 ? N SER A 180 
E 2 3 O GLY A 173 ? O GLY A 173 N VAL A 197 ? N VAL A 197 
# 
_pdbx_entry_details.entry_id                   1B6U 
_pdbx_entry_details.compound_details           ? 
_pdbx_entry_details.source_details             ? 
_pdbx_entry_details.nonpolymer_details         ? 
_pdbx_entry_details.sequence_details           ? 
_pdbx_entry_details.has_ligand_of_interest     ? 
_pdbx_entry_details.has_protein_modification   Y 
# 
_pdbx_validate_rmsd_angle.id                         1 
_pdbx_validate_rmsd_angle.PDB_model_num              1 
_pdbx_validate_rmsd_angle.auth_atom_id_1             C 
_pdbx_validate_rmsd_angle.auth_asym_id_1             A 
_pdbx_validate_rmsd_angle.auth_comp_id_1             GLY 
_pdbx_validate_rmsd_angle.auth_seq_id_1              153 
_pdbx_validate_rmsd_angle.PDB_ins_code_1             ? 
_pdbx_validate_rmsd_angle.label_alt_id_1             ? 
_pdbx_validate_rmsd_angle.auth_atom_id_2             N 
_pdbx_validate_rmsd_angle.auth_asym_id_2             A 
_pdbx_validate_rmsd_angle.auth_comp_id_2             PRO 
_pdbx_validate_rmsd_angle.auth_seq_id_2              154 
_pdbx_validate_rmsd_angle.PDB_ins_code_2             ? 
_pdbx_validate_rmsd_angle.label_alt_id_2             ? 
_pdbx_validate_rmsd_angle.auth_atom_id_3             CA 
_pdbx_validate_rmsd_angle.auth_asym_id_3             A 
_pdbx_validate_rmsd_angle.auth_comp_id_3             PRO 
_pdbx_validate_rmsd_angle.auth_seq_id_3              154 
_pdbx_validate_rmsd_angle.PDB_ins_code_3             ? 
_pdbx_validate_rmsd_angle.label_alt_id_3             ? 
_pdbx_validate_rmsd_angle.angle_value                128.38 
_pdbx_validate_rmsd_angle.angle_target_value         119.30 
_pdbx_validate_rmsd_angle.angle_deviation            9.08 
_pdbx_validate_rmsd_angle.angle_standard_deviation   1.50 
_pdbx_validate_rmsd_angle.linker_flag                Y 
# 
loop_
_pdbx_validate_torsion.id 
_pdbx_validate_torsion.PDB_model_num 
_pdbx_validate_torsion.auth_comp_id 
_pdbx_validate_torsion.auth_asym_id 
_pdbx_validate_torsion.auth_seq_id 
_pdbx_validate_torsion.PDB_ins_code 
_pdbx_validate_torsion.label_alt_id 
_pdbx_validate_torsion.phi 
_pdbx_validate_torsion.psi 
1  1 ARG A 6   ? ? -38.50  165.49 
2  1 GLU A 21  ? ? 61.05   -42.49 
3  1 ARG A 33  ? ? -95.74  36.74  
4  1 LYS A 44  ? ? -48.13  -86.28 
5  1 LYS A 46  ? ? -48.22  108.75 
6  1 ASP A 57  ? ? -13.71  118.84 
7  1 PRO A 68  ? ? -32.85  108.75 
8  1 THR A 84  ? ? -9.30   -72.40 
9  1 HIS A 85  ? ? -72.47  43.91  
10 1 SER A 86  ? ? 155.18  51.86  
11 1 PRO A 87  ? ? -61.71  4.48   
12 1 GLN A 113 ? ? -175.19 133.91 
13 1 VAL A 118 ? ? -42.58  160.57 
14 1 SER A 133 ? ? -87.19  49.95  
15 1 GLU A 142 ? ? -15.16  101.12 
16 1 GLU A 144 ? ? -37.47  125.74 
17 1 ALA A 145 ? ? 3.15    -88.41 
18 1 PHE A 150 ? ? -172.60 138.19 
19 1 LYS A 155 ? ? 56.52   123.47 
20 1 VAL A 156 ? ? -158.66 -39.10 
21 1 ASN A 157 ? ? -157.27 29.83  
22 1 ALA A 169 ? ? -56.84  104.07 
23 1 THR A 170 ? ? -70.86  -90.44 
24 1 ASP A 183 ? ? -22.03  -72.01 
# 
loop_
_pdbx_unobs_or_zero_occ_residues.id 
_pdbx_unobs_or_zero_occ_residues.PDB_model_num 
_pdbx_unobs_or_zero_occ_residues.polymer_flag 
_pdbx_unobs_or_zero_occ_residues.occupancy_flag 
_pdbx_unobs_or_zero_occ_residues.auth_asym_id 
_pdbx_unobs_or_zero_occ_residues.auth_comp_id 
_pdbx_unobs_or_zero_occ_residues.auth_seq_id 
_pdbx_unobs_or_zero_occ_residues.PDB_ins_code 
_pdbx_unobs_or_zero_occ_residues.label_asym_id 
_pdbx_unobs_or_zero_occ_residues.label_comp_id 
_pdbx_unobs_or_zero_occ_residues.label_seq_id 
1  1 Y 1 A HIS 1   ? A HIS 1   
2  1 Y 1 A GLU 2   ? A GLU 2   
3  1 Y 1 A GLY 3   ? A GLY 3   
4  1 Y 1 A VAL 4   ? A VAL 4   
5  1 Y 1 A SER 204 ? A SER 204 
6  1 Y 1 A ASN 205 ? A ASN 205 
7  1 Y 1 A SER 206 ? A SER 206 
8  1 Y 1 A TRP 207 ? A TRP 207 
9  1 Y 1 A PRO 208 ? A PRO 208 
10 1 Y 1 A SER 209 ? A SER 209 
11 1 Y 1 A PRO 210 ? A PRO 210 
12 1 Y 1 A THR 211 ? A THR 211 
13 1 Y 1 A GLU 212 ? A GLU 212 
14 1 Y 1 A PRO 213 ? A PRO 213 
15 1 Y 1 A SER 214 ? A SER 214 
16 1 Y 1 A SER 215 ? A SER 215 
17 1 Y 1 A GLU 216 ? A GLU 216 
18 1 Y 1 A THR 217 ? A THR 217 
19 1 Y 1 A GLY 218 ? A GLY 218 
20 1 Y 1 A ASN 219 ? A ASN 219 
21 1 Y 1 A PRO 220 ? A PRO 220 
22 1 Y 1 A ARG 221 ? A ARG 221 
23 1 Y 1 A HIS 222 ? A HIS 222 
24 1 Y 1 A LEU 223 ? A LEU 223 
25 1 Y 1 A HIS 224 ? A HIS 224 
26 1 Y 1 A ALA 225 ? A ALA 225 
27 1 Y 1 A ALA 226 ? A ALA 226 
28 1 Y 1 A ALA 227 ? A ALA 227 
29 1 Y 1 A GLU 228 ? A GLU 228 
30 1 Y 1 A GLN 229 ? A GLN 229 
31 1 Y 1 A LYS 230 ? A LYS 230 
32 1 Y 1 A LEU 231 ? A LEU 231 
33 1 Y 1 A ILE 232 ? A ILE 232 
34 1 Y 1 A SER 233 ? A SER 233 
35 1 Y 1 A GLU 234 ? A GLU 234 
36 1 Y 1 A GLU 235 ? A GLU 235 
37 1 Y 1 A ASP 236 ? A ASP 236 
38 1 Y 1 A LEU 237 ? A LEU 237 
39 1 Y 1 A ASN 238 ? A ASN 238 
40 1 Y 1 A LEU 239 ? A LEU 239 
41 1 Y 1 A ASP 240 ? A ASP 240 
42 1 Y 1 A LEU 241 ? A LEU 241 
43 1 Y 1 A VAL 242 ? A VAL 242 
44 1 Y 1 A PRO 243 ? A PRO 243 
45 1 Y 1 A ARG 244 ? A ARG 244 
46 1 Y 1 A GLY 245 ? A GLY 245 
47 1 Y 1 A SER 246 ? A SER 246 
48 1 Y 1 A SER 247 ? A SER 247 
49 1 Y 1 A SER 248 ? A SER 248 
50 1 Y 1 A HIS 249 ? A HIS 249 
51 1 Y 1 A HIS 250 ? A HIS 250 
52 1 Y 1 A HIS 251 ? A HIS 251 
53 1 Y 1 A HIS 252 ? A HIS 252 
54 1 Y 1 A HIS 253 ? A HIS 253 
55 1 Y 1 A HIS 254 ? A HIS 254 
56 1 Y 1 A SER 255 ? A SER 255 
57 1 Y 1 A SER 256 ? A SER 256 
58 1 Y 1 A GLY 257 ? A GLY 257 
# 
loop_
_chem_comp_atom.comp_id 
_chem_comp_atom.atom_id 
_chem_comp_atom.type_symbol 
_chem_comp_atom.pdbx_aromatic_flag 
_chem_comp_atom.pdbx_stereo_config 
_chem_comp_atom.pdbx_ordinal 
ALA N    N N N 1   
ALA CA   C N S 2   
ALA C    C N N 3   
ALA O    O N N 4   
ALA CB   C N N 5   
ALA OXT  O N N 6   
ALA H    H N N 7   
ALA H2   H N N 8   
ALA HA   H N N 9   
ALA HB1  H N N 10  
ALA HB2  H N N 11  
ALA HB3  H N N 12  
ALA HXT  H N N 13  
ARG N    N N N 14  
ARG CA   C N S 15  
ARG C    C N N 16  
ARG O    O N N 17  
ARG CB   C N N 18  
ARG CG   C N N 19  
ARG CD   C N N 20  
ARG NE   N N N 21  
ARG CZ   C N N 22  
ARG NH1  N N N 23  
ARG NH2  N N N 24  
ARG OXT  O N N 25  
ARG H    H N N 26  
ARG H2   H N N 27  
ARG HA   H N N 28  
ARG HB2  H N N 29  
ARG HB3  H N N 30  
ARG HG2  H N N 31  
ARG HG3  H N N 32  
ARG HD2  H N N 33  
ARG HD3  H N N 34  
ARG HE   H N N 35  
ARG HH11 H N N 36  
ARG HH12 H N N 37  
ARG HH21 H N N 38  
ARG HH22 H N N 39  
ARG HXT  H N N 40  
ASN N    N N N 41  
ASN CA   C N S 42  
ASN C    C N N 43  
ASN O    O N N 44  
ASN CB   C N N 45  
ASN CG   C N N 46  
ASN OD1  O N N 47  
ASN ND2  N N N 48  
ASN OXT  O N N 49  
ASN H    H N N 50  
ASN H2   H N N 51  
ASN HA   H N N 52  
ASN HB2  H N N 53  
ASN HB3  H N N 54  
ASN HD21 H N N 55  
ASN HD22 H N N 56  
ASN HXT  H N N 57  
ASP N    N N N 58  
ASP CA   C N S 59  
ASP C    C N N 60  
ASP O    O N N 61  
ASP CB   C N N 62  
ASP CG   C N N 63  
ASP OD1  O N N 64  
ASP OD2  O N N 65  
ASP OXT  O N N 66  
ASP H    H N N 67  
ASP H2   H N N 68  
ASP HA   H N N 69  
ASP HB2  H N N 70  
ASP HB3  H N N 71  
ASP HD2  H N N 72  
ASP HXT  H N N 73  
CYS N    N N N 74  
CYS CA   C N R 75  
CYS C    C N N 76  
CYS O    O N N 77  
CYS CB   C N N 78  
CYS SG   S N N 79  
CYS OXT  O N N 80  
CYS H    H N N 81  
CYS H2   H N N 82  
CYS HA   H N N 83  
CYS HB2  H N N 84  
CYS HB3  H N N 85  
CYS HG   H N N 86  
CYS HXT  H N N 87  
GLN N    N N N 88  
GLN CA   C N S 89  
GLN C    C N N 90  
GLN O    O N N 91  
GLN CB   C N N 92  
GLN CG   C N N 93  
GLN CD   C N N 94  
GLN OE1  O N N 95  
GLN NE2  N N N 96  
GLN OXT  O N N 97  
GLN H    H N N 98  
GLN H2   H N N 99  
GLN HA   H N N 100 
GLN HB2  H N N 101 
GLN HB3  H N N 102 
GLN HG2  H N N 103 
GLN HG3  H N N 104 
GLN HE21 H N N 105 
GLN HE22 H N N 106 
GLN HXT  H N N 107 
GLU N    N N N 108 
GLU CA   C N S 109 
GLU C    C N N 110 
GLU O    O N N 111 
GLU CB   C N N 112 
GLU CG   C N N 113 
GLU CD   C N N 114 
GLU OE1  O N N 115 
GLU OE2  O N N 116 
GLU OXT  O N N 117 
GLU H    H N N 118 
GLU H2   H N N 119 
GLU HA   H N N 120 
GLU HB2  H N N 121 
GLU HB3  H N N 122 
GLU HG2  H N N 123 
GLU HG3  H N N 124 
GLU HE2  H N N 125 
GLU HXT  H N N 126 
GLY N    N N N 127 
GLY CA   C N N 128 
GLY C    C N N 129 
GLY O    O N N 130 
GLY OXT  O N N 131 
GLY H    H N N 132 
GLY H2   H N N 133 
GLY HA2  H N N 134 
GLY HA3  H N N 135 
GLY HXT  H N N 136 
HIS N    N N N 137 
HIS CA   C N S 138 
HIS C    C N N 139 
HIS O    O N N 140 
HIS CB   C N N 141 
HIS CG   C Y N 142 
HIS ND1  N Y N 143 
HIS CD2  C Y N 144 
HIS CE1  C Y N 145 
HIS NE2  N Y N 146 
HIS OXT  O N N 147 
HIS H    H N N 148 
HIS H2   H N N 149 
HIS HA   H N N 150 
HIS HB2  H N N 151 
HIS HB3  H N N 152 
HIS HD1  H N N 153 
HIS HD2  H N N 154 
HIS HE1  H N N 155 
HIS HE2  H N N 156 
HIS HXT  H N N 157 
ILE N    N N N 158 
ILE CA   C N S 159 
ILE C    C N N 160 
ILE O    O N N 161 
ILE CB   C N S 162 
ILE CG1  C N N 163 
ILE CG2  C N N 164 
ILE CD1  C N N 165 
ILE OXT  O N N 166 
ILE H    H N N 167 
ILE H2   H N N 168 
ILE HA   H N N 169 
ILE HB   H N N 170 
ILE HG12 H N N 171 
ILE HG13 H N N 172 
ILE HG21 H N N 173 
ILE HG22 H N N 174 
ILE HG23 H N N 175 
ILE HD11 H N N 176 
ILE HD12 H N N 177 
ILE HD13 H N N 178 
ILE HXT  H N N 179 
LEU N    N N N 180 
LEU CA   C N S 181 
LEU C    C N N 182 
LEU O    O N N 183 
LEU CB   C N N 184 
LEU CG   C N N 185 
LEU CD1  C N N 186 
LEU CD2  C N N 187 
LEU OXT  O N N 188 
LEU H    H N N 189 
LEU H2   H N N 190 
LEU HA   H N N 191 
LEU HB2  H N N 192 
LEU HB3  H N N 193 
LEU HG   H N N 194 
LEU HD11 H N N 195 
LEU HD12 H N N 196 
LEU HD13 H N N 197 
LEU HD21 H N N 198 
LEU HD22 H N N 199 
LEU HD23 H N N 200 
LEU HXT  H N N 201 
LYS N    N N N 202 
LYS CA   C N S 203 
LYS C    C N N 204 
LYS O    O N N 205 
LYS CB   C N N 206 
LYS CG   C N N 207 
LYS CD   C N N 208 
LYS CE   C N N 209 
LYS NZ   N N N 210 
LYS OXT  O N N 211 
LYS H    H N N 212 
LYS H2   H N N 213 
LYS HA   H N N 214 
LYS HB2  H N N 215 
LYS HB3  H N N 216 
LYS HG2  H N N 217 
LYS HG3  H N N 218 
LYS HD2  H N N 219 
LYS HD3  H N N 220 
LYS HE2  H N N 221 
LYS HE3  H N N 222 
LYS HZ1  H N N 223 
LYS HZ2  H N N 224 
LYS HZ3  H N N 225 
LYS HXT  H N N 226 
MET N    N N N 227 
MET CA   C N S 228 
MET C    C N N 229 
MET O    O N N 230 
MET CB   C N N 231 
MET CG   C N N 232 
MET SD   S N N 233 
MET CE   C N N 234 
MET OXT  O N N 235 
MET H    H N N 236 
MET H2   H N N 237 
MET HA   H N N 238 
MET HB2  H N N 239 
MET HB3  H N N 240 
MET HG2  H N N 241 
MET HG3  H N N 242 
MET HE1  H N N 243 
MET HE2  H N N 244 
MET HE3  H N N 245 
MET HXT  H N N 246 
PHE N    N N N 247 
PHE CA   C N S 248 
PHE C    C N N 249 
PHE O    O N N 250 
PHE CB   C N N 251 
PHE CG   C Y N 252 
PHE CD1  C Y N 253 
PHE CD2  C Y N 254 
PHE CE1  C Y N 255 
PHE CE2  C Y N 256 
PHE CZ   C Y N 257 
PHE OXT  O N N 258 
PHE H    H N N 259 
PHE H2   H N N 260 
PHE HA   H N N 261 
PHE HB2  H N N 262 
PHE HB3  H N N 263 
PHE HD1  H N N 264 
PHE HD2  H N N 265 
PHE HE1  H N N 266 
PHE HE2  H N N 267 
PHE HZ   H N N 268 
PHE HXT  H N N 269 
PRO N    N N N 270 
PRO CA   C N S 271 
PRO C    C N N 272 
PRO O    O N N 273 
PRO CB   C N N 274 
PRO CG   C N N 275 
PRO CD   C N N 276 
PRO OXT  O N N 277 
PRO H    H N N 278 
PRO HA   H N N 279 
PRO HB2  H N N 280 
PRO HB3  H N N 281 
PRO HG2  H N N 282 
PRO HG3  H N N 283 
PRO HD2  H N N 284 
PRO HD3  H N N 285 
PRO HXT  H N N 286 
SER N    N N N 287 
SER CA   C N S 288 
SER C    C N N 289 
SER O    O N N 290 
SER CB   C N N 291 
SER OG   O N N 292 
SER OXT  O N N 293 
SER H    H N N 294 
SER H2   H N N 295 
SER HA   H N N 296 
SER HB2  H N N 297 
SER HB3  H N N 298 
SER HG   H N N 299 
SER HXT  H N N 300 
THR N    N N N 301 
THR CA   C N S 302 
THR C    C N N 303 
THR O    O N N 304 
THR CB   C N R 305 
THR OG1  O N N 306 
THR CG2  C N N 307 
THR OXT  O N N 308 
THR H    H N N 309 
THR H2   H N N 310 
THR HA   H N N 311 
THR HB   H N N 312 
THR HG1  H N N 313 
THR HG21 H N N 314 
THR HG22 H N N 315 
THR HG23 H N N 316 
THR HXT  H N N 317 
TRP N    N N N 318 
TRP CA   C N S 319 
TRP C    C N N 320 
TRP O    O N N 321 
TRP CB   C N N 322 
TRP CG   C Y N 323 
TRP CD1  C Y N 324 
TRP CD2  C Y N 325 
TRP NE1  N Y N 326 
TRP CE2  C Y N 327 
TRP CE3  C Y N 328 
TRP CZ2  C Y N 329 
TRP CZ3  C Y N 330 
TRP CH2  C Y N 331 
TRP OXT  O N N 332 
TRP H    H N N 333 
TRP H2   H N N 334 
TRP HA   H N N 335 
TRP HB2  H N N 336 
TRP HB3  H N N 337 
TRP HD1  H N N 338 
TRP HE1  H N N 339 
TRP HE3  H N N 340 
TRP HZ2  H N N 341 
TRP HZ3  H N N 342 
TRP HH2  H N N 343 
TRP HXT  H N N 344 
TYR N    N N N 345 
TYR CA   C N S 346 
TYR C    C N N 347 
TYR O    O N N 348 
TYR CB   C N N 349 
TYR CG   C Y N 350 
TYR CD1  C Y N 351 
TYR CD2  C Y N 352 
TYR CE1  C Y N 353 
TYR CE2  C Y N 354 
TYR CZ   C Y N 355 
TYR OH   O N N 356 
TYR OXT  O N N 357 
TYR H    H N N 358 
TYR H2   H N N 359 
TYR HA   H N N 360 
TYR HB2  H N N 361 
TYR HB3  H N N 362 
TYR HD1  H N N 363 
TYR HD2  H N N 364 
TYR HE1  H N N 365 
TYR HE2  H N N 366 
TYR HH   H N N 367 
TYR HXT  H N N 368 
VAL N    N N N 369 
VAL CA   C N S 370 
VAL C    C N N 371 
VAL O    O N N 372 
VAL CB   C N N 373 
VAL CG1  C N N 374 
VAL CG2  C N N 375 
VAL OXT  O N N 376 
VAL H    H N N 377 
VAL H2   H N N 378 
VAL HA   H N N 379 
VAL HB   H N N 380 
VAL HG11 H N N 381 
VAL HG12 H N N 382 
VAL HG13 H N N 383 
VAL HG21 H N N 384 
VAL HG22 H N N 385 
VAL HG23 H N N 386 
VAL HXT  H N N 387 
# 
loop_
_chem_comp_bond.comp_id 
_chem_comp_bond.atom_id_1 
_chem_comp_bond.atom_id_2 
_chem_comp_bond.value_order 
_chem_comp_bond.pdbx_aromatic_flag 
_chem_comp_bond.pdbx_stereo_config 
_chem_comp_bond.pdbx_ordinal 
ALA N   CA   sing N N 1   
ALA N   H    sing N N 2   
ALA N   H2   sing N N 3   
ALA CA  C    sing N N 4   
ALA CA  CB   sing N N 5   
ALA CA  HA   sing N N 6   
ALA C   O    doub N N 7   
ALA C   OXT  sing N N 8   
ALA CB  HB1  sing N N 9   
ALA CB  HB2  sing N N 10  
ALA CB  HB3  sing N N 11  
ALA OXT HXT  sing N N 12  
ARG N   CA   sing N N 13  
ARG N   H    sing N N 14  
ARG N   H2   sing N N 15  
ARG CA  C    sing N N 16  
ARG CA  CB   sing N N 17  
ARG CA  HA   sing N N 18  
ARG C   O    doub N N 19  
ARG C   OXT  sing N N 20  
ARG CB  CG   sing N N 21  
ARG CB  HB2  sing N N 22  
ARG CB  HB3  sing N N 23  
ARG CG  CD   sing N N 24  
ARG CG  HG2  sing N N 25  
ARG CG  HG3  sing N N 26  
ARG CD  NE   sing N N 27  
ARG CD  HD2  sing N N 28  
ARG CD  HD3  sing N N 29  
ARG NE  CZ   sing N N 30  
ARG NE  HE   sing N N 31  
ARG CZ  NH1  sing N N 32  
ARG CZ  NH2  doub N N 33  
ARG NH1 HH11 sing N N 34  
ARG NH1 HH12 sing N N 35  
ARG NH2 HH21 sing N N 36  
ARG NH2 HH22 sing N N 37  
ARG OXT HXT  sing N N 38  
ASN N   CA   sing N N 39  
ASN N   H    sing N N 40  
ASN N   H2   sing N N 41  
ASN CA  C    sing N N 42  
ASN CA  CB   sing N N 43  
ASN CA  HA   sing N N 44  
ASN C   O    doub N N 45  
ASN C   OXT  sing N N 46  
ASN CB  CG   sing N N 47  
ASN CB  HB2  sing N N 48  
ASN CB  HB3  sing N N 49  
ASN CG  OD1  doub N N 50  
ASN CG  ND2  sing N N 51  
ASN ND2 HD21 sing N N 52  
ASN ND2 HD22 sing N N 53  
ASN OXT HXT  sing N N 54  
ASP N   CA   sing N N 55  
ASP N   H    sing N N 56  
ASP N   H2   sing N N 57  
ASP CA  C    sing N N 58  
ASP CA  CB   sing N N 59  
ASP CA  HA   sing N N 60  
ASP C   O    doub N N 61  
ASP C   OXT  sing N N 62  
ASP CB  CG   sing N N 63  
ASP CB  HB2  sing N N 64  
ASP CB  HB3  sing N N 65  
ASP CG  OD1  doub N N 66  
ASP CG  OD2  sing N N 67  
ASP OD2 HD2  sing N N 68  
ASP OXT HXT  sing N N 69  
CYS N   CA   sing N N 70  
CYS N   H    sing N N 71  
CYS N   H2   sing N N 72  
CYS CA  C    sing N N 73  
CYS CA  CB   sing N N 74  
CYS CA  HA   sing N N 75  
CYS C   O    doub N N 76  
CYS C   OXT  sing N N 77  
CYS CB  SG   sing N N 78  
CYS CB  HB2  sing N N 79  
CYS CB  HB3  sing N N 80  
CYS SG  HG   sing N N 81  
CYS OXT HXT  sing N N 82  
GLN N   CA   sing N N 83  
GLN N   H    sing N N 84  
GLN N   H2   sing N N 85  
GLN CA  C    sing N N 86  
GLN CA  CB   sing N N 87  
GLN CA  HA   sing N N 88  
GLN C   O    doub N N 89  
GLN C   OXT  sing N N 90  
GLN CB  CG   sing N N 91  
GLN CB  HB2  sing N N 92  
GLN CB  HB3  sing N N 93  
GLN CG  CD   sing N N 94  
GLN CG  HG2  sing N N 95  
GLN CG  HG3  sing N N 96  
GLN CD  OE1  doub N N 97  
GLN CD  NE2  sing N N 98  
GLN NE2 HE21 sing N N 99  
GLN NE2 HE22 sing N N 100 
GLN OXT HXT  sing N N 101 
GLU N   CA   sing N N 102 
GLU N   H    sing N N 103 
GLU N   H2   sing N N 104 
GLU CA  C    sing N N 105 
GLU CA  CB   sing N N 106 
GLU CA  HA   sing N N 107 
GLU C   O    doub N N 108 
GLU C   OXT  sing N N 109 
GLU CB  CG   sing N N 110 
GLU CB  HB2  sing N N 111 
GLU CB  HB3  sing N N 112 
GLU CG  CD   sing N N 113 
GLU CG  HG2  sing N N 114 
GLU CG  HG3  sing N N 115 
GLU CD  OE1  doub N N 116 
GLU CD  OE2  sing N N 117 
GLU OE2 HE2  sing N N 118 
GLU OXT HXT  sing N N 119 
GLY N   CA   sing N N 120 
GLY N   H    sing N N 121 
GLY N   H2   sing N N 122 
GLY CA  C    sing N N 123 
GLY CA  HA2  sing N N 124 
GLY CA  HA3  sing N N 125 
GLY C   O    doub N N 126 
GLY C   OXT  sing N N 127 
GLY OXT HXT  sing N N 128 
HIS N   CA   sing N N 129 
HIS N   H    sing N N 130 
HIS N   H2   sing N N 131 
HIS CA  C    sing N N 132 
HIS CA  CB   sing N N 133 
HIS CA  HA   sing N N 134 
HIS C   O    doub N N 135 
HIS C   OXT  sing N N 136 
HIS CB  CG   sing N N 137 
HIS CB  HB2  sing N N 138 
HIS CB  HB3  sing N N 139 
HIS CG  ND1  sing Y N 140 
HIS CG  CD2  doub Y N 141 
HIS ND1 CE1  doub Y N 142 
HIS ND1 HD1  sing N N 143 
HIS CD2 NE2  sing Y N 144 
HIS CD2 HD2  sing N N 145 
HIS CE1 NE2  sing Y N 146 
HIS CE1 HE1  sing N N 147 
HIS NE2 HE2  sing N N 148 
HIS OXT HXT  sing N N 149 
ILE N   CA   sing N N 150 
ILE N   H    sing N N 151 
ILE N   H2   sing N N 152 
ILE CA  C    sing N N 153 
ILE CA  CB   sing N N 154 
ILE CA  HA   sing N N 155 
ILE C   O    doub N N 156 
ILE C   OXT  sing N N 157 
ILE CB  CG1  sing N N 158 
ILE CB  CG2  sing N N 159 
ILE CB  HB   sing N N 160 
ILE CG1 CD1  sing N N 161 
ILE CG1 HG12 sing N N 162 
ILE CG1 HG13 sing N N 163 
ILE CG2 HG21 sing N N 164 
ILE CG2 HG22 sing N N 165 
ILE CG2 HG23 sing N N 166 
ILE CD1 HD11 sing N N 167 
ILE CD1 HD12 sing N N 168 
ILE CD1 HD13 sing N N 169 
ILE OXT HXT  sing N N 170 
LEU N   CA   sing N N 171 
LEU N   H    sing N N 172 
LEU N   H2   sing N N 173 
LEU CA  C    sing N N 174 
LEU CA  CB   sing N N 175 
LEU CA  HA   sing N N 176 
LEU C   O    doub N N 177 
LEU C   OXT  sing N N 178 
LEU CB  CG   sing N N 179 
LEU CB  HB2  sing N N 180 
LEU CB  HB3  sing N N 181 
LEU CG  CD1  sing N N 182 
LEU CG  CD2  sing N N 183 
LEU CG  HG   sing N N 184 
LEU CD1 HD11 sing N N 185 
LEU CD1 HD12 sing N N 186 
LEU CD1 HD13 sing N N 187 
LEU CD2 HD21 sing N N 188 
LEU CD2 HD22 sing N N 189 
LEU CD2 HD23 sing N N 190 
LEU OXT HXT  sing N N 191 
LYS N   CA   sing N N 192 
LYS N   H    sing N N 193 
LYS N   H2   sing N N 194 
LYS CA  C    sing N N 195 
LYS CA  CB   sing N N 196 
LYS CA  HA   sing N N 197 
LYS C   O    doub N N 198 
LYS C   OXT  sing N N 199 
LYS CB  CG   sing N N 200 
LYS CB  HB2  sing N N 201 
LYS CB  HB3  sing N N 202 
LYS CG  CD   sing N N 203 
LYS CG  HG2  sing N N 204 
LYS CG  HG3  sing N N 205 
LYS CD  CE   sing N N 206 
LYS CD  HD2  sing N N 207 
LYS CD  HD3  sing N N 208 
LYS CE  NZ   sing N N 209 
LYS CE  HE2  sing N N 210 
LYS CE  HE3  sing N N 211 
LYS NZ  HZ1  sing N N 212 
LYS NZ  HZ2  sing N N 213 
LYS NZ  HZ3  sing N N 214 
LYS OXT HXT  sing N N 215 
MET N   CA   sing N N 216 
MET N   H    sing N N 217 
MET N   H2   sing N N 218 
MET CA  C    sing N N 219 
MET CA  CB   sing N N 220 
MET CA  HA   sing N N 221 
MET C   O    doub N N 222 
MET C   OXT  sing N N 223 
MET CB  CG   sing N N 224 
MET CB  HB2  sing N N 225 
MET CB  HB3  sing N N 226 
MET CG  SD   sing N N 227 
MET CG  HG2  sing N N 228 
MET CG  HG3  sing N N 229 
MET SD  CE   sing N N 230 
MET CE  HE1  sing N N 231 
MET CE  HE2  sing N N 232 
MET CE  HE3  sing N N 233 
MET OXT HXT  sing N N 234 
PHE N   CA   sing N N 235 
PHE N   H    sing N N 236 
PHE N   H2   sing N N 237 
PHE CA  C    sing N N 238 
PHE CA  CB   sing N N 239 
PHE CA  HA   sing N N 240 
PHE C   O    doub N N 241 
PHE C   OXT  sing N N 242 
PHE CB  CG   sing N N 243 
PHE CB  HB2  sing N N 244 
PHE CB  HB3  sing N N 245 
PHE CG  CD1  doub Y N 246 
PHE CG  CD2  sing Y N 247 
PHE CD1 CE1  sing Y N 248 
PHE CD1 HD1  sing N N 249 
PHE CD2 CE2  doub Y N 250 
PHE CD2 HD2  sing N N 251 
PHE CE1 CZ   doub Y N 252 
PHE CE1 HE1  sing N N 253 
PHE CE2 CZ   sing Y N 254 
PHE CE2 HE2  sing N N 255 
PHE CZ  HZ   sing N N 256 
PHE OXT HXT  sing N N 257 
PRO N   CA   sing N N 258 
PRO N   CD   sing N N 259 
PRO N   H    sing N N 260 
PRO CA  C    sing N N 261 
PRO CA  CB   sing N N 262 
PRO CA  HA   sing N N 263 
PRO C   O    doub N N 264 
PRO C   OXT  sing N N 265 
PRO CB  CG   sing N N 266 
PRO CB  HB2  sing N N 267 
PRO CB  HB3  sing N N 268 
PRO CG  CD   sing N N 269 
PRO CG  HG2  sing N N 270 
PRO CG  HG3  sing N N 271 
PRO CD  HD2  sing N N 272 
PRO CD  HD3  sing N N 273 
PRO OXT HXT  sing N N 274 
SER N   CA   sing N N 275 
SER N   H    sing N N 276 
SER N   H2   sing N N 277 
SER CA  C    sing N N 278 
SER CA  CB   sing N N 279 
SER CA  HA   sing N N 280 
SER C   O    doub N N 281 
SER C   OXT  sing N N 282 
SER CB  OG   sing N N 283 
SER CB  HB2  sing N N 284 
SER CB  HB3  sing N N 285 
SER OG  HG   sing N N 286 
SER OXT HXT  sing N N 287 
THR N   CA   sing N N 288 
THR N   H    sing N N 289 
THR N   H2   sing N N 290 
THR CA  C    sing N N 291 
THR CA  CB   sing N N 292 
THR CA  HA   sing N N 293 
THR C   O    doub N N 294 
THR C   OXT  sing N N 295 
THR CB  OG1  sing N N 296 
THR CB  CG2  sing N N 297 
THR CB  HB   sing N N 298 
THR OG1 HG1  sing N N 299 
THR CG2 HG21 sing N N 300 
THR CG2 HG22 sing N N 301 
THR CG2 HG23 sing N N 302 
THR OXT HXT  sing N N 303 
TRP N   CA   sing N N 304 
TRP N   H    sing N N 305 
TRP N   H2   sing N N 306 
TRP CA  C    sing N N 307 
TRP CA  CB   sing N N 308 
TRP CA  HA   sing N N 309 
TRP C   O    doub N N 310 
TRP C   OXT  sing N N 311 
TRP CB  CG   sing N N 312 
TRP CB  HB2  sing N N 313 
TRP CB  HB3  sing N N 314 
TRP CG  CD1  doub Y N 315 
TRP CG  CD2  sing Y N 316 
TRP CD1 NE1  sing Y N 317 
TRP CD1 HD1  sing N N 318 
TRP CD2 CE2  doub Y N 319 
TRP CD2 CE3  sing Y N 320 
TRP NE1 CE2  sing Y N 321 
TRP NE1 HE1  sing N N 322 
TRP CE2 CZ2  sing Y N 323 
TRP CE3 CZ3  doub Y N 324 
TRP CE3 HE3  sing N N 325 
TRP CZ2 CH2  doub Y N 326 
TRP CZ2 HZ2  sing N N 327 
TRP CZ3 CH2  sing Y N 328 
TRP CZ3 HZ3  sing N N 329 
TRP CH2 HH2  sing N N 330 
TRP OXT HXT  sing N N 331 
TYR N   CA   sing N N 332 
TYR N   H    sing N N 333 
TYR N   H2   sing N N 334 
TYR CA  C    sing N N 335 
TYR CA  CB   sing N N 336 
TYR CA  HA   sing N N 337 
TYR C   O    doub N N 338 
TYR C   OXT  sing N N 339 
TYR CB  CG   sing N N 340 
TYR CB  HB2  sing N N 341 
TYR CB  HB3  sing N N 342 
TYR CG  CD1  doub Y N 343 
TYR CG  CD2  sing Y N 344 
TYR CD1 CE1  sing Y N 345 
TYR CD1 HD1  sing N N 346 
TYR CD2 CE2  doub Y N 347 
TYR CD2 HD2  sing N N 348 
TYR CE1 CZ   doub Y N 349 
TYR CE1 HE1  sing N N 350 
TYR CE2 CZ   sing Y N 351 
TYR CE2 HE2  sing N N 352 
TYR CZ  OH   sing N N 353 
TYR OH  HH   sing N N 354 
TYR OXT HXT  sing N N 355 
VAL N   CA   sing N N 356 
VAL N   H    sing N N 357 
VAL N   H2   sing N N 358 
VAL CA  C    sing N N 359 
VAL CA  CB   sing N N 360 
VAL CA  HA   sing N N 361 
VAL C   O    doub N N 362 
VAL C   OXT  sing N N 363 
VAL CB  CG1  sing N N 364 
VAL CB  CG2  sing N N 365 
VAL CB  HB   sing N N 366 
VAL CG1 HG11 sing N N 367 
VAL CG1 HG12 sing N N 368 
VAL CG1 HG13 sing N N 369 
VAL CG2 HG21 sing N N 370 
VAL CG2 HG22 sing N N 371 
VAL CG2 HG23 sing N N 372 
VAL OXT HXT  sing N N 373 
# 
_atom_sites.entry_id                    1B6U 
_atom_sites.fract_transf_matrix[1][1]   0.00680248 
_atom_sites.fract_transf_matrix[1][2]   0.00892262 
_atom_sites.fract_transf_matrix[1][3]   0.00454006 
_atom_sites.fract_transf_matrix[2][1]   -0.00472922 
_atom_sites.fract_transf_matrix[2][2]   0.01103612 
_atom_sites.fract_transf_matrix[2][3]   0.00153143 
_atom_sites.fract_transf_matrix[3][1]   -0.00219577 
_atom_sites.fract_transf_matrix[3][2]   -0.00192149 
_atom_sites.fract_transf_matrix[3][3]   0.00706629 
_atom_sites.fract_transf_vector[1]      0.858275 
_atom_sites.fract_transf_vector[2]      0.360764 
_atom_sites.fract_transf_vector[3]      0.235722 
# 
loop_
_atom_type.symbol 
C 
N 
O 
S 
# 
loop_
_atom_site.group_PDB 
_atom_site.id 
_atom_site.type_symbol 
_atom_site.label_atom_id 
_atom_site.label_alt_id 
_atom_site.label_comp_id 
_atom_site.label_asym_id 
_atom_site.label_entity_id 
_atom_site.label_seq_id 
_atom_site.pdbx_PDB_ins_code 
_atom_site.Cartn_x 
_atom_site.Cartn_y 
_atom_site.Cartn_z 
_atom_site.occupancy 
_atom_site.B_iso_or_equiv 
_atom_site.pdbx_formal_charge 
_atom_site.auth_seq_id 
_atom_site.auth_comp_id 
_atom_site.auth_asym_id 
_atom_site.auth_atom_id 
_atom_site.pdbx_PDB_model_num 
ATOM 1    N N   . HIS A 1 5   ? 4.103   8.618   26.680  1.00 66.03 ? 5   HIS A N   1 
ATOM 2    C CA  . HIS A 1 5   ? 3.373   7.332   26.450  1.00 63.56 ? 5   HIS A CA  1 
ATOM 3    C C   . HIS A 1 5   ? 3.102   7.066   24.959  1.00 61.24 ? 5   HIS A C   1 
ATOM 4    O O   . HIS A 1 5   ? 2.011   6.626   24.562  1.00 58.38 ? 5   HIS A O   1 
ATOM 5    C CB  . HIS A 1 5   ? 2.060   7.345   27.221  1.00 64.54 ? 5   HIS A CB  1 
ATOM 6    C CG  . HIS A 1 5   ? 1.387   6.017   27.251  1.00 64.39 ? 5   HIS A CG  1 
ATOM 7    N ND1 . HIS A 1 5   ? 2.096   4.835   27.230  1.00 63.48 ? 5   HIS A ND1 1 
ATOM 8    C CD2 . HIS A 1 5   ? 0.081   5.679   27.335  1.00 65.89 ? 5   HIS A CD2 1 
ATOM 9    C CE1 . HIS A 1 5   ? 1.251   3.822   27.302  1.00 66.63 ? 5   HIS A CE1 1 
ATOM 10   N NE2 . HIS A 1 5   ? 0.023   4.306   27.368  1.00 67.30 ? 5   HIS A NE2 1 
ATOM 11   N N   . ARG A 1 6   ? 4.128   7.322   24.154  1.00 58.46 ? 6   ARG A N   1 
ATOM 12   C CA  . ARG A 1 6   ? 4.076   7.165   22.713  1.00 55.53 ? 6   ARG A CA  1 
ATOM 13   C C   . ARG A 1 6   ? 3.307   5.975   22.159  1.00 51.88 ? 6   ARG A C   1 
ATOM 14   O O   . ARG A 1 6   ? 2.966   5.027   22.865  1.00 51.79 ? 6   ARG A O   1 
ATOM 15   C CB  . ARG A 1 6   ? 5.500   7.173   22.136  1.00 58.75 ? 6   ARG A CB  1 
ATOM 16   C CG  . ARG A 1 6   ? 6.565   6.487   22.977  1.00 63.68 ? 6   ARG A CG  1 
ATOM 17   C CD  . ARG A 1 6   ? 7.494   5.663   22.085  1.00 69.74 ? 6   ARG A CD  1 
ATOM 18   N NE  . ARG A 1 6   ? 8.760   5.323   22.729  1.00 74.87 ? 6   ARG A NE  1 
ATOM 19   C CZ  . ARG A 1 6   ? 9.836   6.106   22.722  1.00 79.06 ? 6   ARG A CZ  1 
ATOM 20   N NH1 . ARG A 1 6   ? 9.804   7.279   22.101  1.00 81.69 ? 6   ARG A NH1 1 
ATOM 21   N NH2 . ARG A 1 6   ? 10.945  5.715   23.336  1.00 81.91 ? 6   ARG A NH2 1 
ATOM 22   N N   . LYS A 1 7   ? 3.048   6.064   20.861  1.00 46.32 ? 7   LYS A N   1 
ATOM 23   C CA  . LYS A 1 7   ? 2.320   5.061   20.112  1.00 41.22 ? 7   LYS A CA  1 
ATOM 24   C C   . LYS A 1 7   ? 3.269   3.988   19.551  1.00 38.80 ? 7   LYS A C   1 
ATOM 25   O O   . LYS A 1 7   ? 4.479   4.189   19.482  1.00 37.97 ? 7   LYS A O   1 
ATOM 26   C CB  . LYS A 1 7   ? 1.595   5.754   18.959  1.00 40.24 ? 7   LYS A CB  1 
ATOM 27   C CG  . LYS A 1 7   ? 2.477   5.967   17.729  1.00 39.78 ? 7   LYS A CG  1 
ATOM 28   C CD  . LYS A 1 7   ? 2.709   7.431   17.340  1.00 38.36 ? 7   LYS A CD  1 
ATOM 29   C CE  . LYS A 1 7   ? 3.534   7.492   16.042  1.00 34.61 ? 7   LYS A CE  1 
ATOM 30   N NZ  . LYS A 1 7   ? 3.823   8.853   15.528  1.00 32.16 ? 7   LYS A NZ  1 
ATOM 31   N N   . PRO A 1 8   ? 2.727   2.821   19.166  1.00 35.72 ? 8   PRO A N   1 
ATOM 32   C CA  . PRO A 1 8   ? 3.556   1.748   18.605  1.00 34.52 ? 8   PRO A CA  1 
ATOM 33   C C   . PRO A 1 8   ? 3.725   1.939   17.100  1.00 34.51 ? 8   PRO A C   1 
ATOM 34   O O   . PRO A 1 8   ? 3.231   2.912   16.533  1.00 34.40 ? 8   PRO A O   1 
ATOM 35   C CB  . PRO A 1 8   ? 2.756   0.496   18.932  1.00 31.37 ? 8   PRO A CB  1 
ATOM 36   C CG  . PRO A 1 8   ? 1.361   0.974   18.826  1.00 32.52 ? 8   PRO A CG  1 
ATOM 37   C CD  . PRO A 1 8   ? 1.405   2.301   19.553  1.00 33.16 ? 8   PRO A CD  1 
ATOM 38   N N   . SER A 1 9   ? 4.425   1.015   16.452  1.00 35.61 ? 9   SER A N   1 
ATOM 39   C CA  . SER A 1 9   ? 4.627   1.105   15.006  1.00 37.67 ? 9   SER A CA  1 
ATOM 40   C C   . SER A 1 9   ? 3.858   -0.024  14.354  1.00 36.85 ? 9   SER A C   1 
ATOM 41   O O   . SER A 1 9   ? 3.746   -1.108  14.918  1.00 38.12 ? 9   SER A O   1 
ATOM 42   C CB  . SER A 1 9   ? 6.114   0.978   14.634  1.00 39.23 ? 9   SER A CB  1 
ATOM 43   O OG  . SER A 1 9   ? 6.879   2.074   15.107  1.00 41.71 ? 9   SER A OG  1 
ATOM 44   N N   . LEU A 1 10  ? 3.322   0.222   13.169  1.00 35.34 ? 10  LEU A N   1 
ATOM 45   C CA  . LEU A 1 10  ? 2.581   -0.821  12.493  1.00 35.27 ? 10  LEU A CA  1 
ATOM 46   C C   . LEU A 1 10  ? 3.186   -1.078  11.114  1.00 34.73 ? 10  LEU A C   1 
ATOM 47   O O   . LEU A 1 10  ? 3.102   -0.242  10.221  1.00 35.77 ? 10  LEU A O   1 
ATOM 48   C CB  . LEU A 1 10  ? 1.093   -0.435  12.398  1.00 33.92 ? 10  LEU A CB  1 
ATOM 49   C CG  . LEU A 1 10  ? 0.098   -1.436  11.789  1.00 32.42 ? 10  LEU A CG  1 
ATOM 50   C CD1 . LEU A 1 10  ? 0.349   -2.828  12.339  1.00 33.11 ? 10  LEU A CD1 1 
ATOM 51   C CD2 . LEU A 1 10  ? -1.324  -0.995  12.088  1.00 29.00 ? 10  LEU A CD2 1 
ATOM 52   N N   . LEU A 1 11  ? 3.827   -2.232  10.959  1.00 32.63 ? 11  LEU A N   1 
ATOM 53   C CA  . LEU A 1 11  ? 4.434   -2.617  9.694   1.00 30.64 ? 11  LEU A CA  1 
ATOM 54   C C   . LEU A 1 11  ? 3.555   -3.653  9.010   1.00 33.45 ? 11  LEU A C   1 
ATOM 55   O O   . LEU A 1 11  ? 2.541   -4.073  9.563   1.00 33.47 ? 11  LEU A O   1 
ATOM 56   C CB  . LEU A 1 11  ? 5.822   -3.201  9.935   1.00 25.39 ? 11  LEU A CB  1 
ATOM 57   C CG  . LEU A 1 11  ? 6.968   -2.203  9.990   1.00 21.39 ? 11  LEU A CG  1 
ATOM 58   C CD1 . LEU A 1 11  ? 6.477   -0.857  10.448  1.00 22.51 ? 11  LEU A CD1 1 
ATOM 59   C CD2 . LEU A 1 11  ? 8.031   -2.734  10.912  1.00 19.74 ? 11  LEU A CD2 1 
ATOM 60   N N   . ALA A 1 12  ? 3.935   -4.056  7.805   1.00 36.94 ? 12  ALA A N   1 
ATOM 61   C CA  . ALA A 1 12  ? 3.171   -5.054  7.074   1.00 39.40 ? 12  ALA A CA  1 
ATOM 62   C C   . ALA A 1 12  ? 4.115   -5.842  6.195   1.00 41.01 ? 12  ALA A C   1 
ATOM 63   O O   . ALA A 1 12  ? 4.707   -5.298  5.265   1.00 41.53 ? 12  ALA A O   1 
ATOM 64   C CB  . ALA A 1 12  ? 2.106   -4.390  6.233   1.00 38.45 ? 12  ALA A CB  1 
ATOM 65   N N   . HIS A 1 13  ? 4.264   -7.123  6.513   1.00 42.62 ? 13  HIS A N   1 
ATOM 66   C CA  . HIS A 1 13  ? 5.137   -8.017  5.755   1.00 44.53 ? 13  HIS A CA  1 
ATOM 67   C C   . HIS A 1 13  ? 4.234   -9.061  5.096   1.00 42.65 ? 13  HIS A C   1 
ATOM 68   O O   . HIS A 1 13  ? 3.387   -9.663  5.757   1.00 45.15 ? 13  HIS A O   1 
ATOM 69   C CB  . HIS A 1 13  ? 6.141   -8.714  6.683   1.00 48.03 ? 13  HIS A CB  1 
ATOM 70   C CG  . HIS A 1 13  ? 6.734   -7.819  7.733   1.00 54.47 ? 13  HIS A CG  1 
ATOM 71   N ND1 . HIS A 1 13  ? 7.605   -8.282  8.698   1.00 56.90 ? 13  HIS A ND1 1 
ATOM 72   C CD2 . HIS A 1 13  ? 6.556   -6.500  7.991   1.00 56.41 ? 13  HIS A CD2 1 
ATOM 73   C CE1 . HIS A 1 13  ? 7.934   -7.290  9.506   1.00 57.57 ? 13  HIS A CE1 1 
ATOM 74   N NE2 . HIS A 1 13  ? 7.311   -6.198  9.099   1.00 57.48 ? 13  HIS A NE2 1 
ATOM 75   N N   . PRO A 1 14  ? 4.401   -9.293  3.787   1.00 38.42 ? 14  PRO A N   1 
ATOM 76   C CA  . PRO A 1 14  ? 5.361   -8.659  2.884   1.00 35.42 ? 14  PRO A CA  1 
ATOM 77   C C   . PRO A 1 14  ? 5.138   -7.165  2.714   1.00 34.06 ? 14  PRO A C   1 
ATOM 78   O O   . PRO A 1 14  ? 6.055   -6.373  2.892   1.00 37.07 ? 14  PRO A O   1 
ATOM 79   C CB  . PRO A 1 14  ? 5.150   -9.419  1.587   1.00 35.69 ? 14  PRO A CB  1 
ATOM 80   C CG  . PRO A 1 14  ? 3.665   -9.667  1.615   1.00 37.74 ? 14  PRO A CG  1 
ATOM 81   C CD  . PRO A 1 14  ? 3.444   -10.123 3.033   1.00 36.68 ? 14  PRO A CD  1 
ATOM 82   N N   . GLY A 1 15  ? 3.915   -6.781  2.370   1.00 30.51 ? 15  GLY A N   1 
ATOM 83   C CA  . GLY A 1 15  ? 3.631   -5.375  2.176   1.00 28.10 ? 15  GLY A CA  1 
ATOM 84   C C   . GLY A 1 15  ? 2.147   -5.100  2.161   1.00 27.00 ? 15  GLY A C   1 
ATOM 85   O O   . GLY A 1 15  ? 1.355   -6.031  2.099   1.00 28.60 ? 15  GLY A O   1 
ATOM 86   N N   . PRO A 1 16  ? 1.744   -3.823  2.211   1.00 25.90 ? 16  PRO A N   1 
ATOM 87   C CA  . PRO A 1 16  ? 0.363   -3.335  2.213   1.00 26.47 ? 16  PRO A CA  1 
ATOM 88   C C   . PRO A 1 16  ? -0.574  -3.867  1.129   1.00 29.16 ? 16  PRO A C   1 
ATOM 89   O O   . PRO A 1 16  ? -1.788  -3.945  1.352   1.00 29.27 ? 16  PRO A O   1 
ATOM 90   C CB  . PRO A 1 16  ? 0.538   -1.831  2.130   1.00 26.42 ? 16  PRO A CB  1 
ATOM 91   C CG  . PRO A 1 16  ? 1.789   -1.620  2.905   1.00 27.13 ? 16  PRO A CG  1 
ATOM 92   C CD  . PRO A 1 16  ? 2.685   -2.708  2.394   1.00 24.99 ? 16  PRO A CD  1 
ATOM 93   N N   . LEU A 1 17  ? -0.028  -4.218  -0.035  1.00 30.92 ? 17  LEU A N   1 
ATOM 94   C CA  . LEU A 1 17  ? -0.843  -4.743  -1.138  1.00 31.82 ? 17  LEU A CA  1 
ATOM 95   C C   . LEU A 1 17  ? -0.918  -6.264  -1.069  1.00 34.37 ? 17  LEU A C   1 
ATOM 96   O O   . LEU A 1 17  ? 0.107   -6.946  -1.113  1.00 34.38 ? 17  LEU A O   1 
ATOM 97   C CB  . LEU A 1 17  ? -0.268  -4.308  -2.491  1.00 27.23 ? 17  LEU A CB  1 
ATOM 98   C CG  . LEU A 1 17  ? -0.576  -2.890  -2.988  1.00 26.70 ? 17  LEU A CG  1 
ATOM 99   C CD1 . LEU A 1 17  ? -0.530  -1.901  -1.858  1.00 24.22 ? 17  LEU A CD1 1 
ATOM 100  C CD2 . LEU A 1 17  ? 0.424   -2.498  -4.064  1.00 29.19 ? 17  LEU A CD2 1 
ATOM 101  N N   . VAL A 1 18  ? -2.133  -6.794  -0.960  1.00 36.51 ? 18  VAL A N   1 
ATOM 102  C CA  . VAL A 1 18  ? -2.317  -8.233  -0.859  1.00 38.03 ? 18  VAL A CA  1 
ATOM 103  C C   . VAL A 1 18  ? -3.316  -8.812  -1.842  1.00 39.59 ? 18  VAL A C   1 
ATOM 104  O O   . VAL A 1 18  ? -4.446  -8.338  -1.936  1.00 37.87 ? 18  VAL A O   1 
ATOM 105  C CB  . VAL A 1 18  ? -2.789  -8.640  0.551   1.00 38.73 ? 18  VAL A CB  1 
ATOM 106  C CG1 . VAL A 1 18  ? -3.001  -10.150 0.612   1.00 39.07 ? 18  VAL A CG1 1 
ATOM 107  C CG2 . VAL A 1 18  ? -1.778  -8.197  1.597   1.00 38.23 ? 18  VAL A CG2 1 
ATOM 108  N N   . LYS A 1 19  ? -2.894  -9.849  -2.563  1.00 42.48 ? 19  LYS A N   1 
ATOM 109  C CA  . LYS A 1 19  ? -3.770  -10.527 -3.513  1.00 45.30 ? 19  LYS A CA  1 
ATOM 110  C C   . LYS A 1 19  ? -4.676  -11.448 -2.703  1.00 47.14 ? 19  LYS A C   1 
ATOM 111  O O   . LYS A 1 19  ? -4.375  -11.776 -1.549  1.00 45.92 ? 19  LYS A O   1 
ATOM 112  C CB  . LYS A 1 19  ? -2.966  -11.361 -4.527  1.00 45.38 ? 19  LYS A CB  1 
ATOM 113  C CG  . LYS A 1 19  ? -2.530  -10.620 -5.794  1.00 46.43 ? 19  LYS A CG  1 
ATOM 114  C CD  . LYS A 1 19  ? -1.048  -10.253 -5.769  1.00 49.92 ? 19  LYS A CD  1 
ATOM 115  C CE  . LYS A 1 19  ? -0.709  -9.175  -4.726  1.00 50.72 ? 19  LYS A CE  1 
ATOM 116  N NZ  . LYS A 1 19  ? -1.195  -7.798  -5.067  1.00 46.72 ? 19  LYS A NZ  1 
ATOM 117  N N   . SER A 1 20  ? -5.783  -11.863 -3.305  1.00 47.23 ? 20  SER A N   1 
ATOM 118  C CA  . SER A 1 20  ? -6.727  -12.740 -2.633  1.00 47.60 ? 20  SER A CA  1 
ATOM 119  C C   . SER A 1 20  ? -6.033  -13.989 -2.069  1.00 48.43 ? 20  SER A C   1 
ATOM 120  O O   . SER A 1 20  ? -4.932  -14.336 -2.497  1.00 48.14 ? 20  SER A O   1 
ATOM 121  C CB  . SER A 1 20  ? -7.828  -13.142 -3.607  1.00 45.87 ? 20  SER A CB  1 
ATOM 122  O OG  . SER A 1 20  ? -8.993  -13.520 -2.905  1.00 46.85 ? 20  SER A OG  1 
ATOM 123  N N   . GLU A 1 21  ? -6.688  -14.647 -1.107  1.00 50.19 ? 21  GLU A N   1 
ATOM 124  C CA  . GLU A 1 21  ? -6.179  -15.855 -0.434  1.00 50.56 ? 21  GLU A CA  1 
ATOM 125  C C   . GLU A 1 21  ? -4.880  -15.577 0.288   1.00 49.12 ? 21  GLU A C   1 
ATOM 126  O O   . GLU A 1 21  ? -4.658  -16.035 1.410   1.00 48.15 ? 21  GLU A O   1 
ATOM 127  C CB  . GLU A 1 21  ? -5.952  -16.990 -1.428  1.00 53.93 ? 21  GLU A CB  1 
ATOM 128  C CG  . GLU A 1 21  ? -7.216  -17.693 -1.886  1.00 61.22 ? 21  GLU A CG  1 
ATOM 129  C CD  . GLU A 1 21  ? -8.173  -16.768 -2.614  1.00 64.63 ? 21  GLU A CD  1 
ATOM 130  O OE1 . GLU A 1 21  ? -8.758  -15.885 -1.953  1.00 68.50 ? 21  GLU A OE1 1 
ATOM 131  O OE2 . GLU A 1 21  ? -8.337  -16.923 -3.847  1.00 66.40 ? 21  GLU A OE2 1 
ATOM 132  N N   . GLU A 1 22  ? -4.023  -14.828 -0.391  1.00 48.44 ? 22  GLU A N   1 
ATOM 133  C CA  . GLU A 1 22  ? -2.726  -14.436 0.118   1.00 47.64 ? 22  GLU A CA  1 
ATOM 134  C C   . GLU A 1 22  ? -2.961  -13.904 1.520   1.00 45.65 ? 22  GLU A C   1 
ATOM 135  O O   . GLU A 1 22  ? -3.772  -13.003 1.711   1.00 47.17 ? 22  GLU A O   1 
ATOM 136  C CB  . GLU A 1 22  ? -2.160  -13.339 -0.776  1.00 48.44 ? 22  GLU A CB  1 
ATOM 137  C CG  . GLU A 1 22  ? -0.668  -13.392 -0.981  1.00 54.15 ? 22  GLU A CG  1 
ATOM 138  C CD  . GLU A 1 22  ? -0.170  -12.239 -1.836  1.00 58.29 ? 22  GLU A CD  1 
ATOM 139  O OE1 . GLU A 1 22  ? -0.374  -11.072 -1.433  1.00 60.55 ? 22  GLU A OE1 1 
ATOM 140  O OE2 . GLU A 1 22  ? 0.424   -12.498 -2.908  1.00 59.27 ? 22  GLU A OE2 1 
ATOM 141  N N   . THR A 1 23  ? -2.268  -14.471 2.499   1.00 41.98 ? 23  THR A N   1 
ATOM 142  C CA  . THR A 1 23  ? -2.419  -14.039 3.881   1.00 38.08 ? 23  THR A CA  1 
ATOM 143  C C   . THR A 1 23  ? -1.231  -13.177 4.328   1.00 35.43 ? 23  THR A C   1 
ATOM 144  O O   . THR A 1 23  ? -0.076  -13.526 4.085   1.00 33.99 ? 23  THR A O   1 
ATOM 145  C CB  . THR A 1 23  ? -2.568  -15.246 4.799   1.00 37.49 ? 23  THR A CB  1 
ATOM 146  O OG1 . THR A 1 23  ? -2.620  -14.794 6.154   1.00 40.59 ? 23  THR A OG1 1 
ATOM 147  C CG2 . THR A 1 23  ? -1.404  -16.214 4.613   1.00 35.28 ? 23  THR A CG2 1 
ATOM 148  N N   . VAL A 1 24  ? -1.520  -12.061 4.995   1.00 34.39 ? 24  VAL A N   1 
ATOM 149  C CA  . VAL A 1 24  ? -0.477  -11.125 5.425   1.00 32.45 ? 24  VAL A CA  1 
ATOM 150  C C   . VAL A 1 24  ? -0.305  -10.900 6.934   1.00 30.28 ? 24  VAL A C   1 
ATOM 151  O O   . VAL A 1 24  ? -1.186  -11.221 7.737   1.00 31.70 ? 24  VAL A O   1 
ATOM 152  C CB  . VAL A 1 24  ? -0.697  -9.760  4.758   1.00 31.61 ? 24  VAL A CB  1 
ATOM 153  C CG1 . VAL A 1 24  ? -1.906  -9.080  5.357   1.00 30.65 ? 24  VAL A CG1 1 
ATOM 154  C CG2 . VAL A 1 24  ? 0.533   -8.909  4.907   1.00 34.92 ? 24  VAL A CG2 1 
ATOM 155  N N   . ILE A 1 25  ? 0.843   -10.326 7.291   1.00 26.08 ? 25  ILE A N   1 
ATOM 156  C CA  . ILE A 1 25  ? 1.217   -10.056 8.677   1.00 24.08 ? 25  ILE A CA  1 
ATOM 157  C C   . ILE A 1 25  ? 1.341   -8.566  8.977   1.00 23.14 ? 25  ILE A C   1 
ATOM 158  O O   . ILE A 1 25  ? 1.881   -7.809  8.174   1.00 21.60 ? 25  ILE A O   1 
ATOM 159  C CB  . ILE A 1 25  ? 2.594   -10.687 9.006   1.00 22.38 ? 25  ILE A CB  1 
ATOM 160  C CG1 . ILE A 1 25  ? 2.593   -12.170 8.656   1.00 22.42 ? 25  ILE A CG1 1 
ATOM 161  C CG2 . ILE A 1 25  ? 2.944   -10.475 10.467  1.00 20.11 ? 25  ILE A CG2 1 
ATOM 162  C CD1 . ILE A 1 25  ? 1.518   -12.946 9.343   1.00 27.00 ? 25  ILE A CD1 1 
ATOM 163  N N   . LEU A 1 26  ? 0.852   -8.155  10.143  1.00 21.39 ? 26  LEU A N   1 
ATOM 164  C CA  . LEU A 1 26  ? 0.955   -6.768  10.567  1.00 22.33 ? 26  LEU A CA  1 
ATOM 165  C C   . LEU A 1 26  ? 1.685   -6.693  11.885  1.00 26.49 ? 26  LEU A C   1 
ATOM 166  O O   . LEU A 1 26  ? 1.064   -6.735  12.935  1.00 28.05 ? 26  LEU A O   1 
ATOM 167  C CB  . LEU A 1 26  ? -0.410  -6.130  10.746  1.00 17.79 ? 26  LEU A CB  1 
ATOM 168  C CG  . LEU A 1 26  ? -1.160  -5.959  9.448   1.00 14.81 ? 26  LEU A CG  1 
ATOM 169  C CD1 . LEU A 1 26  ? -1.858  -7.250  9.162   1.00 14.34 ? 26  LEU A CD1 1 
ATOM 170  C CD2 . LEU A 1 26  ? -2.139  -4.815  9.554   1.00 13.34 ? 26  LEU A CD2 1 
ATOM 171  N N   . GLN A 1 27  ? 3.003   -6.579  11.828  1.00 31.17 ? 27  GLN A N   1 
ATOM 172  C CA  . GLN A 1 27  ? 3.808   -6.499  13.033  1.00 33.35 ? 27  GLN A CA  1 
ATOM 173  C C   . GLN A 1 27  ? 3.726   -5.156  13.738  1.00 32.50 ? 27  GLN A C   1 
ATOM 174  O O   . GLN A 1 27  ? 4.262   -4.154  13.267  1.00 30.88 ? 27  GLN A O   1 
ATOM 175  C CB  . GLN A 1 27  ? 5.274   -6.794  12.724  1.00 37.63 ? 27  GLN A CB  1 
ATOM 176  C CG  . GLN A 1 27  ? 6.225   -6.263  13.780  1.00 45.23 ? 27  GLN A CG  1 
ATOM 177  C CD  . GLN A 1 27  ? 7.641   -6.757  13.599  1.00 53.44 ? 27  GLN A CD  1 
ATOM 178  O OE1 . GLN A 1 27  ? 8.172   -6.774  12.486  1.00 56.93 ? 27  GLN A OE1 1 
ATOM 179  N NE2 . GLN A 1 27  ? 8.271   -7.151  14.700  1.00 58.50 ? 27  GLN A NE2 1 
ATOM 180  N N   . CYS A 1 28  ? 3.058   -5.144  14.878  1.00 33.30 ? 28  CYS A N   1 
ATOM 181  C CA  . CYS A 1 28  ? 2.954   -3.931  15.653  1.00 35.30 ? 28  CYS A CA  1 
ATOM 182  C C   . CYS A 1 28  ? 3.958   -4.060  16.795  1.00 38.20 ? 28  CYS A C   1 
ATOM 183  O O   . CYS A 1 28  ? 4.025   -5.099  17.445  1.00 38.44 ? 28  CYS A O   1 
ATOM 184  C CB  . CYS A 1 28  ? 1.551   -3.767  16.196  1.00 32.53 ? 28  CYS A CB  1 
ATOM 185  S SG  . CYS A 1 28  ? 1.434   -2.240  17.148  1.00 33.87 ? 28  CYS A SG  1 
ATOM 186  N N   . TRP A 1 29  ? 4.738   -3.010  17.032  1.00 41.48 ? 29  TRP A N   1 
ATOM 187  C CA  . TRP A 1 29  ? 5.762   -3.038  18.075  1.00 42.96 ? 29  TRP A CA  1 
ATOM 188  C C   . TRP A 1 29  ? 6.137   -1.648  18.602  1.00 42.55 ? 29  TRP A C   1 
ATOM 189  O O   . TRP A 1 29  ? 5.652   -0.627  18.106  1.00 42.69 ? 29  TRP A O   1 
ATOM 190  C CB  . TRP A 1 29  ? 7.021   -3.707  17.525  1.00 46.24 ? 29  TRP A CB  1 
ATOM 191  C CG  . TRP A 1 29  ? 7.534   -3.021  16.286  1.00 50.49 ? 29  TRP A CG  1 
ATOM 192  C CD1 . TRP A 1 29  ? 6.946   -3.007  15.050  1.00 49.96 ? 29  TRP A CD1 1 
ATOM 193  C CD2 . TRP A 1 29  ? 8.707   -2.201  16.178  1.00 52.25 ? 29  TRP A CD2 1 
ATOM 194  N NE1 . TRP A 1 29  ? 7.677   -2.228  14.185  1.00 50.66 ? 29  TRP A NE1 1 
ATOM 195  C CE2 . TRP A 1 29  ? 8.762   -1.723  14.852  1.00 52.69 ? 29  TRP A CE2 1 
ATOM 196  C CE3 . TRP A 1 29  ? 9.714   -1.822  17.076  1.00 54.59 ? 29  TRP A CE3 1 
ATOM 197  C CZ2 . TRP A 1 29  ? 9.785   -0.886  14.403  1.00 54.93 ? 29  TRP A CZ2 1 
ATOM 198  C CZ3 . TRP A 1 29  ? 10.734  -0.989  16.626  1.00 53.67 ? 29  TRP A CZ3 1 
ATOM 199  C CH2 . TRP A 1 29  ? 10.759  -0.532  15.302  1.00 55.25 ? 29  TRP A CH2 1 
ATOM 200  N N   . SER A 1 30  ? 7.010   -1.635  19.608  1.00 40.31 ? 30  SER A N   1 
ATOM 201  C CA  . SER A 1 30  ? 7.507   -0.415  20.246  1.00 39.85 ? 30  SER A CA  1 
ATOM 202  C C   . SER A 1 30  ? 8.719   -0.835  21.053  1.00 39.99 ? 30  SER A C   1 
ATOM 203  O O   . SER A 1 30  ? 8.886   -2.017  21.329  1.00 40.41 ? 30  SER A O   1 
ATOM 204  C CB  . SER A 1 30  ? 6.465   0.178   21.195  1.00 38.99 ? 30  SER A CB  1 
ATOM 205  O OG  . SER A 1 30  ? 6.989   1.300   21.887  1.00 36.98 ? 30  SER A OG  1 
ATOM 206  N N   . ASP A 1 31  ? 9.570   0.111   21.432  1.00 40.27 ? 31  ASP A N   1 
ATOM 207  C CA  . ASP A 1 31  ? 10.734  -0.255  22.223  1.00 40.15 ? 31  ASP A CA  1 
ATOM 208  C C   . ASP A 1 31  ? 10.375  -0.336  23.700  1.00 39.68 ? 31  ASP A C   1 
ATOM 209  O O   . ASP A 1 31  ? 11.219  -0.653  24.539  1.00 39.54 ? 31  ASP A O   1 
ATOM 210  C CB  . ASP A 1 31  ? 11.906  0.715   21.982  1.00 41.39 ? 31  ASP A CB  1 
ATOM 211  C CG  . ASP A 1 31  ? 11.502  2.174   22.052  1.00 42.71 ? 31  ASP A CG  1 
ATOM 212  O OD1 . ASP A 1 31  ? 10.287  2.470   22.103  1.00 43.84 ? 31  ASP A OD1 1 
ATOM 213  O OD2 . ASP A 1 31  ? 12.419  3.024   22.041  1.00 38.41 ? 31  ASP A OD2 1 
ATOM 214  N N   . VAL A 1 32  ? 9.102   -0.083  23.999  1.00 39.52 ? 32  VAL A N   1 
ATOM 215  C CA  . VAL A 1 32  ? 8.575   -0.129  25.366  1.00 39.72 ? 32  VAL A CA  1 
ATOM 216  C C   . VAL A 1 32  ? 8.189   -1.569  25.796  1.00 41.80 ? 32  VAL A C   1 
ATOM 217  O O   . VAL A 1 32  ? 8.318   -2.517  25.019  1.00 45.10 ? 32  VAL A O   1 
ATOM 218  C CB  . VAL A 1 32  ? 7.357   0.826   25.485  1.00 35.24 ? 32  VAL A CB  1 
ATOM 219  C CG1 . VAL A 1 32  ? 6.802   0.821   26.893  1.00 32.93 ? 32  VAL A CG1 1 
ATOM 220  C CG2 . VAL A 1 32  ? 7.781   2.230   25.107  1.00 31.94 ? 32  VAL A CG2 1 
ATOM 221  N N   . ARG A 1 33  ? 7.746   -1.737  27.039  1.00 40.82 ? 33  ARG A N   1 
ATOM 222  C CA  . ARG A 1 33  ? 7.355   -3.053  27.543  1.00 40.61 ? 33  ARG A CA  1 
ATOM 223  C C   . ARG A 1 33  ? 5.855   -3.299  27.430  1.00 40.08 ? 33  ARG A C   1 
ATOM 224  O O   . ARG A 1 33  ? 5.256   -3.918  28.314  1.00 40.44 ? 33  ARG A O   1 
ATOM 225  C CB  . ARG A 1 33  ? 7.765   -3.203  29.011  1.00 43.38 ? 33  ARG A CB  1 
ATOM 226  C CG  . ARG A 1 33  ? 9.037   -3.979  29.235  1.00 47.50 ? 33  ARG A CG  1 
ATOM 227  C CD  . ARG A 1 33  ? 8.933   -5.364  28.622  1.00 52.25 ? 33  ARG A CD  1 
ATOM 228  N NE  . ARG A 1 33  ? 10.142  -6.157  28.824  1.00 53.76 ? 33  ARG A NE  1 
ATOM 229  C CZ  . ARG A 1 33  ? 10.386  -6.881  29.911  1.00 55.02 ? 33  ARG A CZ  1 
ATOM 230  N NH1 . ARG A 1 33  ? 9.492   -6.917  30.895  1.00 57.59 ? 33  ARG A NH1 1 
ATOM 231  N NH2 . ARG A 1 33  ? 11.530  -7.553  30.018  1.00 54.07 ? 33  ARG A NH2 1 
ATOM 232  N N   . PHE A 1 34  ? 5.241   -2.813  26.359  1.00 39.26 ? 34  PHE A N   1 
ATOM 233  C CA  . PHE A 1 34  ? 3.811   -3.014  26.193  1.00 39.64 ? 34  PHE A CA  1 
ATOM 234  C C   . PHE A 1 34  ? 3.492   -4.471  26.462  1.00 38.63 ? 34  PHE A C   1 
ATOM 235  O O   . PHE A 1 34  ? 4.063   -5.367  25.842  1.00 39.62 ? 34  PHE A O   1 
ATOM 236  C CB  . PHE A 1 34  ? 3.359   -2.605  24.786  1.00 39.96 ? 34  PHE A CB  1 
ATOM 237  C CG  . PHE A 1 34  ? 3.266   -1.114  24.600  1.00 40.56 ? 34  PHE A CG  1 
ATOM 238  C CD1 . PHE A 1 34  ? 2.387   -0.361  25.375  1.00 38.82 ? 34  PHE A CD1 1 
ATOM 239  C CD2 . PHE A 1 34  ? 4.083   -0.456  23.687  1.00 40.06 ? 34  PHE A CD2 1 
ATOM 240  C CE1 . PHE A 1 34  ? 2.325   1.023   25.253  1.00 38.87 ? 34  PHE A CE1 1 
ATOM 241  C CE2 . PHE A 1 34  ? 4.029   0.933   23.556  1.00 40.27 ? 34  PHE A CE2 1 
ATOM 242  C CZ  . PHE A 1 34  ? 3.145   1.673   24.345  1.00 40.47 ? 34  PHE A CZ  1 
ATOM 243  N N   . GLN A 1 35  ? 2.593   -4.694  27.415  1.00 36.61 ? 35  GLN A N   1 
ATOM 244  C CA  . GLN A 1 35  ? 2.190   -6.032  27.804  1.00 34.11 ? 35  GLN A CA  1 
ATOM 245  C C   . GLN A 1 35  ? 1.360   -6.702  26.723  1.00 32.32 ? 35  GLN A C   1 
ATOM 246  O O   . GLN A 1 35  ? 1.514   -7.890  26.459  1.00 30.87 ? 35  GLN A O   1 
ATOM 247  C CB  . GLN A 1 35  ? 1.403   -5.965  29.108  1.00 36.66 ? 35  GLN A CB  1 
ATOM 248  C CG  . GLN A 1 35  ? 1.074   -7.318  29.703  1.00 40.91 ? 35  GLN A CG  1 
ATOM 249  C CD  . GLN A 1 35  ? 2.281   -8.226  29.729  1.00 41.96 ? 35  GLN A CD  1 
ATOM 250  O OE1 . GLN A 1 35  ? 3.409   -7.765  29.914  1.00 44.15 ? 35  GLN A OE1 1 
ATOM 251  N NE2 . GLN A 1 35  ? 2.053   -9.523  29.555  1.00 40.39 ? 35  GLN A NE2 1 
ATOM 252  N N   . HIS A 1 36  ? 0.472   -5.937  26.106  1.00 31.21 ? 36  HIS A N   1 
ATOM 253  C CA  . HIS A 1 36  ? -0.369  -6.458  25.040  1.00 33.19 ? 36  HIS A CA  1 
ATOM 254  C C   . HIS A 1 36  ? -0.926  -5.353  24.156  1.00 32.78 ? 36  HIS A C   1 
ATOM 255  O O   . HIS A 1 36  ? -1.167  -4.237  24.617  1.00 32.96 ? 36  HIS A O   1 
ATOM 256  C CB  . HIS A 1 36  ? -1.507  -7.329  25.592  1.00 36.50 ? 36  HIS A CB  1 
ATOM 257  C CG  . HIS A 1 36  ? -1.930  -6.993  26.990  1.00 40.23 ? 36  HIS A CG  1 
ATOM 258  N ND1 . HIS A 1 36  ? -2.864  -7.743  27.673  1.00 40.33 ? 36  HIS A ND1 1 
ATOM 259  C CD2 . HIS A 1 36  ? -1.523  -6.029  27.850  1.00 44.57 ? 36  HIS A CD2 1 
ATOM 260  C CE1 . HIS A 1 36  ? -3.007  -7.258  28.895  1.00 42.99 ? 36  HIS A CE1 1 
ATOM 261  N NE2 . HIS A 1 36  ? -2.204  -6.220  29.029  1.00 45.08 ? 36  HIS A NE2 1 
ATOM 262  N N   . PHE A 1 37  ? -1.129  -5.680  22.882  1.00 31.11 ? 37  PHE A N   1 
ATOM 263  C CA  . PHE A 1 37  ? -1.602  -4.724  21.900  1.00 28.77 ? 37  PHE A CA  1 
ATOM 264  C C   . PHE A 1 37  ? -2.978  -5.037  21.336  1.00 27.94 ? 37  PHE A C   1 
ATOM 265  O O   . PHE A 1 37  ? -3.465  -6.152  21.429  1.00 25.32 ? 37  PHE A O   1 
ATOM 266  C CB  . PHE A 1 37  ? -0.619  -4.658  20.731  1.00 31.95 ? 37  PHE A CB  1 
ATOM 267  C CG  . PHE A 1 37  ? 0.837   -4.782  21.128  1.00 34.84 ? 37  PHE A CG  1 
ATOM 268  C CD1 . PHE A 1 37  ? 1.374   -6.011  21.491  1.00 34.74 ? 37  PHE A CD1 1 
ATOM 269  C CD2 . PHE A 1 37  ? 1.683   -3.672  21.098  1.00 35.96 ? 37  PHE A CD2 1 
ATOM 270  C CE1 . PHE A 1 37  ? 2.729   -6.134  21.812  1.00 34.41 ? 37  PHE A CE1 1 
ATOM 271  C CE2 . PHE A 1 37  ? 3.041   -3.791  21.421  1.00 33.47 ? 37  PHE A CE2 1 
ATOM 272  C CZ  . PHE A 1 37  ? 3.559   -5.025  21.776  1.00 33.14 ? 37  PHE A CZ  1 
ATOM 273  N N   . LEU A 1 38  ? -3.584  -4.025  20.727  1.00 29.36 ? 38  LEU A N   1 
ATOM 274  C CA  . LEU A 1 38  ? -4.898  -4.140  20.101  1.00 31.08 ? 38  LEU A CA  1 
ATOM 275  C C   . LEU A 1 38  ? -4.777  -3.742  18.641  1.00 31.30 ? 38  LEU A C   1 
ATOM 276  O O   . LEU A 1 38  ? -4.180  -2.716  18.326  1.00 34.67 ? 38  LEU A O   1 
ATOM 277  C CB  . LEU A 1 38  ? -5.898  -3.176  20.724  1.00 31.52 ? 38  LEU A CB  1 
ATOM 278  C CG  . LEU A 1 38  ? -6.297  -3.260  22.185  1.00 33.67 ? 38  LEU A CG  1 
ATOM 279  C CD1 . LEU A 1 38  ? -7.184  -2.056  22.478  1.00 32.99 ? 38  LEU A CD1 1 
ATOM 280  C CD2 . LEU A 1 38  ? -7.007  -4.575  22.473  1.00 31.18 ? 38  LEU A CD2 1 
ATOM 281  N N   . LEU A 1 39  ? -5.355  -4.526  17.744  1.00 27.88 ? 39  LEU A N   1 
ATOM 282  C CA  . LEU A 1 39  ? -5.290  -4.167  16.344  1.00 24.53 ? 39  LEU A CA  1 
ATOM 283  C C   . LEU A 1 39  ? -6.692  -3.871  15.858  1.00 23.77 ? 39  LEU A C   1 
ATOM 284  O O   . LEU A 1 39  ? -7.457  -4.784  15.612  1.00 28.42 ? 39  LEU A O   1 
ATOM 285  C CB  . LEU A 1 39  ? -4.699  -5.302  15.532  1.00 24.26 ? 39  LEU A CB  1 
ATOM 286  C CG  . LEU A 1 39  ? -4.609  -4.904  14.064  1.00 23.51 ? 39  LEU A CG  1 
ATOM 287  C CD1 . LEU A 1 39  ? -3.738  -3.668  13.948  1.00 26.08 ? 39  LEU A CD1 1 
ATOM 288  C CD2 . LEU A 1 39  ? -4.048  -6.048  13.240  1.00 26.40 ? 39  LEU A CD2 1 
ATOM 289  N N   . HIS A 1 40  ? -7.038  -2.599  15.724  1.00 19.21 ? 40  HIS A N   1 
ATOM 290  C CA  . HIS A 1 40  ? -8.373  -2.252  15.276  1.00 17.83 ? 40  HIS A CA  1 
ATOM 291  C C   . HIS A 1 40  ? -8.357  -2.046  13.790  1.00 20.33 ? 40  HIS A C   1 
ATOM 292  O O   . HIS A 1 40  ? -7.353  -1.599  13.264  1.00 23.12 ? 40  HIS A O   1 
ATOM 293  C CB  . HIS A 1 40  ? -8.847  -0.970  15.931  1.00 15.79 ? 40  HIS A CB  1 
ATOM 294  C CG  . HIS A 1 40  ? -10.160 -0.491  15.409  1.00 17.77 ? 40  HIS A CG  1 
ATOM 295  N ND1 . HIS A 1 40  ? -10.384 0.820   15.054  1.00 20.95 ? 40  HIS A ND1 1 
ATOM 296  C CD2 . HIS A 1 40  ? -11.311 -1.153  15.148  1.00 19.96 ? 40  HIS A CD2 1 
ATOM 297  C CE1 . HIS A 1 40  ? -11.614 0.948   14.589  1.00 21.06 ? 40  HIS A CE1 1 
ATOM 298  N NE2 . HIS A 1 40  ? -12.199 -0.236  14.635  1.00 21.65 ? 40  HIS A NE2 1 
ATOM 299  N N   . ARG A 1 41  ? -9.465  -2.360  13.119  1.00 22.33 ? 41  ARG A N   1 
ATOM 300  C CA  . ARG A 1 41  ? -9.576  -2.198  11.668  1.00 23.73 ? 41  ARG A CA  1 
ATOM 301  C C   . ARG A 1 41  ? -10.783 -1.338  11.353  1.00 27.46 ? 41  ARG A C   1 
ATOM 302  O O   . ARG A 1 41  ? -11.916 -1.726  11.608  1.00 26.63 ? 41  ARG A O   1 
ATOM 303  C CB  . ARG A 1 41  ? -9.718  -3.558  10.985  1.00 22.01 ? 41  ARG A CB  1 
ATOM 304  C CG  . ARG A 1 41  ? -9.623  -3.515  9.475   1.00 20.23 ? 41  ARG A CG  1 
ATOM 305  C CD  . ARG A 1 41  ? -10.968 -3.782  8.817   1.00 22.22 ? 41  ARG A CD  1 
ATOM 306  N NE  . ARG A 1 41  ? -11.613 -5.004  9.299   1.00 23.52 ? 41  ARG A NE  1 
ATOM 307  C CZ  . ARG A 1 41  ? -11.024 -6.194  9.380   1.00 23.87 ? 41  ARG A CZ  1 
ATOM 308  N NH1 . ARG A 1 41  ? -9.762  -6.331  9.014   1.00 26.41 ? 41  ARG A NH1 1 
ATOM 309  N NH2 . ARG A 1 41  ? -11.695 -7.251  9.821   1.00 20.15 ? 41  ARG A NH2 1 
ATOM 310  N N   . GLU A 1 42  ? -10.530 -0.163  10.795  1.00 34.17 ? 42  GLU A N   1 
ATOM 311  C CA  . GLU A 1 42  ? -11.598 0.764   10.461  1.00 39.32 ? 42  GLU A CA  1 
ATOM 312  C C   . GLU A 1 42  ? -12.139 0.517   9.074   1.00 42.25 ? 42  GLU A C   1 
ATOM 313  O O   . GLU A 1 42  ? -11.392 0.217   8.147   1.00 42.47 ? 42  GLU A O   1 
ATOM 314  C CB  . GLU A 1 42  ? -11.109 2.215   10.552  1.00 39.97 ? 42  GLU A CB  1 
ATOM 315  C CG  . GLU A 1 42  ? -12.215 3.237   10.334  1.00 43.07 ? 42  GLU A CG  1 
ATOM 316  C CD  . GLU A 1 42  ? -13.454 2.961   11.202  1.00 48.77 ? 42  GLU A CD  1 
ATOM 317  O OE1 . GLU A 1 42  ? -13.313 2.841   12.447  1.00 49.85 ? 42  GLU A OE1 1 
ATOM 318  O OE2 . GLU A 1 42  ? -14.574 2.866   10.642  1.00 51.19 ? 42  GLU A OE2 1 
ATOM 319  N N   . GLY A 1 43  ? -13.451 0.645   8.934   1.00 46.65 ? 43  GLY A N   1 
ATOM 320  C CA  . GLY A 1 43  ? -14.058 0.457   7.634   1.00 50.25 ? 43  GLY A CA  1 
ATOM 321  C C   . GLY A 1 43  ? -15.208 -0.522  7.602   1.00 52.28 ? 43  GLY A C   1 
ATOM 322  O O   . GLY A 1 43  ? -16.073 -0.531  8.490   1.00 51.48 ? 43  GLY A O   1 
ATOM 323  N N   . LYS A 1 44  ? -15.201 -1.341  6.553   1.00 54.25 ? 44  LYS A N   1 
ATOM 324  C CA  . LYS A 1 44  ? -16.215 -2.368  6.309   1.00 55.52 ? 44  LYS A CA  1 
ATOM 325  C C   . LYS A 1 44  ? -16.519 -3.237  7.527   1.00 54.47 ? 44  LYS A C   1 
ATOM 326  O O   . LYS A 1 44  ? -17.455 -2.969  8.288   1.00 54.83 ? 44  LYS A O   1 
ATOM 327  C CB  . LYS A 1 44  ? -15.774 -3.261  5.137   1.00 56.18 ? 44  LYS A CB  1 
ATOM 328  C CG  . LYS A 1 44  ? -14.279 -3.618  5.125   1.00 56.03 ? 44  LYS A CG  1 
ATOM 329  C CD  . LYS A 1 44  ? -13.376 -2.412  4.766   1.00 53.08 ? 44  LYS A CD  1 
ATOM 330  C CE  . LYS A 1 44  ? -13.556 -1.935  3.312   1.00 51.75 ? 44  LYS A CE  1 
ATOM 331  N NZ  . LYS A 1 44  ? -13.133 -2.926  2.263   1.00 45.48 ? 44  LYS A NZ  1 
ATOM 332  N N   . PHE A 1 45  ? -15.731 -4.287  7.698   1.00 51.57 ? 45  PHE A N   1 
ATOM 333  C CA  . PHE A 1 45  ? -15.919 -5.182  8.812   1.00 49.05 ? 45  PHE A CA  1 
ATOM 334  C C   . PHE A 1 45  ? -15.191 -4.613  10.042  1.00 47.94 ? 45  PHE A C   1 
ATOM 335  O O   . PHE A 1 45  ? -14.191 -5.169  10.494  1.00 49.09 ? 45  PHE A O   1 
ATOM 336  C CB  . PHE A 1 45  ? -15.377 -6.562  8.423   1.00 50.07 ? 45  PHE A CB  1 
ATOM 337  C CG  . PHE A 1 45  ? -15.911 -7.706  9.261   1.00 54.43 ? 45  PHE A CG  1 
ATOM 338  C CD1 . PHE A 1 45  ? -15.744 -9.023  8.833   1.00 54.34 ? 45  PHE A CD1 1 
ATOM 339  C CD2 . PHE A 1 45  ? -16.583 -7.476  10.461  1.00 56.68 ? 45  PHE A CD2 1 
ATOM 340  C CE1 . PHE A 1 45  ? -16.239 -10.087 9.580   1.00 52.44 ? 45  PHE A CE1 1 
ATOM 341  C CE2 . PHE A 1 45  ? -17.082 -8.539  11.219  1.00 54.63 ? 45  PHE A CE2 1 
ATOM 342  C CZ  . PHE A 1 45  ? -16.908 -9.844  10.774  1.00 54.19 ? 45  PHE A CZ  1 
ATOM 343  N N   . LYS A 1 46  ? -15.680 -3.491  10.570  1.00 45.25 ? 46  LYS A N   1 
ATOM 344  C CA  . LYS A 1 46  ? -15.073 -2.881  11.756  1.00 44.24 ? 46  LYS A CA  1 
ATOM 345  C C   . LYS A 1 46  ? -14.863 -3.958  12.814  1.00 42.41 ? 46  LYS A C   1 
ATOM 346  O O   . LYS A 1 46  ? -15.827 -4.437  13.405  1.00 45.49 ? 46  LYS A O   1 
ATOM 347  C CB  . LYS A 1 46  ? -15.987 -1.792  12.340  1.00 47.24 ? 46  LYS A CB  1 
ATOM 348  C CG  . LYS A 1 46  ? -15.782 -0.365  11.800  1.00 54.02 ? 46  LYS A CG  1 
ATOM 349  C CD  . LYS A 1 46  ? -15.418 0.629   12.943  1.00 56.74 ? 46  LYS A CD  1 
ATOM 350  C CE  . LYS A 1 46  ? -16.479 0.691   14.064  1.00 54.24 ? 46  LYS A CE  1 
ATOM 351  N NZ  . LYS A 1 46  ? -15.969 1.201   15.374  1.00 51.30 ? 46  LYS A NZ  1 
ATOM 352  N N   . ASP A 1 47  ? -13.614 -4.340  13.059  1.00 39.38 ? 47  ASP A N   1 
ATOM 353  C CA  . ASP A 1 47  ? -13.327 -5.372  14.054  1.00 37.41 ? 47  ASP A CA  1 
ATOM 354  C C   . ASP A 1 47  ? -12.081 -5.044  14.890  1.00 34.45 ? 47  ASP A C   1 
ATOM 355  O O   . ASP A 1 47  ? -11.303 -4.170  14.526  1.00 35.46 ? 47  ASP A O   1 
ATOM 356  C CB  . ASP A 1 47  ? -13.168 -6.717  13.343  1.00 39.17 ? 47  ASP A CB  1 
ATOM 357  C CG  . ASP A 1 47  ? -12.993 -7.870  14.304  1.00 42.51 ? 47  ASP A CG  1 
ATOM 358  O OD1 . ASP A 1 47  ? -13.635 -7.849  15.377  1.00 46.20 ? 47  ASP A OD1 1 
ATOM 359  O OD2 . ASP A 1 47  ? -12.229 -8.806  13.980  1.00 43.16 ? 47  ASP A OD2 1 
ATOM 360  N N   . THR A 1 48  ? -11.900 -5.723  16.019  1.00 32.14 ? 48  THR A N   1 
ATOM 361  C CA  . THR A 1 48  ? -10.734 -5.463  16.868  1.00 31.42 ? 48  THR A CA  1 
ATOM 362  C C   . THR A 1 48  ? -10.029 -6.733  17.354  1.00 31.91 ? 48  THR A C   1 
ATOM 363  O O   . THR A 1 48  ? -10.656 -7.773  17.567  1.00 31.22 ? 48  THR A O   1 
ATOM 364  C CB  . THR A 1 48  ? -11.108 -4.620  18.098  1.00 29.38 ? 48  THR A CB  1 
ATOM 365  O OG1 . THR A 1 48  ? -11.749 -3.410  17.674  1.00 30.18 ? 48  THR A OG1 1 
ATOM 366  C CG2 . THR A 1 48  ? -9.857  -4.285  18.904  1.00 23.98 ? 48  THR A CG2 1 
ATOM 367  N N   . LEU A 1 49  ? -8.717  -6.635  17.533  1.00 31.86 ? 49  LEU A N   1 
ATOM 368  C CA  . LEU A 1 49  ? -7.937  -7.779  17.971  1.00 33.18 ? 49  LEU A CA  1 
ATOM 369  C C   . LEU A 1 49  ? -7.085  -7.478  19.194  1.00 35.00 ? 49  LEU A C   1 
ATOM 370  O O   . LEU A 1 49  ? -6.899  -6.318  19.576  1.00 35.64 ? 49  LEU A O   1 
ATOM 371  C CB  . LEU A 1 49  ? -7.058  -8.286  16.825  1.00 29.86 ? 49  LEU A CB  1 
ATOM 372  C CG  . LEU A 1 49  ? -7.837  -8.690  15.572  1.00 28.96 ? 49  LEU A CG  1 
ATOM 373  C CD1 . LEU A 1 49  ? -6.887  -9.272  14.555  1.00 28.19 ? 49  LEU A CD1 1 
ATOM 374  C CD2 . LEU A 1 49  ? -8.915  -9.688  15.932  1.00 26.76 ? 49  LEU A CD2 1 
ATOM 375  N N   . HIS A 1 50  ? -6.569  -8.543  19.798  1.00 35.07 ? 50  HIS A N   1 
ATOM 376  C CA  . HIS A 1 50  ? -5.761  -8.443  20.999  1.00 34.32 ? 50  HIS A CA  1 
ATOM 377  C C   . HIS A 1 50  ? -4.647  -9.490  21.002  1.00 33.95 ? 50  HIS A C   1 
ATOM 378  O O   . HIS A 1 50  ? -4.861  -10.656 20.661  1.00 31.59 ? 50  HIS A O   1 
ATOM 379  C CB  . HIS A 1 50  ? -6.676  -8.611  22.218  1.00 36.92 ? 50  HIS A CB  1 
ATOM 380  C CG  . HIS A 1 50  ? -5.947  -8.858  23.498  1.00 36.56 ? 50  HIS A CG  1 
ATOM 381  N ND1 . HIS A 1 50  ? -5.070  -7.946  24.042  1.00 35.72 ? 50  HIS A ND1 1 
ATOM 382  C CD2 . HIS A 1 50  ? -5.957  -9.919  24.337  1.00 35.78 ? 50  HIS A CD2 1 
ATOM 383  C CE1 . HIS A 1 50  ? -4.568  -8.436  25.161  1.00 33.60 ? 50  HIS A CE1 1 
ATOM 384  N NE2 . HIS A 1 50  ? -5.089  -9.631  25.361  1.00 36.06 ? 50  HIS A NE2 1 
ATOM 385  N N   . LEU A 1 51  ? -3.455  -9.056  21.398  1.00 35.30 ? 51  LEU A N   1 
ATOM 386  C CA  . LEU A 1 51  ? -2.290  -9.928  21.438  1.00 36.85 ? 51  LEU A CA  1 
ATOM 387  C C   . LEU A 1 51  ? -1.302  -9.543  22.529  1.00 38.61 ? 51  LEU A C   1 
ATOM 388  O O   . LEU A 1 51  ? -0.856  -8.403  22.612  1.00 39.02 ? 51  LEU A O   1 
ATOM 389  C CB  . LEU A 1 51  ? -1.568  -9.902  20.089  1.00 34.48 ? 51  LEU A CB  1 
ATOM 390  C CG  . LEU A 1 51  ? -1.429  -11.238 19.373  1.00 31.94 ? 51  LEU A CG  1 
ATOM 391  C CD1 . LEU A 1 51  ? -2.800  -11.879 19.293  1.00 31.57 ? 51  LEU A CD1 1 
ATOM 392  C CD2 . LEU A 1 51  ? -0.828  -11.036 17.984  1.00 30.59 ? 51  LEU A CD2 1 
ATOM 393  N N   . ILE A 1 52  ? -0.968  -10.511 23.369  1.00 42.14 ? 52  ILE A N   1 
ATOM 394  C CA  . ILE A 1 52  ? -0.012  -10.297 24.438  1.00 45.05 ? 52  ILE A CA  1 
ATOM 395  C C   . ILE A 1 52  ? 1.343   -10.179 23.740  1.00 46.70 ? 52  ILE A C   1 
ATOM 396  O O   . ILE A 1 52  ? 1.759   -11.089 23.017  1.00 46.40 ? 52  ILE A O   1 
ATOM 397  C CB  . ILE A 1 52  ? -0.020  -11.498 25.406  1.00 44.94 ? 52  ILE A CB  1 
ATOM 398  C CG1 . ILE A 1 52  ? -1.415  -11.640 26.022  1.00 43.16 ? 52  ILE A CG1 1 
ATOM 399  C CG2 . ILE A 1 52  ? 1.060   -11.326 26.474  1.00 45.50 ? 52  ILE A CG2 1 
ATOM 400  C CD1 . ILE A 1 52  ? -1.606  -12.898 26.819  1.00 39.76 ? 52  ILE A CD1 1 
ATOM 401  N N   . GLY A 1 53  ? 2.027   -9.058  23.954  1.00 47.29 ? 53  GLY A N   1 
ATOM 402  C CA  . GLY A 1 53  ? 3.303   -8.840  23.298  1.00 47.43 ? 53  GLY A CA  1 
ATOM 403  C C   . GLY A 1 53  ? 4.494   -9.641  23.766  1.00 47.96 ? 53  GLY A C   1 
ATOM 404  O O   . GLY A 1 53  ? 4.754   -9.721  24.957  1.00 49.02 ? 53  GLY A O   1 
ATOM 405  N N   . GLU A 1 54  ? 5.219   -10.230 22.819  1.00 49.44 ? 54  GLU A N   1 
ATOM 406  C CA  . GLU A 1 54  ? 6.419   -11.007 23.117  1.00 53.71 ? 54  GLU A CA  1 
ATOM 407  C C   . GLU A 1 54  ? 7.454   -9.967  23.527  1.00 54.33 ? 54  GLU A C   1 
ATOM 408  O O   . GLU A 1 54  ? 7.149   -8.780  23.511  1.00 56.58 ? 54  GLU A O   1 
ATOM 409  C CB  . GLU A 1 54  ? 6.882   -11.730 21.860  1.00 56.28 ? 54  GLU A CB  1 
ATOM 410  C CG  . GLU A 1 54  ? 5.727   -12.229 21.018  1.00 63.88 ? 54  GLU A CG  1 
ATOM 411  C CD  . GLU A 1 54  ? 6.162   -12.703 19.646  1.00 68.64 ? 54  GLU A CD  1 
ATOM 412  O OE1 . GLU A 1 54  ? 5.291   -12.796 18.747  1.00 70.64 ? 54  GLU A OE1 1 
ATOM 413  O OE2 . GLU A 1 54  ? 7.367   -12.989 19.464  1.00 71.70 ? 54  GLU A OE2 1 
ATOM 414  N N   . HIS A 1 55  ? 8.667   -10.373 23.888  1.00 54.21 ? 55  HIS A N   1 
ATOM 415  C CA  . HIS A 1 55  ? 9.645   -9.366  24.281  1.00 54.24 ? 55  HIS A CA  1 
ATOM 416  C C   . HIS A 1 55  ? 11.104  -9.587  23.924  1.00 55.74 ? 55  HIS A C   1 
ATOM 417  O O   . HIS A 1 55  ? 11.967  -9.636  24.800  1.00 53.05 ? 55  HIS A O   1 
ATOM 418  C CB  . HIS A 1 55  ? 9.530   -9.081  25.778  1.00 54.20 ? 55  HIS A CB  1 
ATOM 419  C CG  . HIS A 1 55  ? 8.506   -8.041  26.112  1.00 56.66 ? 55  HIS A CG  1 
ATOM 420  N ND1 . HIS A 1 55  ? 7.363   -8.321  26.831  1.00 57.63 ? 55  HIS A ND1 1 
ATOM 421  C CD2 . HIS A 1 55  ? 8.447   -6.722  25.812  1.00 58.75 ? 55  HIS A CD2 1 
ATOM 422  C CE1 . HIS A 1 55  ? 6.644   -7.219  26.959  1.00 58.44 ? 55  HIS A CE1 1 
ATOM 423  N NE2 . HIS A 1 55  ? 7.279   -6.234  26.350  1.00 59.05 ? 55  HIS A NE2 1 
ATOM 424  N N   . HIS A 1 56  ? 11.380  -9.693  22.630  1.00 60.60 ? 56  HIS A N   1 
ATOM 425  C CA  . HIS A 1 56  ? 12.751  -9.864  22.162  1.00 66.71 ? 56  HIS A CA  1 
ATOM 426  C C   . HIS A 1 56  ? 13.537  -8.632  22.616  1.00 67.49 ? 56  HIS A C   1 
ATOM 427  O O   . HIS A 1 56  ? 13.122  -7.502  22.357  1.00 69.61 ? 56  HIS A O   1 
ATOM 428  C CB  . HIS A 1 56  ? 12.789  -9.947  20.636  1.00 71.20 ? 56  HIS A CB  1 
ATOM 429  C CG  . HIS A 1 56  ? 11.842  -10.952 20.061  1.00 77.04 ? 56  HIS A CG  1 
ATOM 430  N ND1 . HIS A 1 56  ? 10.484  -10.906 20.289  1.00 79.95 ? 56  HIS A ND1 1 
ATOM 431  C CD2 . HIS A 1 56  ? 12.054  -12.022 19.258  1.00 79.10 ? 56  HIS A CD2 1 
ATOM 432  C CE1 . HIS A 1 56  ? 9.900   -11.906 19.651  1.00 81.09 ? 56  HIS A CE1 1 
ATOM 433  N NE2 . HIS A 1 56  ? 10.830  -12.597 19.017  1.00 81.19 ? 56  HIS A NE2 1 
ATOM 434  N N   . ASP A 1 57  ? 14.662  -8.860  23.285  1.00 67.12 ? 57  ASP A N   1 
ATOM 435  C CA  . ASP A 1 57  ? 15.525  -7.794  23.797  1.00 66.12 ? 57  ASP A CA  1 
ATOM 436  C C   . ASP A 1 57  ? 15.244  -6.391  23.247  1.00 64.17 ? 57  ASP A C   1 
ATOM 437  O O   . ASP A 1 57  ? 15.337  -6.145  22.041  1.00 63.88 ? 57  ASP A O   1 
ATOM 438  C CB  . ASP A 1 57  ? 17.000  -8.154  23.549  1.00 69.68 ? 57  ASP A CB  1 
ATOM 439  C CG  . ASP A 1 57  ? 17.970  -7.198  24.248  1.00 70.82 ? 57  ASP A CG  1 
ATOM 440  O OD1 . ASP A 1 57  ? 17.809  -6.962  25.466  1.00 72.46 ? 57  ASP A OD1 1 
ATOM 441  O OD2 . ASP A 1 57  ? 18.903  -6.692  23.584  1.00 70.34 ? 57  ASP A OD2 1 
ATOM 442  N N   . GLY A 1 58  ? 14.891  -5.486  24.157  1.00 61.82 ? 58  GLY A N   1 
ATOM 443  C CA  . GLY A 1 58  ? 14.618  -4.104  23.801  1.00 57.09 ? 58  GLY A CA  1 
ATOM 444  C C   . GLY A 1 58  ? 13.350  -3.791  23.027  1.00 53.44 ? 58  GLY A C   1 
ATOM 445  O O   . GLY A 1 58  ? 13.126  -2.635  22.682  1.00 54.04 ? 58  GLY A O   1 
ATOM 446  N N   . VAL A 1 59  ? 12.510  -4.782  22.758  1.00 50.09 ? 59  VAL A N   1 
ATOM 447  C CA  . VAL A 1 59  ? 11.304  -4.512  21.992  1.00 46.71 ? 59  VAL A CA  1 
ATOM 448  C C   . VAL A 1 59  ? 10.157  -5.487  22.200  1.00 47.17 ? 59  VAL A C   1 
ATOM 449  O O   . VAL A 1 59  ? 10.338  -6.695  22.092  1.00 51.09 ? 59  VAL A O   1 
ATOM 450  C CB  . VAL A 1 59  ? 11.606  -4.513  20.487  1.00 44.11 ? 59  VAL A CB  1 
ATOM 451  C CG1 . VAL A 1 59  ? 12.606  -3.428  20.138  1.00 41.74 ? 59  VAL A CG1 1 
ATOM 452  C CG2 . VAL A 1 59  ? 12.136  -5.873  20.082  1.00 43.50 ? 59  VAL A CG2 1 
ATOM 453  N N   . SER A 1 60  ? 8.973   -4.950  22.481  1.00 45.88 ? 60  SER A N   1 
ATOM 454  C CA  . SER A 1 60  ? 7.777   -5.770  22.649  1.00 45.35 ? 60  SER A CA  1 
ATOM 455  C C   . SER A 1 60  ? 7.178   -5.904  21.254  1.00 42.78 ? 60  SER A C   1 
ATOM 456  O O   . SER A 1 60  ? 7.513   -5.124  20.364  1.00 42.41 ? 60  SER A O   1 
ATOM 457  C CB  . SER A 1 60  ? 6.762   -5.085  23.563  1.00 48.40 ? 60  SER A CB  1 
ATOM 458  O OG  . SER A 1 60  ? 6.018   -4.106  22.855  1.00 53.16 ? 60  SER A OG  1 
ATOM 459  N N   . LYS A 1 61  ? 6.288   -6.869  21.053  1.00 41.48 ? 61  LYS A N   1 
ATOM 460  C CA  . LYS A 1 61  ? 5.698   -7.048  19.730  1.00 41.26 ? 61  LYS A CA  1 
ATOM 461  C C   . LYS A 1 61  ? 4.516   -7.998  19.653  1.00 40.29 ? 61  LYS A C   1 
ATOM 462  O O   . LYS A 1 61  ? 4.445   -8.992  20.367  1.00 41.02 ? 61  LYS A O   1 
ATOM 463  C CB  . LYS A 1 61  ? 6.775   -7.513  18.744  1.00 40.52 ? 61  LYS A CB  1 
ATOM 464  C CG  . LYS A 1 61  ? 7.642   -8.654  19.272  1.00 42.59 ? 61  LYS A CG  1 
ATOM 465  C CD  . LYS A 1 61  ? 8.778   -9.008  18.318  1.00 42.80 ? 61  LYS A CD  1 
ATOM 466  C CE  . LYS A 1 61  ? 8.274   -9.809  17.135  1.00 44.82 ? 61  LYS A CE  1 
ATOM 467  N NZ  . LYS A 1 61  ? 7.188   -9.117  16.387  1.00 45.84 ? 61  LYS A NZ  1 
ATOM 468  N N   . ALA A 1 62  ? 3.589   -7.666  18.766  1.00 39.58 ? 62  ALA A N   1 
ATOM 469  C CA  . ALA A 1 62  ? 2.407   -8.471  18.523  1.00 38.29 ? 62  ALA A CA  1 
ATOM 470  C C   . ALA A 1 62  ? 2.317   -8.592  17.017  1.00 38.86 ? 62  ALA A C   1 
ATOM 471  O O   . ALA A 1 62  ? 2.160   -7.589  16.322  1.00 38.66 ? 62  ALA A O   1 
ATOM 472  C CB  . ALA A 1 62  ? 1.171   -7.783  19.056  1.00 36.50 ? 62  ALA A CB  1 
ATOM 473  N N   . ASN A 1 63  ? 2.447   -9.814  16.511  1.00 39.39 ? 63  ASN A N   1 
ATOM 474  C CA  . ASN A 1 63  ? 2.363   -10.060 15.077  1.00 38.57 ? 63  ASN A CA  1 
ATOM 475  C C   . ASN A 1 63  ? 0.994   -10.627 14.727  1.00 39.41 ? 63  ASN A C   1 
ATOM 476  O O   . ASN A 1 63  ? 0.761   -11.832 14.837  1.00 40.70 ? 63  ASN A O   1 
ATOM 477  C CB  . ASN A 1 63  ? 3.459   -11.030 14.624  1.00 37.63 ? 63  ASN A CB  1 
ATOM 478  C CG  . ASN A 1 63  ? 4.771   -10.332 14.323  1.00 36.54 ? 63  ASN A CG  1 
ATOM 479  O OD1 . ASN A 1 63  ? 5.796   -10.974 14.085  1.00 35.60 ? 63  ASN A OD1 1 
ATOM 480  N ND2 . ASN A 1 63  ? 4.741   -9.010  14.324  1.00 34.95 ? 63  ASN A ND2 1 
ATOM 481  N N   . PHE A 1 64  ? 0.087   -9.739  14.325  1.00 38.80 ? 64  PHE A N   1 
ATOM 482  C CA  . PHE A 1 64  ? -1.255  -10.135 13.936  1.00 36.49 ? 64  PHE A CA  1 
ATOM 483  C C   . PHE A 1 64  ? -1.178  -10.590 12.489  1.00 35.56 ? 64  PHE A C   1 
ATOM 484  O O   . PHE A 1 64  ? -0.474  -9.996  11.676  1.00 35.49 ? 64  PHE A O   1 
ATOM 485  C CB  . PHE A 1 64  ? -2.223  -8.954  14.034  1.00 34.40 ? 64  PHE A CB  1 
ATOM 486  C CG  . PHE A 1 64  ? -2.170  -8.229  15.339  1.00 32.34 ? 64  PHE A CG  1 
ATOM 487  C CD1 . PHE A 1 64  ? -1.288  -7.174  15.527  1.00 33.64 ? 64  PHE A CD1 1 
ATOM 488  C CD2 . PHE A 1 64  ? -2.997  -8.598  16.387  1.00 32.51 ? 64  PHE A CD2 1 
ATOM 489  C CE1 . PHE A 1 64  ? -1.230  -6.492  16.746  1.00 33.89 ? 64  PHE A CE1 1 
ATOM 490  C CE2 . PHE A 1 64  ? -2.948  -7.928  17.608  1.00 33.39 ? 64  PHE A CE2 1 
ATOM 491  C CZ  . PHE A 1 64  ? -2.064  -6.873  17.788  1.00 33.77 ? 64  PHE A CZ  1 
ATOM 492  N N   . SER A 1 65  ? -1.897  -11.651 12.166  1.00 34.73 ? 65  SER A N   1 
ATOM 493  C CA  . SER A 1 65  ? -1.905  -12.145 10.807  1.00 35.14 ? 65  SER A CA  1 
ATOM 494  C C   . SER A 1 65  ? -3.319  -12.052 10.276  1.00 34.37 ? 65  SER A C   1 
ATOM 495  O O   . SER A 1 65  ? -4.241  -12.646 10.827  1.00 32.80 ? 65  SER A O   1 
ATOM 496  C CB  . SER A 1 65  ? -1.429  -13.594 10.771  1.00 36.61 ? 65  SER A CB  1 
ATOM 497  O OG  . SER A 1 65  ? -2.201  -14.394 11.647  1.00 41.87 ? 65  SER A OG  1 
ATOM 498  N N   . ILE A 1 66  ? -3.500  -11.278 9.218   1.00 35.66 ? 66  ILE A N   1 
ATOM 499  C CA  . ILE A 1 66  ? -4.822  -11.164 8.638   1.00 38.13 ? 66  ILE A CA  1 
ATOM 500  C C   . ILE A 1 66  ? -4.924  -12.337 7.674   1.00 39.51 ? 66  ILE A C   1 
ATOM 501  O O   . ILE A 1 66  ? -4.300  -12.341 6.614   1.00 37.98 ? 66  ILE A O   1 
ATOM 502  C CB  . ILE A 1 66  ? -5.012  -9.800  7.919   1.00 37.00 ? 66  ILE A CB  1 
ATOM 503  C CG1 . ILE A 1 66  ? -4.748  -8.664  8.913   1.00 34.10 ? 66  ILE A CG1 1 
ATOM 504  C CG2 . ILE A 1 66  ? -6.436  -9.661  7.391   1.00 36.38 ? 66  ILE A CG2 1 
ATOM 505  C CD1 . ILE A 1 66  ? -5.410  -8.844  10.271  1.00 28.18 ? 66  ILE A CD1 1 
ATOM 506  N N   . GLY A 1 67  ? -5.692  -13.343 8.098   1.00 41.58 ? 67  GLY A N   1 
ATOM 507  C CA  . GLY A 1 67  ? -5.894  -14.566 7.337   1.00 41.58 ? 67  GLY A CA  1 
ATOM 508  C C   . GLY A 1 67  ? -6.287  -14.394 5.885   1.00 42.53 ? 67  GLY A C   1 
ATOM 509  O O   . GLY A 1 67  ? -6.243  -13.284 5.357   1.00 44.73 ? 67  GLY A O   1 
ATOM 510  N N   . PRO A 1 68  ? -6.699  -15.482 5.217   1.00 41.99 ? 68  PRO A N   1 
ATOM 511  C CA  . PRO A 1 68  ? -7.100  -15.447 3.807   1.00 40.76 ? 68  PRO A CA  1 
ATOM 512  C C   . PRO A 1 68  ? -7.755  -14.124 3.426   1.00 38.35 ? 68  PRO A C   1 
ATOM 513  O O   . PRO A 1 68  ? -8.873  -13.824 3.829   1.00 39.27 ? 68  PRO A O   1 
ATOM 514  C CB  . PRO A 1 68  ? -8.037  -16.653 3.678   1.00 42.19 ? 68  PRO A CB  1 
ATOM 515  C CG  . PRO A 1 68  ? -8.484  -16.924 5.096   1.00 42.24 ? 68  PRO A CG  1 
ATOM 516  C CD  . PRO A 1 68  ? -7.222  -16.693 5.867   1.00 42.59 ? 68  PRO A CD  1 
ATOM 517  N N   . MET A 1 69  ? -7.032  -13.336 2.647   1.00 34.09 ? 69  MET A N   1 
ATOM 518  C CA  . MET A 1 69  ? -7.494  -12.032 2.232   1.00 34.30 ? 69  MET A CA  1 
ATOM 519  C C   . MET A 1 69  ? -8.834  -12.054 1.507   1.00 35.14 ? 69  MET A C   1 
ATOM 520  O O   . MET A 1 69  ? -9.121  -12.973 0.748   1.00 38.70 ? 69  MET A O   1 
ATOM 521  C CB  . MET A 1 69  ? -6.429  -11.397 1.343   1.00 35.17 ? 69  MET A CB  1 
ATOM 522  C CG  . MET A 1 69  ? -6.531  -9.891  1.219   1.00 40.44 ? 69  MET A CG  1 
ATOM 523  S SD  . MET A 1 69  ? -6.186  -8.997  2.761   1.00 40.98 ? 69  MET A SD  1 
ATOM 524  C CE  . MET A 1 69  ? -7.725  -9.098  3.525   1.00 45.81 ? 69  MET A CE  1 
ATOM 525  N N   . MET A 1 70  ? -9.651  -11.037 1.759   1.00 31.94 ? 70  MET A N   1 
ATOM 526  C CA  . MET A 1 70  ? -10.953 -10.888 1.121   1.00 31.91 ? 70  MET A CA  1 
ATOM 527  C C   . MET A 1 70  ? -11.260 -9.416  1.206   1.00 30.41 ? 70  MET A C   1 
ATOM 528  O O   . MET A 1 70  ? -10.613 -8.714  1.960   1.00 31.08 ? 70  MET A O   1 
ATOM 529  C CB  . MET A 1 70  ? -12.033 -11.647 1.871   1.00 37.56 ? 70  MET A CB  1 
ATOM 530  C CG  . MET A 1 70  ? -12.377 -13.016 1.317   1.00 43.24 ? 70  MET A CG  1 
ATOM 531  S SD  . MET A 1 70  ? -14.103 -13.459 1.737   1.00 52.67 ? 70  MET A SD  1 
ATOM 532  C CE  . MET A 1 70  ? -14.123 -13.385 3.588   1.00 46.37 ? 70  MET A CE  1 
ATOM 533  N N   . GLN A 1 71  ? -12.254 -8.946  0.459   1.00 29.86 ? 71  GLN A N   1 
ATOM 534  C CA  . GLN A 1 71  ? -12.601 -7.524  0.478   1.00 30.42 ? 71  GLN A CA  1 
ATOM 535  C C   . GLN A 1 71  ? -12.985 -6.974  1.839   1.00 30.74 ? 71  GLN A C   1 
ATOM 536  O O   . GLN A 1 71  ? -12.718 -5.807  2.131   1.00 30.52 ? 71  GLN A O   1 
ATOM 537  C CB  . GLN A 1 71  ? -13.757 -7.220  -0.477  1.00 31.61 ? 71  GLN A CB  1 
ATOM 538  C CG  . GLN A 1 71  ? -13.454 -7.455  -1.924  1.00 32.84 ? 71  GLN A CG  1 
ATOM 539  C CD  . GLN A 1 71  ? -13.856 -8.830  -2.383  1.00 32.01 ? 71  GLN A CD  1 
ATOM 540  O OE1 . GLN A 1 71  ? -13.575 -9.839  -1.720  1.00 29.76 ? 71  GLN A OE1 1 
ATOM 541  N NE2 . GLN A 1 71  ? -14.513 -8.885  -3.538  1.00 32.58 ? 71  GLN A NE2 1 
ATOM 542  N N   . ASP A 1 72  ? -13.625 -7.808  2.658   1.00 29.56 ? 72  ASP A N   1 
ATOM 543  C CA  . ASP A 1 72  ? -14.079 -7.396  3.982   1.00 29.97 ? 72  ASP A CA  1 
ATOM 544  C C   . ASP A 1 72  ? -12.962 -7.202  5.000   1.00 28.72 ? 72  ASP A C   1 
ATOM 545  O O   . ASP A 1 72  ? -13.203 -6.662  6.075   1.00 31.15 ? 72  ASP A O   1 
ATOM 546  C CB  . ASP A 1 72  ? -15.102 -8.402  4.532   1.00 32.78 ? 72  ASP A CB  1 
ATOM 547  C CG  . ASP A 1 72  ? -14.571 -9.833  4.547   1.00 34.51 ? 72  ASP A CG  1 
ATOM 548  O OD1 . ASP A 1 72  ? -13.410 -10.024 4.954   1.00 38.48 ? 72  ASP A OD1 1 
ATOM 549  O OD2 . ASP A 1 72  ? -15.310 -10.772 4.167   1.00 32.67 ? 72  ASP A OD2 1 
ATOM 550  N N   . LEU A 1 73  ? -11.747 -7.631  4.663   1.00 26.89 ? 73  LEU A N   1 
ATOM 551  C CA  . LEU A 1 73  ? -10.606 -7.497  5.568   1.00 24.37 ? 73  LEU A CA  1 
ATOM 552  C C   . LEU A 1 73  ? -9.668  -6.343  5.247   1.00 24.41 ? 73  LEU A C   1 
ATOM 553  O O   . LEU A 1 73  ? -8.885  -5.926  6.094   1.00 23.51 ? 73  LEU A O   1 
ATOM 554  C CB  . LEU A 1 73  ? -9.773  -8.765  5.572   1.00 22.01 ? 73  LEU A CB  1 
ATOM 555  C CG  . LEU A 1 73  ? -10.350 -10.082 6.042   1.00 22.61 ? 73  LEU A CG  1 
ATOM 556  C CD1 . LEU A 1 73  ? -9.222  -11.100 6.096   1.00 21.10 ? 73  LEU A CD1 1 
ATOM 557  C CD2 . LEU A 1 73  ? -10.990 -9.910  7.412   1.00 25.56 ? 73  LEU A CD2 1 
ATOM 558  N N   . ALA A 1 74  ? -9.712  -5.849  4.019   1.00 23.85 ? 74  ALA A N   1 
ATOM 559  C CA  . ALA A 1 74  ? -8.839  -4.752  3.640   1.00 26.04 ? 74  ALA A CA  1 
ATOM 560  C C   . ALA A 1 74  ? -9.399  -3.451  4.207   1.00 28.10 ? 74  ALA A C   1 
ATOM 561  O O   . ALA A 1 74  ? -10.612 -3.261  4.252   1.00 32.46 ? 74  ALA A O   1 
ATOM 562  C CB  . ALA A 1 74  ? -8.745  -4.675  2.133   1.00 26.67 ? 74  ALA A CB  1 
ATOM 563  N N   . GLY A 1 75  ? -8.524  -2.555  4.644   1.00 25.41 ? 75  GLY A N   1 
ATOM 564  C CA  . GLY A 1 75  ? -8.999  -1.307  5.201   1.00 21.85 ? 75  GLY A CA  1 
ATOM 565  C C   . GLY A 1 75  ? -7.914  -0.655  6.018   1.00 22.41 ? 75  GLY A C   1 
ATOM 566  O O   . GLY A 1 75  ? -6.754  -1.039  5.923   1.00 22.78 ? 75  GLY A O   1 
ATOM 567  N N   . THR A 1 76  ? -8.297  0.323   6.830   1.00 23.01 ? 76  THR A N   1 
ATOM 568  C CA  . THR A 1 76  ? -7.363  1.066   7.672   1.00 21.43 ? 76  THR A CA  1 
ATOM 569  C C   . THR A 1 76  ? -7.175  0.479   9.057   1.00 19.89 ? 76  THR A C   1 
ATOM 570  O O   . THR A 1 76  ? -8.111  0.397   9.843   1.00 19.69 ? 76  THR A O   1 
ATOM 571  C CB  . THR A 1 76  ? -7.819  2.515   7.858   1.00 21.90 ? 76  THR A CB  1 
ATOM 572  O OG1 . THR A 1 76  ? -7.682  3.225   6.624   1.00 20.92 ? 76  THR A OG1 1 
ATOM 573  C CG2 . THR A 1 76  ? -6.989  3.195   8.914   1.00 24.56 ? 76  THR A CG2 1 
ATOM 574  N N   . TYR A 1 77  ? -5.945  0.098   9.360   1.00 18.56 ? 77  TYR A N   1 
ATOM 575  C CA  . TYR A 1 77  ? -5.636  -0.472  10.654  1.00 20.64 ? 77  TYR A CA  1 
ATOM 576  C C   . TYR A 1 77  ? -4.906  0.546   11.517  1.00 22.89 ? 77  TYR A C   1 
ATOM 577  O O   . TYR A 1 77  ? -4.201  1.403   11.008  1.00 25.57 ? 77  TYR A O   1 
ATOM 578  C CB  . TYR A 1 77  ? -4.756  -1.714  10.482  1.00 20.45 ? 77  TYR A CB  1 
ATOM 579  C CG  . TYR A 1 77  ? -5.453  -2.912  9.859   1.00 22.06 ? 77  TYR A CG  1 
ATOM 580  C CD1 . TYR A 1 77  ? -5.973  -2.860  8.569   1.00 22.44 ? 77  TYR A CD1 1 
ATOM 581  C CD2 . TYR A 1 77  ? -5.579  -4.111  10.565  1.00 23.45 ? 77  TYR A CD2 1 
ATOM 582  C CE1 . TYR A 1 77  ? -6.598  -3.975  8.001   1.00 25.76 ? 77  TYR A CE1 1 
ATOM 583  C CE2 . TYR A 1 77  ? -6.199  -5.224  10.004  1.00 22.46 ? 77  TYR A CE2 1 
ATOM 584  C CZ  . TYR A 1 77  ? -6.703  -5.151  8.728   1.00 24.10 ? 77  TYR A CZ  1 
ATOM 585  O OH  . TYR A 1 77  ? -7.284  -6.265  8.176   1.00 25.12 ? 77  TYR A OH  1 
ATOM 586  N N   . ARG A 1 78  ? -5.107  0.456   12.824  1.00 25.03 ? 78  ARG A N   1 
ATOM 587  C CA  . ARG A 1 78  ? -4.437  1.317   13.789  1.00 27.22 ? 78  ARG A CA  1 
ATOM 588  C C   . ARG A 1 78  ? -4.092  0.393   14.946  1.00 30.09 ? 78  ARG A C   1 
ATOM 589  O O   . ARG A 1 78  ? -4.897  -0.452  15.344  1.00 31.84 ? 78  ARG A O   1 
ATOM 590  C CB  . ARG A 1 78  ? -5.345  2.443   14.276  1.00 25.13 ? 78  ARG A CB  1 
ATOM 591  C CG  . ARG A 1 78  ? -5.598  3.514   13.253  1.00 26.15 ? 78  ARG A CG  1 
ATOM 592  C CD  . ARG A 1 78  ? -6.231  4.741   13.891  1.00 30.81 ? 78  ARG A CD  1 
ATOM 593  N NE  . ARG A 1 78  ? -6.738  5.691   12.898  1.00 35.54 ? 78  ARG A NE  1 
ATOM 594  C CZ  . ARG A 1 78  ? -7.691  5.416   12.006  1.00 36.96 ? 78  ARG A CZ  1 
ATOM 595  N NH1 . ARG A 1 78  ? -8.256  4.214   11.961  1.00 37.77 ? 78  ARG A NH1 1 
ATOM 596  N NH2 . ARG A 1 78  ? -8.094  6.351   11.159  1.00 35.75 ? 78  ARG A NH2 1 
ATOM 597  N N   . CYS A 1 79  ? -2.895  0.552   15.490  1.00 32.52 ? 79  CYS A N   1 
ATOM 598  C CA  . CYS A 1 79  ? -2.455  -0.308  16.574  1.00 33.77 ? 79  CYS A CA  1 
ATOM 599  C C   . CYS A 1 79  ? -2.298  0.377   17.940  1.00 34.31 ? 79  CYS A C   1 
ATOM 600  O O   . CYS A 1 79  ? -1.869  1.529   18.023  1.00 37.70 ? 79  CYS A O   1 
ATOM 601  C CB  . CYS A 1 79  ? -1.147  -0.982  16.160  1.00 33.10 ? 79  CYS A CB  1 
ATOM 602  S SG  . CYS A 1 79  ? -0.547  -2.060  17.471  1.00 37.53 ? 79  CYS A SG  1 
ATOM 603  N N   . TYR A 1 80  ? -2.652  -0.340  19.008  1.00 32.89 ? 80  TYR A N   1 
ATOM 604  C CA  . TYR A 1 80  ? -2.550  0.178   20.373  1.00 30.42 ? 80  TYR A CA  1 
ATOM 605  C C   . TYR A 1 80  ? -1.719  -0.729  21.291  1.00 33.55 ? 80  TYR A C   1 
ATOM 606  O O   . TYR A 1 80  ? -1.581  -1.928  21.040  1.00 31.11 ? 80  TYR A O   1 
ATOM 607  C CB  . TYR A 1 80  ? -3.932  0.330   20.999  1.00 24.85 ? 80  TYR A CB  1 
ATOM 608  C CG  . TYR A 1 80  ? -4.848  1.307   20.323  1.00 21.22 ? 80  TYR A CG  1 
ATOM 609  C CD1 . TYR A 1 80  ? -5.649  0.923   19.249  1.00 20.97 ? 80  TYR A CD1 1 
ATOM 610  C CD2 . TYR A 1 80  ? -4.951  2.613   20.784  1.00 22.60 ? 80  TYR A CD2 1 
ATOM 611  C CE1 . TYR A 1 80  ? -6.542  1.827   18.654  1.00 18.65 ? 80  TYR A CE1 1 
ATOM 612  C CE2 . TYR A 1 80  ? -5.837  3.526   20.197  1.00 20.85 ? 80  TYR A CE2 1 
ATOM 613  C CZ  . TYR A 1 80  ? -6.627  3.127   19.139  1.00 18.88 ? 80  TYR A CZ  1 
ATOM 614  O OH  . TYR A 1 80  ? -7.499  4.030   18.583  1.00 17.15 ? 80  TYR A OH  1 
ATOM 615  N N   . GLY A 1 81  ? -1.187  -0.145  22.366  1.00 36.97 ? 81  GLY A N   1 
ATOM 616  C CA  . GLY A 1 81  ? -0.393  -0.892  23.336  1.00 40.26 ? 81  GLY A CA  1 
ATOM 617  C C   . GLY A 1 81  ? -0.660  -0.466  24.778  1.00 41.86 ? 81  GLY A C   1 
ATOM 618  O O   . GLY A 1 81  ? -0.802  0.726   25.060  1.00 42.84 ? 81  GLY A O   1 
ATOM 619  N N   . SER A 1 82  ? -0.733  -1.431  25.695  1.00 41.15 ? 82  SER A N   1 
ATOM 620  C CA  . SER A 1 82  ? -0.978  -1.140  27.111  1.00 40.51 ? 82  SER A CA  1 
ATOM 621  C C   . SER A 1 82  ? -0.052  -1.994  27.989  1.00 41.49 ? 82  SER A C   1 
ATOM 622  O O   . SER A 1 82  ? 0.265   -3.131  27.626  1.00 42.03 ? 82  SER A O   1 
ATOM 623  C CB  . SER A 1 82  ? -2.446  -1.413  27.460  1.00 39.31 ? 82  SER A CB  1 
ATOM 624  O OG  . SER A 1 82  ? -2.790  -2.769  27.228  1.00 33.57 ? 82  SER A OG  1 
ATOM 625  N N   . VAL A 1 83  ? 0.383   -1.451  29.133  1.00 42.44 ? 83  VAL A N   1 
ATOM 626  C CA  . VAL A 1 83  ? 1.297   -2.179  30.024  1.00 43.17 ? 83  VAL A CA  1 
ATOM 627  C C   . VAL A 1 83  ? 0.707   -2.738  31.323  1.00 46.21 ? 83  VAL A C   1 
ATOM 628  O O   . VAL A 1 83  ? -0.087  -2.087  32.011  1.00 46.64 ? 83  VAL A O   1 
ATOM 629  C CB  . VAL A 1 83  ? 2.543   -1.327  30.379  1.00 39.92 ? 83  VAL A CB  1 
ATOM 630  C CG1 . VAL A 1 83  ? 3.436   -2.079  31.355  1.00 36.38 ? 83  VAL A CG1 1 
ATOM 631  C CG2 . VAL A 1 83  ? 3.333   -1.031  29.120  1.00 39.86 ? 83  VAL A CG2 1 
ATOM 632  N N   . THR A 1 84  ? 1.142   -3.962  31.631  1.00 48.10 ? 84  THR A N   1 
ATOM 633  C CA  . THR A 1 84  ? 0.728   -4.741  32.801  1.00 47.44 ? 84  THR A CA  1 
ATOM 634  C C   . THR A 1 84  ? -0.104  -4.047  33.858  1.00 45.44 ? 84  THR A C   1 
ATOM 635  O O   . THR A 1 84  ? -1.288  -4.322  33.986  1.00 44.15 ? 84  THR A O   1 
ATOM 636  C CB  . THR A 1 84  ? 1.945   -5.378  33.514  1.00 48.00 ? 84  THR A CB  1 
ATOM 637  O OG1 . THR A 1 84  ? 2.901   -4.359  33.830  1.00 49.51 ? 84  THR A OG1 1 
ATOM 638  C CG2 . THR A 1 84  ? 2.594   -6.442  32.631  1.00 47.77 ? 84  THR A CG2 1 
ATOM 639  N N   . HIS A 1 85  ? 0.516   -3.162  34.624  1.00 45.27 ? 85  HIS A N   1 
ATOM 640  C CA  . HIS A 1 85  ? -0.188  -2.468  35.687  1.00 47.49 ? 85  HIS A CA  1 
ATOM 641  C C   . HIS A 1 85  ? -1.186  -1.396  35.238  1.00 47.33 ? 85  HIS A C   1 
ATOM 642  O O   . HIS A 1 85  ? -1.234  -0.317  35.817  1.00 48.73 ? 85  HIS A O   1 
ATOM 643  C CB  . HIS A 1 85  ? 0.825   -1.881  36.687  1.00 51.17 ? 85  HIS A CB  1 
ATOM 644  C CG  . HIS A 1 85  ? 2.078   -1.354  36.056  1.00 56.08 ? 85  HIS A CG  1 
ATOM 645  N ND1 . HIS A 1 85  ? 2.096   -0.235  35.245  1.00 57.63 ? 85  HIS A ND1 1 
ATOM 646  C CD2 . HIS A 1 85  ? 3.356   -1.805  36.100  1.00 57.03 ? 85  HIS A CD2 1 
ATOM 647  C CE1 . HIS A 1 85  ? 3.328   -0.024  34.817  1.00 58.99 ? 85  HIS A CE1 1 
ATOM 648  N NE2 . HIS A 1 85  ? 4.112   -0.962  35.319  1.00 58.42 ? 85  HIS A NE2 1 
ATOM 649  N N   . SER A 1 86  ? -1.983  -1.713  34.217  1.00 45.75 ? 86  SER A N   1 
ATOM 650  C CA  . SER A 1 86  ? -3.025  -0.819  33.682  1.00 42.73 ? 86  SER A CA  1 
ATOM 651  C C   . SER A 1 86  ? -3.336  -1.142  32.228  1.00 42.00 ? 86  SER A C   1 
ATOM 652  O O   . SER A 1 86  ? -3.334  -0.249  31.386  1.00 44.58 ? 86  SER A O   1 
ATOM 653  C CB  . SER A 1 86  ? -2.595  0.642   33.770  1.00 42.79 ? 86  SER A CB  1 
ATOM 654  O OG  . SER A 1 86  ? -1.370  0.834   33.091  1.00 45.10 ? 86  SER A OG  1 
ATOM 655  N N   . PRO A 1 87  ? -3.626  -2.418  31.914  1.00 41.02 ? 87  PRO A N   1 
ATOM 656  C CA  . PRO A 1 87  ? -3.929  -2.822  30.538  1.00 40.50 ? 87  PRO A CA  1 
ATOM 657  C C   . PRO A 1 87  ? -5.164  -2.172  29.902  1.00 41.30 ? 87  PRO A C   1 
ATOM 658  O O   . PRO A 1 87  ? -5.541  -2.515  28.775  1.00 40.51 ? 87  PRO A O   1 
ATOM 659  C CB  . PRO A 1 87  ? -4.047  -4.339  30.654  1.00 39.68 ? 87  PRO A CB  1 
ATOM 660  C CG  . PRO A 1 87  ? -4.606  -4.524  32.017  1.00 39.41 ? 87  PRO A CG  1 
ATOM 661  C CD  . PRO A 1 87  ? -3.781  -3.561  32.830  1.00 40.19 ? 87  PRO A CD  1 
ATOM 662  N N   . TYR A 1 88  ? -5.791  -1.238  30.617  1.00 41.45 ? 88  TYR A N   1 
ATOM 663  C CA  . TYR A 1 88  ? -6.955  -0.547  30.085  1.00 40.78 ? 88  TYR A CA  1 
ATOM 664  C C   . TYR A 1 88  ? -6.656  0.917   29.852  1.00 41.95 ? 88  TYR A C   1 
ATOM 665  O O   . TYR A 1 88  ? -7.534  1.709   29.507  1.00 42.17 ? 88  TYR A O   1 
ATOM 666  C CB  . TYR A 1 88  ? -8.145  -0.740  31.003  1.00 39.62 ? 88  TYR A CB  1 
ATOM 667  C CG  . TYR A 1 88  ? -8.533  -2.189  31.049  1.00 41.25 ? 88  TYR A CG  1 
ATOM 668  C CD1 . TYR A 1 88  ? -7.814  -3.093  31.827  1.00 44.45 ? 88  TYR A CD1 1 
ATOM 669  C CD2 . TYR A 1 88  ? -9.562  -2.677  30.257  1.00 39.44 ? 88  TYR A CD2 1 
ATOM 670  C CE1 . TYR A 1 88  ? -8.107  -4.450  31.810  1.00 45.16 ? 88  TYR A CE1 1 
ATOM 671  C CE2 . TYR A 1 88  ? -9.863  -4.031  30.229  1.00 42.72 ? 88  TYR A CE2 1 
ATOM 672  C CZ  . TYR A 1 88  ? -9.130  -4.910  31.007  1.00 45.98 ? 88  TYR A CZ  1 
ATOM 673  O OH  . TYR A 1 88  ? -9.402  -6.254  30.960  1.00 52.30 ? 88  TYR A OH  1 
ATOM 674  N N   . GLN A 1 89  ? -5.394  1.266   30.059  1.00 42.62 ? 89  GLN A N   1 
ATOM 675  C CA  . GLN A 1 89  ? -4.922  2.607   29.799  1.00 45.15 ? 89  GLN A CA  1 
ATOM 676  C C   . GLN A 1 89  ? -4.186  2.387   28.489  1.00 46.38 ? 89  GLN A C   1 
ATOM 677  O O   . GLN A 1 89  ? -3.010  2.001   28.470  1.00 46.16 ? 89  GLN A O   1 
ATOM 678  C CB  . GLN A 1 89  ? -3.953  3.091   30.876  1.00 49.11 ? 89  GLN A CB  1 
ATOM 679  C CG  . GLN A 1 89  ? -3.460  4.525   30.645  1.00 54.29 ? 89  GLN A CG  1 
ATOM 680  C CD  . GLN A 1 89  ? -4.599  5.548   30.597  1.00 57.21 ? 89  GLN A CD  1 
ATOM 681  O OE1 . GLN A 1 89  ? -5.214  5.861   31.621  1.00 59.19 ? 89  GLN A OE1 1 
ATOM 682  N NE2 . GLN A 1 89  ? -4.886  6.064   29.402  1.00 56.94 ? 89  GLN A NE2 1 
ATOM 683  N N   . LEU A 1 90  ? -4.916  2.595   27.397  1.00 46.99 ? 90  LEU A N   1 
ATOM 684  C CA  . LEU A 1 90  ? -4.398  2.418   26.048  1.00 43.77 ? 90  LEU A CA  1 
ATOM 685  C C   . LEU A 1 90  ? -3.393  3.494   25.671  1.00 43.20 ? 90  LEU A C   1 
ATOM 686  O O   . LEU A 1 90  ? -3.465  4.622   26.158  1.00 43.61 ? 90  LEU A O   1 
ATOM 687  C CB  . LEU A 1 90  ? -5.555  2.444   25.051  1.00 40.70 ? 90  LEU A CB  1 
ATOM 688  C CG  . LEU A 1 90  ? -6.585  1.325   25.146  1.00 34.61 ? 90  LEU A CG  1 
ATOM 689  C CD1 . LEU A 1 90  ? -7.722  1.622   24.210  1.00 31.84 ? 90  LEU A CD1 1 
ATOM 690  C CD2 . LEU A 1 90  ? -5.942  0.006   24.793  1.00 30.96 ? 90  LEU A CD2 1 
ATOM 691  N N   . SER A 1 91  ? -2.464  3.135   24.793  1.00 42.40 ? 91  SER A N   1 
ATOM 692  C CA  . SER A 1 91  ? -1.442  4.062   24.318  1.00 41.13 ? 91  SER A CA  1 
ATOM 693  C C   . SER A 1 91  ? -2.040  4.961   23.246  1.00 39.81 ? 91  SER A C   1 
ATOM 694  O O   . SER A 1 91  ? -3.233  4.882   22.947  1.00 38.20 ? 91  SER A O   1 
ATOM 695  C CB  . SER A 1 91  ? -0.276  3.288   23.710  1.00 41.72 ? 91  SER A CB  1 
ATOM 696  O OG  . SER A 1 91  ? -0.719  2.549   22.584  1.00 40.81 ? 91  SER A OG  1 
ATOM 697  N N   . ALA A 1 92  ? -1.212  5.825   22.674  1.00 39.39 ? 92  ALA A N   1 
ATOM 698  C CA  . ALA A 1 92  ? -1.681  6.700   21.614  1.00 38.93 ? 92  ALA A CA  1 
ATOM 699  C C   . ALA A 1 92  ? -1.787  5.816   20.371  1.00 38.90 ? 92  ALA A C   1 
ATOM 700  O O   . ALA A 1 92  ? -0.979  4.901   20.175  1.00 39.74 ? 92  ALA A O   1 
ATOM 701  C CB  . ALA A 1 92  ? -0.696  7.822   21.387  1.00 38.82 ? 92  ALA A CB  1 
ATOM 702  N N   . PRO A 1 93  ? -2.786  6.070   19.515  1.00 36.31 ? 93  PRO A N   1 
ATOM 703  C CA  . PRO A 1 93  ? -2.921  5.239   18.320  1.00 32.99 ? 93  PRO A CA  1 
ATOM 704  C C   . PRO A 1 93  ? -1.756  5.376   17.347  1.00 31.76 ? 93  PRO A C   1 
ATOM 705  O O   . PRO A 1 93  ? -1.231  6.470   17.144  1.00 31.43 ? 93  PRO A O   1 
ATOM 706  C CB  . PRO A 1 93  ? -4.253  5.705   17.739  1.00 32.45 ? 93  PRO A CB  1 
ATOM 707  C CG  . PRO A 1 93  ? -4.304  7.140   18.131  1.00 29.41 ? 93  PRO A CG  1 
ATOM 708  C CD  . PRO A 1 93  ? -3.819  7.121   19.550  1.00 34.24 ? 93  PRO A CD  1 
ATOM 709  N N   . SER A 1 94  ? -1.346  4.258   16.757  1.00 30.84 ? 94  SER A N   1 
ATOM 710  C CA  . SER A 1 94  ? -0.249  4.270   15.796  1.00 31.11 ? 94  SER A CA  1 
ATOM 711  C C   . SER A 1 94  ? -0.760  4.823   14.475  1.00 32.29 ? 94  SER A C   1 
ATOM 712  O O   . SER A 1 94  ? -1.956  4.769   14.198  1.00 35.22 ? 94  SER A O   1 
ATOM 713  C CB  . SER A 1 94  ? 0.277   2.857   15.554  1.00 29.33 ? 94  SER A CB  1 
ATOM 714  O OG  . SER A 1 94  ? -0.497  2.193   14.567  1.00 27.94 ? 94  SER A OG  1 
ATOM 715  N N   . ASP A 1 95  ? 0.145   5.342   13.655  1.00 31.74 ? 95  ASP A N   1 
ATOM 716  C CA  . ASP A 1 95  ? -0.242  5.889   12.360  1.00 28.70 ? 95  ASP A CA  1 
ATOM 717  C C   . ASP A 1 95  ? -1.056  4.865   11.574  1.00 25.43 ? 95  ASP A C   1 
ATOM 718  O O   . ASP A 1 95  ? -0.651  3.713   11.411  1.00 25.78 ? 95  ASP A O   1 
ATOM 719  C CB  . ASP A 1 95  ? 0.998   6.305   11.563  1.00 31.39 ? 95  ASP A CB  1 
ATOM 720  C CG  . ASP A 1 95  ? 1.828   7.350   12.286  1.00 34.45 ? 95  ASP A CG  1 
ATOM 721  O OD1 . ASP A 1 95  ? 1.257   8.364   12.753  1.00 34.36 ? 95  ASP A OD1 1 
ATOM 722  O OD2 . ASP A 1 95  ? 3.057   7.158   12.383  1.00 37.10 ? 95  ASP A OD2 1 
ATOM 723  N N   . PRO A 1 96  ? -2.219  5.280   11.067  1.00 22.01 ? 96  PRO A N   1 
ATOM 724  C CA  . PRO A 1 96  ? -3.087  4.392   10.304  1.00 21.45 ? 96  PRO A CA  1 
ATOM 725  C C   . PRO A 1 96  ? -2.353  3.815   9.127   1.00 23.61 ? 96  PRO A C   1 
ATOM 726  O O   . PRO A 1 96  ? -1.671  4.536   8.416   1.00 26.70 ? 96  PRO A O   1 
ATOM 727  C CB  . PRO A 1 96  ? -4.213  5.309   9.879   1.00 21.00 ? 96  PRO A CB  1 
ATOM 728  C CG  . PRO A 1 96  ? -3.511  6.610   9.705   1.00 21.46 ? 96  PRO A CG  1 
ATOM 729  C CD  . PRO A 1 96  ? -2.653  6.678   10.923  1.00 21.13 ? 96  PRO A CD  1 
ATOM 730  N N   . LEU A 1 97  ? -2.488  2.509   8.931   1.00 25.47 ? 97  LEU A N   1 
ATOM 731  C CA  . LEU A 1 97  ? -1.840  1.818   7.822   1.00 25.50 ? 97  LEU A CA  1 
ATOM 732  C C   . LEU A 1 97  ? -2.916  1.151   6.974   1.00 26.17 ? 97  LEU A C   1 
ATOM 733  O O   . LEU A 1 97  ? -3.771  0.444   7.501   1.00 28.29 ? 97  LEU A O   1 
ATOM 734  C CB  . LEU A 1 97  ? -0.873  0.760   8.349   1.00 23.30 ? 97  LEU A CB  1 
ATOM 735  C CG  . LEU A 1 97  ? -0.201  -0.094  7.278   1.00 23.94 ? 97  LEU A CG  1 
ATOM 736  C CD1 . LEU A 1 97  ? 0.759   0.767   6.502   1.00 24.57 ? 97  LEU A CD1 1 
ATOM 737  C CD2 . LEU A 1 97  ? 0.528   -1.260  7.910   1.00 23.73 ? 97  LEU A CD2 1 
ATOM 738  N N   . ASP A 1 98  ? -2.880  1.371   5.664   1.00 27.80 ? 98  ASP A N   1 
ATOM 739  C CA  . ASP A 1 98  ? -3.884  0.779   4.791   1.00 28.86 ? 98  ASP A CA  1 
ATOM 740  C C   . ASP A 1 98  ? -3.449  -0.530  4.166   1.00 27.43 ? 98  ASP A C   1 
ATOM 741  O O   . ASP A 1 98  ? -2.372  -0.639  3.579   1.00 29.44 ? 98  ASP A O   1 
ATOM 742  C CB  . ASP A 1 98  ? -4.296  1.761   3.695   1.00 31.80 ? 98  ASP A CB  1 
ATOM 743  C CG  . ASP A 1 98  ? -4.972  3.002   4.252   1.00 36.54 ? 98  ASP A CG  1 
ATOM 744  O OD1 . ASP A 1 98  ? -5.631  3.724   3.477   1.00 38.85 ? 98  ASP A OD1 1 
ATOM 745  O OD2 . ASP A 1 98  ? -4.836  3.262   5.465   1.00 37.00 ? 98  ASP A OD2 1 
ATOM 746  N N   . ILE A 1 99  ? -4.304  -1.525  4.314   1.00 22.97 ? 99  ILE A N   1 
ATOM 747  C CA  . ILE A 1 99  ? -4.043  -2.829  3.767   1.00 21.45 ? 99  ILE A CA  1 
ATOM 748  C C   . ILE A 1 99  ? -5.058  -3.010  2.680   1.00 22.54 ? 99  ILE A C   1 
ATOM 749  O O   . ILE A 1 99  ? -6.254  -2.927  2.947   1.00 22.26 ? 99  ILE A O   1 
ATOM 750  C CB  . ILE A 1 99  ? -4.249  -3.885  4.814   1.00 20.31 ? 99  ILE A CB  1 
ATOM 751  C CG1 . ILE A 1 99  ? -3.408  -3.536  6.040   1.00 21.02 ? 99  ILE A CG1 1 
ATOM 752  C CG2 . ILE A 1 99  ? -3.891  -5.238  4.255   1.00 19.82 ? 99  ILE A CG2 1 
ATOM 753  C CD1 . ILE A 1 99  ? -1.956  -3.242  5.735   1.00 21.18 ? 99  ILE A CD1 1 
ATOM 754  N N   . VAL A 1 100 ? -4.581  -3.257  1.462   1.00 21.33 ? 100 VAL A N   1 
ATOM 755  C CA  . VAL A 1 100 ? -5.459  -3.419  0.313   1.00 20.71 ? 100 VAL A CA  1 
ATOM 756  C C   . VAL A 1 100 ? -5.397  -4.757  -0.405  1.00 22.05 ? 100 VAL A C   1 
ATOM 757  O O   . VAL A 1 100 ? -4.438  -5.518  -0.251  1.00 23.09 ? 100 VAL A O   1 
ATOM 758  C CB  . VAL A 1 100 ? -5.183  -2.348  -0.724  1.00 19.76 ? 100 VAL A CB  1 
ATOM 759  C CG1 . VAL A 1 100 ? -5.610  -1.014  -0.190  1.00 23.02 ? 100 VAL A CG1 1 
ATOM 760  C CG2 . VAL A 1 100 ? -3.712  -2.329  -1.068  1.00 17.33 ? 100 VAL A CG2 1 
ATOM 761  N N   . ILE A 1 101 ? -6.449  -5.032  -1.179  1.00 21.79 ? 101 ILE A N   1 
ATOM 762  C CA  . ILE A 1 101 ? -6.551  -6.247  -1.976  1.00 23.80 ? 101 ILE A CA  1 
ATOM 763  C C   . ILE A 1 101 ? -6.288  -5.851  -3.426  1.00 29.63 ? 101 ILE A C   1 
ATOM 764  O O   . ILE A 1 101 ? -6.668  -4.760  -3.865  1.00 29.64 ? 101 ILE A O   1 
ATOM 765  C CB  . ILE A 1 101 ? -7.945  -6.862  -1.937  1.00 19.94 ? 101 ILE A CB  1 
ATOM 766  C CG1 . ILE A 1 101 ? -8.942  -5.802  -1.529  1.00 19.10 ? 101 ILE A CG1 1 
ATOM 767  C CG2 . ILE A 1 101 ? -7.973  -8.068  -1.060  1.00 13.21 ? 101 ILE A CG2 1 
ATOM 768  C CD1 . ILE A 1 101 ? -10.341 -6.241  -1.727  1.00 24.83 ? 101 ILE A CD1 1 
ATOM 769  N N   . THR A 1 102 ? -5.649  -6.757  -4.166  1.00 32.65 ? 102 THR A N   1 
ATOM 770  C CA  . THR A 1 102 ? -5.300  -6.550  -5.567  1.00 31.50 ? 102 THR A CA  1 
ATOM 771  C C   . THR A 1 102 ? -5.941  -7.632  -6.427  1.00 32.47 ? 102 THR A C   1 
ATOM 772  O O   . THR A 1 102 ? -6.253  -8.715  -5.933  1.00 34.24 ? 102 THR A O   1 
ATOM 773  C CB  . THR A 1 102 ? -3.769  -6.641  -5.763  1.00 30.05 ? 102 THR A CB  1 
ATOM 774  O OG1 . THR A 1 102 ? -3.129  -5.566  -5.062  1.00 30.93 ? 102 THR A OG1 1 
ATOM 775  C CG2 . THR A 1 102 ? -3.407  -6.592  -7.240  1.00 29.26 ? 102 THR A CG2 1 
ATOM 776  N N   . GLY A 1 103 ? -6.141  -7.330  -7.707  1.00 32.86 ? 103 GLY A N   1 
ATOM 777  C CA  . GLY A 1 103 ? -6.698  -8.304  -8.634  1.00 30.44 ? 103 GLY A CA  1 
ATOM 778  C C   . GLY A 1 103 ? -8.199  -8.503  -8.663  1.00 27.77 ? 103 GLY A C   1 
ATOM 779  O O   . GLY A 1 103 ? -8.667  -9.552  -9.089  1.00 26.99 ? 103 GLY A O   1 
ATOM 780  N N   . LEU A 1 104 ? -8.953  -7.506  -8.223  1.00 27.02 ? 104 LEU A N   1 
ATOM 781  C CA  . LEU A 1 104 ? -10.402 -7.615  -8.219  1.00 26.37 ? 104 LEU A CA  1 
ATOM 782  C C   . LEU A 1 104 ? -10.991 -7.384  -9.602  1.00 27.25 ? 104 LEU A C   1 
ATOM 783  O O   . LEU A 1 104 ? -11.980 -8.016  -9.962  1.00 27.18 ? 104 LEU A O   1 
ATOM 784  C CB  . LEU A 1 104 ? -11.006 -6.617  -7.234  1.00 22.61 ? 104 LEU A CB  1 
ATOM 785  C CG  . LEU A 1 104 ? -10.636 -6.815  -5.767  1.00 19.34 ? 104 LEU A CG  1 
ATOM 786  C CD1 . LEU A 1 104 ? -11.348 -5.775  -4.963  1.00 18.06 ? 104 LEU A CD1 1 
ATOM 787  C CD2 . LEU A 1 104 ? -11.019 -8.201  -5.287  1.00 18.30 ? 104 LEU A CD2 1 
ATOM 788  N N   . TYR A 1 105 ? -10.395 -6.478  -10.371 1.00 26.92 ? 105 TYR A N   1 
ATOM 789  C CA  . TYR A 1 105 ? -10.890 -6.207  -11.712 1.00 28.79 ? 105 TYR A CA  1 
ATOM 790  C C   . TYR A 1 105 ? -9.801  -6.128  -12.764 1.00 31.22 ? 105 TYR A C   1 
ATOM 791  O O   . TYR A 1 105 ? -8.610  -6.245  -12.470 1.00 30.20 ? 105 TYR A O   1 
ATOM 792  C CB  . TYR A 1 105 ? -11.671 -4.903  -11.759 1.00 27.20 ? 105 TYR A CB  1 
ATOM 793  C CG  . TYR A 1 105 ? -12.013 -4.348  -10.420 1.00 26.55 ? 105 TYR A CG  1 
ATOM 794  C CD1 . TYR A 1 105 ? -13.038 -4.886  -9.661  1.00 26.18 ? 105 TYR A CD1 1 
ATOM 795  C CD2 . TYR A 1 105 ? -11.302 -3.281  -9.907  1.00 29.02 ? 105 TYR A CD2 1 
ATOM 796  C CE1 . TYR A 1 105 ? -13.344 -4.367  -8.412  1.00 29.08 ? 105 TYR A CE1 1 
ATOM 797  C CE2 . TYR A 1 105 ? -11.594 -2.757  -8.671  1.00 29.90 ? 105 TYR A CE2 1 
ATOM 798  C CZ  . TYR A 1 105 ? -12.612 -3.299  -7.926  1.00 30.59 ? 105 TYR A CZ  1 
ATOM 799  O OH  . TYR A 1 105 ? -12.875 -2.760  -6.693  1.00 34.29 ? 105 TYR A OH  1 
ATOM 800  N N   . GLU A 1 106 ? -10.251 -5.904  -13.996 1.00 33.22 ? 106 GLU A N   1 
ATOM 801  C CA  . GLU A 1 106 ? -9.402  -5.798  -15.177 1.00 34.61 ? 106 GLU A CA  1 
ATOM 802  C C   . GLU A 1 106 ? -8.176  -4.919  -14.954 1.00 32.13 ? 106 GLU A C   1 
ATOM 803  O O   . GLU A 1 106 ? -8.288  -3.839  -14.383 1.00 32.84 ? 106 GLU A O   1 
ATOM 804  C CB  . GLU A 1 106 ? -10.234 -5.243  -16.347 1.00 38.94 ? 106 GLU A CB  1 
ATOM 805  C CG  . GLU A 1 106 ? -9.531  -5.267  -17.715 1.00 44.20 ? 106 GLU A CG  1 
ATOM 806  C CD  . GLU A 1 106 ? -9.560  -6.637  -18.401 1.00 45.46 ? 106 GLU A CD  1 
ATOM 807  O OE1 . GLU A 1 106 ? -9.570  -7.679  -17.700 1.00 44.04 ? 106 GLU A OE1 1 
ATOM 808  O OE2 . GLU A 1 106 ? -9.553  -6.661  -19.654 1.00 45.22 ? 106 GLU A OE2 1 
ATOM 809  N N   . LYS A 1 107 ? -7.014  -5.389  -15.412 1.00 29.11 ? 107 LYS A N   1 
ATOM 810  C CA  . LYS A 1 107 ? -5.758  -4.655  -15.283 1.00 27.07 ? 107 LYS A CA  1 
ATOM 811  C C   . LYS A 1 107 ? -5.771  -3.482  -16.244 1.00 27.31 ? 107 LYS A C   1 
ATOM 812  O O   . LYS A 1 107 ? -6.407  -3.539  -17.291 1.00 29.87 ? 107 LYS A O   1 
ATOM 813  C CB  . LYS A 1 107 ? -4.570  -5.554  -15.623 1.00 26.58 ? 107 LYS A CB  1 
ATOM 814  C CG  . LYS A 1 107 ? -4.599  -6.070  -17.048 1.00 30.04 ? 107 LYS A CG  1 
ATOM 815  C CD  . LYS A 1 107 ? -3.380  -6.916  -17.417 1.00 32.39 ? 107 LYS A CD  1 
ATOM 816  C CE  . LYS A 1 107 ? -3.473  -7.385  -18.874 1.00 32.30 ? 107 LYS A CE  1 
ATOM 817  N NZ  . LYS A 1 107 ? -2.273  -8.143  -19.319 1.00 33.45 ? 107 LYS A NZ  1 
ATOM 818  N N   . PRO A 1 108 ? -5.086  -2.391  -15.890 1.00 27.04 ? 108 PRO A N   1 
ATOM 819  C CA  . PRO A 1 108 ? -5.057  -1.226  -16.780 1.00 28.31 ? 108 PRO A CA  1 
ATOM 820  C C   . PRO A 1 108 ? -3.875  -1.246  -17.770 1.00 30.43 ? 108 PRO A C   1 
ATOM 821  O O   . PRO A 1 108 ? -3.133  -2.237  -17.847 1.00 32.36 ? 108 PRO A O   1 
ATOM 822  C CB  . PRO A 1 108 ? -5.002  -0.062  -15.801 1.00 27.48 ? 108 PRO A CB  1 
ATOM 823  C CG  . PRO A 1 108 ? -4.179  -0.618  -14.696 1.00 27.22 ? 108 PRO A CG  1 
ATOM 824  C CD  . PRO A 1 108 ? -4.695  -2.020  -14.519 1.00 25.07 ? 108 PRO A CD  1 
ATOM 825  N N   . SER A 1 109 ? -3.715  -0.164  -18.535 1.00 30.18 ? 109 SER A N   1 
ATOM 826  C CA  . SER A 1 109 ? -2.628  -0.051  -19.516 1.00 30.12 ? 109 SER A CA  1 
ATOM 827  C C   . SER A 1 109 ? -1.650  1.018   -19.078 1.00 28.30 ? 109 SER A C   1 
ATOM 828  O O   . SER A 1 109 ? -2.025  2.179   -18.917 1.00 26.39 ? 109 SER A O   1 
ATOM 829  C CB  . SER A 1 109 ? -3.180  0.311   -20.894 1.00 34.84 ? 109 SER A CB  1 
ATOM 830  O OG  . SER A 1 109 ? -3.899  -0.772  -21.466 1.00 40.72 ? 109 SER A OG  1 
ATOM 831  N N   . LEU A 1 110 ? -0.392  0.625   -18.917 1.00 27.94 ? 110 LEU A N   1 
ATOM 832  C CA  . LEU A 1 110 ? 0.653   1.533   -18.441 1.00 31.76 ? 110 LEU A CA  1 
ATOM 833  C C   . LEU A 1 110 ? 1.659   1.940   -19.512 1.00 36.56 ? 110 LEU A C   1 
ATOM 834  O O   . LEU A 1 110 ? 2.647   1.236   -19.719 1.00 41.33 ? 110 LEU A O   1 
ATOM 835  C CB  . LEU A 1 110 ? 1.399   0.860   -17.284 1.00 27.29 ? 110 LEU A CB  1 
ATOM 836  C CG  . LEU A 1 110 ? 2.616   1.503   -16.636 1.00 21.45 ? 110 LEU A CG  1 
ATOM 837  C CD1 . LEU A 1 110 ? 2.224   2.778   -15.934 1.00 21.87 ? 110 LEU A CD1 1 
ATOM 838  C CD2 . LEU A 1 110 ? 3.208   0.522   -15.653 1.00 19.05 ? 110 LEU A CD2 1 
ATOM 839  N N   . SER A 1 111 ? 1.424   3.073   -20.177 1.00 38.42 ? 111 SER A N   1 
ATOM 840  C CA  . SER A 1 111 ? 2.329   3.547   -21.227 1.00 37.63 ? 111 SER A CA  1 
ATOM 841  C C   . SER A 1 111 ? 3.379   4.498   -20.666 1.00 37.41 ? 111 SER A C   1 
ATOM 842  O O   . SER A 1 111 ? 3.137   5.178   -19.669 1.00 35.29 ? 111 SER A O   1 
ATOM 843  C CB  . SER A 1 111 ? 1.551   4.265   -22.328 1.00 37.89 ? 111 SER A CB  1 
ATOM 844  O OG  . SER A 1 111 ? 1.866   5.645   -22.336 1.00 36.44 ? 111 SER A OG  1 
ATOM 845  N N   . ALA A 1 112 ? 4.542   4.537   -21.312 1.00 39.91 ? 112 ALA A N   1 
ATOM 846  C CA  . ALA A 1 112 ? 5.637   5.409   -20.890 1.00 42.85 ? 112 ALA A CA  1 
ATOM 847  C C   . ALA A 1 112 ? 5.720   6.593   -21.851 1.00 44.88 ? 112 ALA A C   1 
ATOM 848  O O   . ALA A 1 112 ? 5.073   6.596   -22.897 1.00 45.38 ? 112 ALA A O   1 
ATOM 849  C CB  . ALA A 1 112 ? 6.959   4.633   -20.881 1.00 41.47 ? 112 ALA A CB  1 
ATOM 850  N N   . GLN A 1 113 ? 6.509   7.600   -21.497 1.00 45.53 ? 113 GLN A N   1 
ATOM 851  C CA  . GLN A 1 113 ? 6.638   8.770   -22.354 1.00 46.44 ? 113 GLN A CA  1 
ATOM 852  C C   . GLN A 1 113 ? 7.687   9.720   -21.783 1.00 46.37 ? 113 GLN A C   1 
ATOM 853  O O   . GLN A 1 113 ? 7.675   10.005  -20.585 1.00 46.31 ? 113 GLN A O   1 
ATOM 854  C CB  . GLN A 1 113 ? 5.281   9.455   -22.461 1.00 48.25 ? 113 GLN A CB  1 
ATOM 855  C CG  . GLN A 1 113 ? 5.182   10.512  -23.530 1.00 55.56 ? 113 GLN A CG  1 
ATOM 856  C CD  . GLN A 1 113 ? 3.740   10.792  -23.915 1.00 59.79 ? 113 GLN A CD  1 
ATOM 857  O OE1 . GLN A 1 113 ? 2.895   11.039  -23.054 1.00 62.59 ? 113 GLN A OE1 1 
ATOM 858  N NE2 . GLN A 1 113 ? 3.451   10.755  -25.214 1.00 61.91 ? 113 GLN A NE2 1 
ATOM 859  N N   . PRO A 1 114 ? 8.606   10.236  -22.629 1.00 46.04 ? 114 PRO A N   1 
ATOM 860  C CA  . PRO A 1 114 ? 8.808   10.060  -24.076 1.00 43.97 ? 114 PRO A CA  1 
ATOM 861  C C   . PRO A 1 114 ? 8.557   8.639   -24.523 1.00 42.82 ? 114 PRO A C   1 
ATOM 862  O O   . PRO A 1 114 ? 7.635   8.356   -25.284 1.00 42.94 ? 114 PRO A O   1 
ATOM 863  C CB  . PRO A 1 114 ? 10.268  10.446  -24.267 1.00 44.43 ? 114 PRO A CB  1 
ATOM 864  C CG  . PRO A 1 114 ? 10.482  11.467  -23.227 1.00 45.15 ? 114 PRO A CG  1 
ATOM 865  C CD  . PRO A 1 114 ? 9.810   10.838  -22.033 1.00 46.26 ? 114 PRO A CD  1 
ATOM 866  N N   . GLY A 1 115 ? 9.409   7.750   -24.040 1.00 39.74 ? 115 GLY A N   1 
ATOM 867  C CA  . GLY A 1 115 ? 9.278   6.351   -24.360 1.00 38.64 ? 115 GLY A CA  1 
ATOM 868  C C   . GLY A 1 115 ? 9.820   5.663   -23.140 1.00 39.32 ? 115 GLY A C   1 
ATOM 869  O O   . GLY A 1 115 ? 10.101  6.332   -22.149 1.00 40.29 ? 115 GLY A O   1 
ATOM 870  N N   . PRO A 1 116 ? 9.965   4.335   -23.162 1.00 38.98 ? 116 PRO A N   1 
ATOM 871  C CA  . PRO A 1 116 ? 10.492  3.622   -21.999 1.00 40.57 ? 116 PRO A CA  1 
ATOM 872  C C   . PRO A 1 116 ? 12.026  3.439   -21.999 1.00 43.36 ? 116 PRO A C   1 
ATOM 873  O O   . PRO A 1 116 ? 12.552  2.592   -21.263 1.00 43.70 ? 116 PRO A O   1 
ATOM 874  C CB  . PRO A 1 116 ? 9.742   2.301   -22.059 1.00 38.51 ? 116 PRO A CB  1 
ATOM 875  C CG  . PRO A 1 116 ? 9.665   2.063   -23.517 1.00 35.97 ? 116 PRO A CG  1 
ATOM 876  C CD  . PRO A 1 116 ? 9.257   3.409   -24.058 1.00 35.11 ? 116 PRO A CD  1 
ATOM 877  N N   . THR A 1 117 ? 12.739  4.230   -22.814 1.00 43.41 ? 117 THR A N   1 
ATOM 878  C CA  . THR A 1 117 ? 14.202  4.140   -22.870 1.00 42.20 ? 117 THR A CA  1 
ATOM 879  C C   . THR A 1 117 ? 14.941  5.474   -22.889 1.00 41.42 ? 117 THR A C   1 
ATOM 880  O O   . THR A 1 117 ? 16.064  5.560   -23.384 1.00 42.93 ? 117 THR A O   1 
ATOM 881  C CB  . THR A 1 117 ? 14.672  3.366   -24.081 1.00 41.91 ? 117 THR A CB  1 
ATOM 882  O OG1 . THR A 1 117 ? 13.581  2.623   -24.624 1.00 45.77 ? 117 THR A OG1 1 
ATOM 883  C CG2 . THR A 1 117 ? 15.789  2.417   -23.677 1.00 42.29 ? 117 THR A CG2 1 
ATOM 884  N N   . VAL A 1 118 ? 14.307  6.506   -22.346 1.00 39.92 ? 118 VAL A N   1 
ATOM 885  C CA  . VAL A 1 118 ? 14.894  7.838   -22.263 1.00 38.69 ? 118 VAL A CA  1 
ATOM 886  C C   . VAL A 1 118 ? 16.366  7.754   -21.843 1.00 38.05 ? 118 VAL A C   1 
ATOM 887  O O   . VAL A 1 118 ? 16.808  6.743   -21.292 1.00 37.14 ? 118 VAL A O   1 
ATOM 888  C CB  . VAL A 1 118 ? 14.143  8.712   -21.214 1.00 39.49 ? 118 VAL A CB  1 
ATOM 889  C CG1 . VAL A 1 118 ? 12.659  8.821   -21.563 1.00 39.01 ? 118 VAL A CG1 1 
ATOM 890  C CG2 . VAL A 1 118 ? 14.317  8.114   -19.822 1.00 36.86 ? 118 VAL A CG2 1 
ATOM 891  N N   . LEU A 1 119 ? 17.122  8.814   -22.107 1.00 35.96 ? 119 LEU A N   1 
ATOM 892  C CA  . LEU A 1 119 ? 18.525  8.843   -21.724 1.00 32.41 ? 119 LEU A CA  1 
ATOM 893  C C   . LEU A 1 119 ? 18.582  9.490   -20.361 1.00 31.33 ? 119 LEU A C   1 
ATOM 894  O O   . LEU A 1 119 ? 17.649  10.187  -19.969 1.00 29.59 ? 119 LEU A O   1 
ATOM 895  C CB  . LEU A 1 119 ? 19.344  9.684   -22.699 1.00 31.94 ? 119 LEU A CB  1 
ATOM 896  C CG  . LEU A 1 119 ? 19.261  9.401   -24.196 1.00 31.15 ? 119 LEU A CG  1 
ATOM 897  C CD1 . LEU A 1 119 ? 20.442  10.083  -24.844 1.00 29.19 ? 119 LEU A CD1 1 
ATOM 898  C CD2 . LEU A 1 119 ? 19.292  7.897   -24.497 1.00 33.20 ? 119 LEU A CD2 1 
ATOM 899  N N   . ALA A 1 120 ? 19.675  9.266   -19.641 1.00 31.11 ? 120 ALA A N   1 
ATOM 900  C CA  . ALA A 1 120 ? 19.844  9.854   -18.316 1.00 32.72 ? 120 ALA A CA  1 
ATOM 901  C C   . ALA A 1 120 ? 19.628  11.373  -18.381 1.00 33.95 ? 120 ALA A C   1 
ATOM 902  O O   . ALA A 1 120 ? 20.218  12.069  -19.213 1.00 35.89 ? 120 ALA A O   1 
ATOM 903  C CB  . ALA A 1 120 ? 21.244  9.534   -17.778 1.00 29.06 ? 120 ALA A CB  1 
ATOM 904  N N   . GLY A 1 121 ? 18.769  11.893  -17.512 1.00 33.24 ? 121 GLY A N   1 
ATOM 905  C CA  . GLY A 1 121 ? 18.527  13.323  -17.520 1.00 31.75 ? 121 GLY A CA  1 
ATOM 906  C C   . GLY A 1 121 ? 17.174  13.678  -18.088 1.00 30.14 ? 121 GLY A C   1 
ATOM 907  O O   . GLY A 1 121 ? 16.542  14.626  -17.632 1.00 30.03 ? 121 GLY A O   1 
ATOM 908  N N   . GLU A 1 122 ? 16.726  12.920  -19.083 1.00 30.23 ? 122 GLU A N   1 
ATOM 909  C CA  . GLU A 1 122 ? 15.427  13.161  -19.705 1.00 29.86 ? 122 GLU A CA  1 
ATOM 910  C C   . GLU A 1 122 ? 14.298  12.889  -18.721 1.00 29.07 ? 122 GLU A C   1 
ATOM 911  O O   . GLU A 1 122 ? 14.345  11.917  -17.981 1.00 30.56 ? 122 GLU A O   1 
ATOM 912  C CB  . GLU A 1 122 ? 15.256  12.275  -20.942 1.00 28.55 ? 122 GLU A CB  1 
ATOM 913  C CG  . GLU A 1 122 ? 15.327  13.029  -22.250 1.00 25.55 ? 122 GLU A CG  1 
ATOM 914  C CD  . GLU A 1 122 ? 15.326  12.108  -23.437 1.00 26.06 ? 122 GLU A CD  1 
ATOM 915  O OE1 . GLU A 1 122 ? 16.245  11.268  -23.526 1.00 24.14 ? 122 GLU A OE1 1 
ATOM 916  O OE2 . GLU A 1 122 ? 14.409  12.226  -24.275 1.00 27.35 ? 122 GLU A OE2 1 
ATOM 917  N N   . SER A 1 123 ? 13.286  13.747  -18.702 1.00 28.92 ? 123 SER A N   1 
ATOM 918  C CA  . SER A 1 123 ? 12.179  13.556  -17.784 1.00 28.56 ? 123 SER A CA  1 
ATOM 919  C C   . SER A 1 123 ? 11.219  12.559  -18.383 1.00 27.17 ? 123 SER A C   1 
ATOM 920  O O   . SER A 1 123 ? 11.042  12.530  -19.591 1.00 27.24 ? 123 SER A O   1 
ATOM 921  C CB  . SER A 1 123 ? 11.481  14.885  -17.518 1.00 31.47 ? 123 SER A CB  1 
ATOM 922  O OG  . SER A 1 123 ? 12.373  15.801  -16.897 1.00 37.01 ? 123 SER A OG  1 
ATOM 923  N N   . VAL A 1 124 ? 10.619  11.734  -17.528 1.00 26.86 ? 124 VAL A N   1 
ATOM 924  C CA  . VAL A 1 124 ? 9.670   10.700  -17.943 1.00 28.38 ? 124 VAL A CA  1 
ATOM 925  C C   . VAL A 1 124 ? 8.302   10.910  -17.296 1.00 29.77 ? 124 VAL A C   1 
ATOM 926  O O   . VAL A 1 124 ? 8.199   11.456  -16.196 1.00 31.06 ? 124 VAL A O   1 
ATOM 927  C CB  . VAL A 1 124 ? 10.172  9.275   -17.549 1.00 26.08 ? 124 VAL A CB  1 
ATOM 928  C CG1 . VAL A 1 124 ? 9.140   8.229   -17.934 1.00 21.51 ? 124 VAL A CG1 1 
ATOM 929  C CG2 . VAL A 1 124 ? 11.489  8.975   -18.233 1.00 25.50 ? 124 VAL A CG2 1 
ATOM 930  N N   . THR A 1 125 ? 7.253   10.475  -17.984 1.00 29.67 ? 125 THR A N   1 
ATOM 931  C CA  . THR A 1 125 ? 5.901   10.599  -17.462 1.00 28.94 ? 125 THR A CA  1 
ATOM 932  C C   . THR A 1 125 ? 5.146   9.316   -17.714 1.00 29.04 ? 125 THR A C   1 
ATOM 933  O O   . THR A 1 125 ? 4.560   9.139   -18.777 1.00 31.96 ? 125 THR A O   1 
ATOM 934  C CB  . THR A 1 125 ? 5.120   11.763  -18.128 1.00 28.82 ? 125 THR A CB  1 
ATOM 935  O OG1 . THR A 1 125 ? 5.674   13.014  -17.704 1.00 28.96 ? 125 THR A OG1 1 
ATOM 936  C CG2 . THR A 1 125 ? 3.640   11.721  -17.745 1.00 25.89 ? 125 THR A CG2 1 
ATOM 937  N N   . LEU A 1 126 ? 5.183   8.402   -16.754 1.00 26.61 ? 126 LEU A N   1 
ATOM 938  C CA  . LEU A 1 126 ? 4.437   7.173   -16.916 1.00 25.94 ? 126 LEU A CA  1 
ATOM 939  C C   . LEU A 1 126 ? 3.017   7.656   -16.842 1.00 28.12 ? 126 LEU A C   1 
ATOM 940  O O   . LEU A 1 126 ? 2.718   8.576   -16.083 1.00 30.47 ? 126 LEU A O   1 
ATOM 941  C CB  . LEU A 1 126 ? 4.717   6.210   -15.785 1.00 24.79 ? 126 LEU A CB  1 
ATOM 942  C CG  . LEU A 1 126 ? 6.083   5.567   -15.911 1.00 26.06 ? 126 LEU A CG  1 
ATOM 943  C CD1 . LEU A 1 126 ? 6.299   4.637   -14.735 1.00 30.46 ? 126 LEU A CD1 1 
ATOM 944  C CD2 . LEU A 1 126 ? 6.174   4.822   -17.232 1.00 27.28 ? 126 LEU A CD2 1 
ATOM 945  N N   . SER A 1 127 ? 2.145   7.048   -17.633 1.00 28.87 ? 127 SER A N   1 
ATOM 946  C CA  . SER A 1 127 ? 0.754   7.457   -17.675 1.00 30.38 ? 127 SER A CA  1 
ATOM 947  C C   . SER A 1 127 ? -0.107  6.258   -18.018 1.00 31.06 ? 127 SER A C   1 
ATOM 948  O O   . SER A 1 127 ? -0.017  5.735   -19.121 1.00 33.49 ? 127 SER A O   1 
ATOM 949  C CB  . SER A 1 127 ? 0.595   8.543   -18.743 1.00 29.90 ? 127 SER A CB  1 
ATOM 950  O OG  . SER A 1 127 ? -0.750  8.945   -18.895 1.00 28.40 ? 127 SER A OG  1 
ATOM 951  N N   . CYS A 1 128 ? -0.942  5.808   -17.090 1.00 31.29 ? 128 CYS A N   1 
ATOM 952  C CA  . CYS A 1 128 ? -1.780  4.656   -17.392 1.00 34.62 ? 128 CYS A CA  1 
ATOM 953  C C   . CYS A 1 128 ? -3.252  4.984   -17.531 1.00 34.78 ? 128 CYS A C   1 
ATOM 954  O O   . CYS A 1 128 ? -3.693  6.055   -17.127 1.00 36.04 ? 128 CYS A O   1 
ATOM 955  C CB  . CYS A 1 128 ? -1.569  3.530   -16.367 1.00 35.80 ? 128 CYS A CB  1 
ATOM 956  S SG  . CYS A 1 128 ? -1.651  3.913   -14.586 1.00 38.15 ? 128 CYS A SG  1 
ATOM 957  N N   . SER A 1 129 ? -4.006  4.052   -18.112 1.00 33.80 ? 129 SER A N   1 
ATOM 958  C CA  . SER A 1 129 ? -5.427  4.267   -18.342 1.00 35.58 ? 129 SER A CA  1 
ATOM 959  C C   . SER A 1 129 ? -6.245  2.992   -18.500 1.00 36.13 ? 129 SER A C   1 
ATOM 960  O O   . SER A 1 129 ? -5.716  1.882   -18.423 1.00 37.86 ? 129 SER A O   1 
ATOM 961  C CB  . SER A 1 129 ? -5.595  5.098   -19.599 1.00 38.58 ? 129 SER A CB  1 
ATOM 962  O OG  . SER A 1 129 ? -4.896  4.474   -20.663 1.00 43.44 ? 129 SER A OG  1 
ATOM 963  N N   . SER A 1 130 ? -7.541  3.167   -18.744 1.00 35.61 ? 130 SER A N   1 
ATOM 964  C CA  . SER A 1 130 ? -8.455  2.047   -18.913 1.00 36.32 ? 130 SER A CA  1 
ATOM 965  C C   . SER A 1 130 ? -9.783  2.490   -19.547 1.00 38.92 ? 130 SER A C   1 
ATOM 966  O O   . SER A 1 130 ? -10.093 3.680   -19.583 1.00 41.87 ? 130 SER A O   1 
ATOM 967  C CB  . SER A 1 130 ? -8.716  1.394   -17.551 1.00 33.86 ? 130 SER A CB  1 
ATOM 968  O OG  . SER A 1 130 ? -9.573  0.270   -17.659 1.00 30.68 ? 130 SER A OG  1 
ATOM 969  N N   . ARG A 1 131 ? -10.547 1.528   -20.060 1.00 39.82 ? 131 ARG A N   1 
ATOM 970  C CA  . ARG A 1 131 ? -11.850 1.793   -20.676 1.00 39.47 ? 131 ARG A CA  1 
ATOM 971  C C   . ARG A 1 131 ? -12.819 1.875   -19.495 1.00 38.94 ? 131 ARG A C   1 
ATOM 972  O O   . ARG A 1 131 ? -13.910 2.440   -19.597 1.00 39.12 ? 131 ARG A O   1 
ATOM 973  C CB  . ARG A 1 131 ? -12.254 0.624   -21.597 1.00 42.83 ? 131 ARG A CB  1 
ATOM 974  C CG  . ARG A 1 131 ? -13.335 0.937   -22.645 1.00 46.74 ? 131 ARG A CG  1 
ATOM 975  C CD  . ARG A 1 131 ? -12.699 1.466   -23.932 1.00 48.82 ? 131 ARG A CD  1 
ATOM 976  N NE  . ARG A 1 131 ? -13.670 1.968   -24.906 1.00 50.10 ? 131 ARG A NE  1 
ATOM 977  C CZ  . ARG A 1 131 ? -13.354 2.444   -26.114 1.00 51.38 ? 131 ARG A CZ  1 
ATOM 978  N NH1 . ARG A 1 131 ? -12.086 2.486   -26.519 1.00 50.16 ? 131 ARG A NH1 1 
ATOM 979  N NH2 . ARG A 1 131 ? -14.312 2.889   -26.917 1.00 51.09 ? 131 ARG A NH2 1 
ATOM 980  N N   . SER A 1 132 ? -12.395 1.300   -18.372 1.00 36.28 ? 132 SER A N   1 
ATOM 981  C CA  . SER A 1 132 ? -13.186 1.278   -17.158 1.00 34.41 ? 132 SER A CA  1 
ATOM 982  C C   . SER A 1 132 ? -13.170 2.654   -16.536 1.00 35.01 ? 132 SER A C   1 
ATOM 983  O O   . SER A 1 132 ? -12.279 3.453   -16.793 1.00 33.53 ? 132 SER A O   1 
ATOM 984  C CB  . SER A 1 132 ? -12.606 0.272   -16.177 1.00 33.45 ? 132 SER A CB  1 
ATOM 985  O OG  . SER A 1 132 ? -12.360 -0.959  -16.822 1.00 36.41 ? 132 SER A OG  1 
ATOM 986  N N   . SER A 1 133 ? -14.157 2.919   -15.694 1.00 37.39 ? 133 SER A N   1 
ATOM 987  C CA  . SER A 1 133 ? -14.283 4.210   -15.033 1.00 37.41 ? 133 SER A CA  1 
ATOM 988  C C   . SER A 1 133 ? -13.507 4.346   -13.711 1.00 37.27 ? 133 SER A C   1 
ATOM 989  O O   . SER A 1 133 ? -14.067 4.783   -12.701 1.00 38.52 ? 133 SER A O   1 
ATOM 990  C CB  . SER A 1 133 ? -15.772 4.504   -14.798 1.00 38.60 ? 133 SER A CB  1 
ATOM 991  O OG  . SER A 1 133 ? -16.424 3.408   -14.163 1.00 37.31 ? 133 SER A OG  1 
ATOM 992  N N   . TYR A 1 134 ? -12.224 3.991   -13.713 1.00 35.08 ? 134 TYR A N   1 
ATOM 993  C CA  . TYR A 1 134 ? -11.423 4.096   -12.495 1.00 33.25 ? 134 TYR A CA  1 
ATOM 994  C C   . TYR A 1 134 ? -11.318 5.552   -12.040 1.00 33.18 ? 134 TYR A C   1 
ATOM 995  O O   . TYR A 1 134 ? -11.072 6.453   -12.845 1.00 32.05 ? 134 TYR A O   1 
ATOM 996  C CB  . TYR A 1 134 ? -10.027 3.508   -12.722 1.00 31.36 ? 134 TYR A CB  1 
ATOM 997  C CG  . TYR A 1 134 ? -10.018 2.014   -12.972 1.00 30.22 ? 134 TYR A CG  1 
ATOM 998  C CD1 . TYR A 1 134 ? -10.419 1.120   -11.985 1.00 30.59 ? 134 TYR A CD1 1 
ATOM 999  C CD2 . TYR A 1 134 ? -9.632  1.493   -14.204 1.00 31.04 ? 134 TYR A CD2 1 
ATOM 1000 C CE1 . TYR A 1 134 ? -10.440 -0.263  -12.221 1.00 29.36 ? 134 TYR A CE1 1 
ATOM 1001 C CE2 . TYR A 1 134 ? -9.651  0.111   -14.449 1.00 29.58 ? 134 TYR A CE2 1 
ATOM 1002 C CZ  . TYR A 1 134 ? -10.058 -0.758  -13.455 1.00 28.05 ? 134 TYR A CZ  1 
ATOM 1003 O OH  . TYR A 1 134 ? -10.107 -2.111  -13.699 1.00 25.09 ? 134 TYR A OH  1 
ATOM 1004 N N   . ASP A 1 135 ? -11.511 5.774   -10.744 1.00 35.18 ? 135 ASP A N   1 
ATOM 1005 C CA  . ASP A 1 135 ? -11.446 7.115   -10.170 1.00 37.05 ? 135 ASP A CA  1 
ATOM 1006 C C   . ASP A 1 135 ? -10.058 7.433   -9.648  1.00 37.22 ? 135 ASP A C   1 
ATOM 1007 O O   . ASP A 1 135 ? -9.743  8.589   -9.391  1.00 37.71 ? 135 ASP A O   1 
ATOM 1008 C CB  . ASP A 1 135 ? -12.442 7.257   -9.020  1.00 36.91 ? 135 ASP A CB  1 
ATOM 1009 C CG  . ASP A 1 135 ? -13.816 6.737   -9.375  1.00 38.76 ? 135 ASP A CG  1 
ATOM 1010 O OD1 . ASP A 1 135 ? -14.293 7.050   -10.493 1.00 38.90 ? 135 ASP A OD1 1 
ATOM 1011 O OD2 . ASP A 1 135 ? -14.416 6.025   -8.533  1.00 39.26 ? 135 ASP A OD2 1 
ATOM 1012 N N   . MET A 1 136 ? -9.236  6.404   -9.486  1.00 37.74 ? 136 MET A N   1 
ATOM 1013 C CA  . MET A 1 136 ? -7.880  6.586   -8.993  1.00 38.28 ? 136 MET A CA  1 
ATOM 1014 C C   . MET A 1 136 ? -6.927  5.677   -9.737  1.00 36.14 ? 136 MET A C   1 
ATOM 1015 O O   . MET A 1 136 ? -7.349  4.739   -10.406 1.00 37.56 ? 136 MET A O   1 
ATOM 1016 C CB  . MET A 1 136 ? -7.806  6.248   -7.509  1.00 44.86 ? 136 MET A CB  1 
ATOM 1017 C CG  . MET A 1 136 ? -8.716  7.079   -6.634  1.00 54.18 ? 136 MET A CG  1 
ATOM 1018 S SD  . MET A 1 136 ? -8.243  8.818   -6.613  1.00 63.55 ? 136 MET A SD  1 
ATOM 1019 C CE  . MET A 1 136 ? -8.515  9.238   -4.847  1.00 62.42 ? 136 MET A CE  1 
ATOM 1020 N N   . TYR A 1 137 ? -5.637  5.962   -9.606  1.00 33.20 ? 137 TYR A N   1 
ATOM 1021 C CA  . TYR A 1 137 ? -4.581  5.171   -10.229 1.00 29.22 ? 137 TYR A CA  1 
ATOM 1022 C C   . TYR A 1 137 ? -3.355  5.209   -9.319  1.00 29.20 ? 137 TYR A C   1 
ATOM 1023 O O   . TYR A 1 137 ? -2.926  6.281   -8.898  1.00 29.62 ? 137 TYR A O   1 
ATOM 1024 C CB  . TYR A 1 137 ? -4.266  5.726   -11.605 1.00 25.38 ? 137 TYR A CB  1 
ATOM 1025 C CG  . TYR A 1 137 ? -5.239  5.277   -12.670 1.00 26.11 ? 137 TYR A CG  1 
ATOM 1026 C CD1 . TYR A 1 137 ? -5.203  3.971   -13.172 1.00 26.39 ? 137 TYR A CD1 1 
ATOM 1027 C CD2 . TYR A 1 137 ? -6.164  6.166   -13.217 1.00 27.74 ? 137 TYR A CD2 1 
ATOM 1028 C CE1 . TYR A 1 137 ? -6.057  3.562   -14.201 1.00 28.48 ? 137 TYR A CE1 1 
ATOM 1029 C CE2 . TYR A 1 137 ? -7.027  5.769   -14.250 1.00 27.98 ? 137 TYR A CE2 1 
ATOM 1030 C CZ  . TYR A 1 137 ? -6.964  4.470   -14.737 1.00 29.85 ? 137 TYR A CZ  1 
ATOM 1031 O OH  . TYR A 1 137 ? -7.789  4.090   -15.771 1.00 29.32 ? 137 TYR A OH  1 
ATOM 1032 N N   . HIS A 1 138 ? -2.806  4.032   -9.018  1.00 30.14 ? 138 HIS A N   1 
ATOM 1033 C CA  . HIS A 1 138 ? -1.660  3.887   -8.112  1.00 29.30 ? 138 HIS A CA  1 
ATOM 1034 C C   . HIS A 1 138 ? -0.395  3.367   -8.777  1.00 27.58 ? 138 HIS A C   1 
ATOM 1035 O O   . HIS A 1 138 ? -0.408  2.324   -9.418  1.00 26.28 ? 138 HIS A O   1 
ATOM 1036 C CB  . HIS A 1 138 ? -2.057  2.958   -6.973  1.00 30.20 ? 138 HIS A CB  1 
ATOM 1037 C CG  . HIS A 1 138 ? -3.404  3.267   -6.403  1.00 29.33 ? 138 HIS A CG  1 
ATOM 1038 N ND1 . HIS A 1 138 ? -3.667  3.228   -5.052  1.00 29.70 ? 138 HIS A ND1 1 
ATOM 1039 C CD2 . HIS A 1 138 ? -4.556  3.649   -7.001  1.00 26.06 ? 138 HIS A CD2 1 
ATOM 1040 C CE1 . HIS A 1 138 ? -4.923  3.578   -4.844  1.00 29.95 ? 138 HIS A CE1 1 
ATOM 1041 N NE2 . HIS A 1 138 ? -5.485  3.838   -6.010  1.00 26.63 ? 138 HIS A NE2 1 
ATOM 1042 N N   . LEU A 1 139 ? 0.705   4.084   -8.599  1.00 27.78 ? 139 LEU A N   1 
ATOM 1043 C CA  . LEU A 1 139 ? 1.956   3.691   -9.224  1.00 29.27 ? 139 LEU A CA  1 
ATOM 1044 C C   . LEU A 1 139 ? 2.924   3.028   -8.260  1.00 29.61 ? 139 LEU A C   1 
ATOM 1045 O O   . LEU A 1 139 ? 3.377   3.643   -7.301  1.00 30.31 ? 139 LEU A O   1 
ATOM 1046 C CB  . LEU A 1 139 ? 2.624   4.912   -9.844  1.00 30.15 ? 139 LEU A CB  1 
ATOM 1047 C CG  . LEU A 1 139 ? 3.799   4.619   -10.776 1.00 31.73 ? 139 LEU A CG  1 
ATOM 1048 C CD1 . LEU A 1 139 ? 3.278   4.253   -12.162 1.00 29.38 ? 139 LEU A CD1 1 
ATOM 1049 C CD2 . LEU A 1 139 ? 4.699   5.839   -10.854 1.00 33.22 ? 139 LEU A CD2 1 
ATOM 1050 N N   . SER A 1 140 ? 3.251   1.771   -8.524  1.00 30.58 ? 140 SER A N   1 
ATOM 1051 C CA  . SER A 1 140 ? 4.174   1.037   -7.675  1.00 33.69 ? 140 SER A CA  1 
ATOM 1052 C C   . SER A 1 140 ? 5.479   0.772   -8.392  1.00 36.48 ? 140 SER A C   1 
ATOM 1053 O O   . SER A 1 140 ? 5.508   -0.047  -9.306  1.00 37.84 ? 140 SER A O   1 
ATOM 1054 C CB  . SER A 1 140 ? 3.573   -0.309  -7.255  1.00 34.07 ? 140 SER A CB  1 
ATOM 1055 O OG  . SER A 1 140 ? 2.749   -0.184  -6.105  1.00 37.62 ? 140 SER A OG  1 
ATOM 1056 N N   . ARG A 1 141 ? 6.552   1.457   -7.998  1.00 39.09 ? 141 ARG A N   1 
ATOM 1057 C CA  . ARG A 1 141 ? 7.847   1.210   -8.626  1.00 43.73 ? 141 ARG A CA  1 
ATOM 1058 C C   . ARG A 1 141 ? 8.466   0.008   -7.925  1.00 46.64 ? 141 ARG A C   1 
ATOM 1059 O O   . ARG A 1 141 ? 8.899   0.106   -6.781  1.00 46.70 ? 141 ARG A O   1 
ATOM 1060 C CB  . ARG A 1 141 ? 8.784   2.402   -8.481  1.00 45.10 ? 141 ARG A CB  1 
ATOM 1061 C CG  . ARG A 1 141 ? 10.145  2.163   -9.128  1.00 49.58 ? 141 ARG A CG  1 
ATOM 1062 C CD  . ARG A 1 141 ? 11.160  3.161   -8.619  1.00 56.52 ? 141 ARG A CD  1 
ATOM 1063 N NE  . ARG A 1 141 ? 12.460  3.051   -9.278  1.00 65.09 ? 141 ARG A NE  1 
ATOM 1064 C CZ  . ARG A 1 141 ? 13.571  3.658   -8.855  1.00 69.09 ? 141 ARG A CZ  1 
ATOM 1065 N NH1 . ARG A 1 141 ? 13.544  4.416   -7.762  1.00 69.92 ? 141 ARG A NH1 1 
ATOM 1066 N NH2 . ARG A 1 141 ? 14.706  3.528   -9.537  1.00 70.30 ? 141 ARG A NH2 1 
ATOM 1067 N N   . GLU A 1 142 ? 8.497   -1.122  -8.624  1.00 50.83 ? 142 GLU A N   1 
ATOM 1068 C CA  . GLU A 1 142 ? 9.037   -2.380  -8.105  1.00 53.63 ? 142 GLU A CA  1 
ATOM 1069 C C   . GLU A 1 142 ? 9.883   -2.214  -6.853  1.00 55.76 ? 142 GLU A C   1 
ATOM 1070 O O   . GLU A 1 142 ? 11.045  -1.811  -6.928  1.00 57.01 ? 142 GLU A O   1 
ATOM 1071 C CB  . GLU A 1 142 ? 9.875   -3.088  -9.181  1.00 53.99 ? 142 GLU A CB  1 
ATOM 1072 C CG  . GLU A 1 142 ? 10.246  -4.536  -8.849  1.00 53.12 ? 142 GLU A CG  1 
ATOM 1073 C CD  . GLU A 1 142 ? 9.131   -5.535  -9.149  1.00 53.55 ? 142 GLU A CD  1 
ATOM 1074 O OE1 . GLU A 1 142 ? 8.826   -5.753  -10.341 1.00 54.66 ? 142 GLU A OE1 1 
ATOM 1075 O OE2 . GLU A 1 142 ? 8.564   -6.106  -8.191  1.00 53.46 ? 142 GLU A OE2 1 
ATOM 1076 N N   . GLY A 1 143 ? 9.280   -2.517  -5.706  1.00 58.62 ? 143 GLY A N   1 
ATOM 1077 C CA  . GLY A 1 143 ? 9.982   -2.431  -4.432  1.00 61.72 ? 143 GLY A CA  1 
ATOM 1078 C C   . GLY A 1 143 ? 10.272  -1.046  -3.879  1.00 62.58 ? 143 GLY A C   1 
ATOM 1079 O O   . GLY A 1 143 ? 10.178  -0.821  -2.672  1.00 62.27 ? 143 GLY A O   1 
ATOM 1080 N N   . GLU A 1 144 ? 10.638  -0.123  -4.758  1.00 64.29 ? 144 GLU A N   1 
ATOM 1081 C CA  . GLU A 1 144 ? 10.949  1.241   -4.356  1.00 65.85 ? 144 GLU A CA  1 
ATOM 1082 C C   . GLU A 1 144 ? 10.006  1.688   -3.241  1.00 65.60 ? 144 GLU A C   1 
ATOM 1083 O O   . GLU A 1 144 ? 8.778   1.603   -3.374  1.00 64.02 ? 144 GLU A O   1 
ATOM 1084 C CB  . GLU A 1 144 ? 10.831  2.167   -5.570  1.00 68.93 ? 144 GLU A CB  1 
ATOM 1085 C CG  . GLU A 1 144 ? 11.683  3.437   -5.515  1.00 71.28 ? 144 GLU A CG  1 
ATOM 1086 C CD  . GLU A 1 144 ? 10.894  4.669   -5.102  1.00 72.50 ? 144 GLU A CD  1 
ATOM 1087 O OE1 . GLU A 1 144 ? 11.334  5.788   -5.444  1.00 72.32 ? 144 GLU A OE1 1 
ATOM 1088 O OE2 . GLU A 1 144 ? 9.846   4.520   -4.435  1.00 73.80 ? 144 GLU A OE2 1 
ATOM 1089 N N   . ALA A 1 145 ? 10.607  2.141   -2.141  1.00 65.99 ? 145 ALA A N   1 
ATOM 1090 C CA  . ALA A 1 145 ? 9.900   2.606   -0.951  1.00 66.94 ? 145 ALA A CA  1 
ATOM 1091 C C   . ALA A 1 145 ? 8.374   2.476   -1.002  1.00 68.55 ? 145 ALA A C   1 
ATOM 1092 O O   . ALA A 1 145 ? 7.825   1.445   -0.587  1.00 69.84 ? 145 ALA A O   1 
ATOM 1093 C CB  . ALA A 1 145 ? 10.297  4.057   -0.631  1.00 63.40 ? 145 ALA A CB  1 
ATOM 1094 N N   . HIS A 1 146 ? 7.688   3.497   -1.523  1.00 68.57 ? 146 HIS A N   1 
ATOM 1095 C CA  . HIS A 1 146 ? 6.227   3.462   -1.554  1.00 66.85 ? 146 HIS A CA  1 
ATOM 1096 C C   . HIS A 1 146 ? 5.515   3.752   -2.871  1.00 64.25 ? 146 HIS A C   1 
ATOM 1097 O O   . HIS A 1 146 ? 6.133   3.828   -3.934  1.00 63.64 ? 146 HIS A O   1 
ATOM 1098 C CB  . HIS A 1 146 ? 5.684   4.385   -0.459  1.00 68.31 ? 146 HIS A CB  1 
ATOM 1099 C CG  . HIS A 1 146 ? 6.250   4.096   0.900   1.00 69.97 ? 146 HIS A CG  1 
ATOM 1100 N ND1 . HIS A 1 146 ? 7.464   4.595   1.324   1.00 69.64 ? 146 HIS A ND1 1 
ATOM 1101 C CD2 . HIS A 1 146 ? 5.803   3.296   1.901   1.00 69.42 ? 146 HIS A CD2 1 
ATOM 1102 C CE1 . HIS A 1 146 ? 7.741   4.116   2.525   1.00 68.75 ? 146 HIS A CE1 1 
ATOM 1103 N NE2 . HIS A 1 146 ? 6.749   3.326   2.897   1.00 69.19 ? 146 HIS A NE2 1 
ATOM 1104 N N   . GLU A 1 147 ? 4.196   3.891   -2.775  1.00 61.55 ? 147 GLU A N   1 
ATOM 1105 C CA  . GLU A 1 147 ? 3.340   4.149   -3.929  1.00 59.13 ? 147 GLU A CA  1 
ATOM 1106 C C   . GLU A 1 147 ? 2.979   5.613   -4.064  1.00 56.67 ? 147 GLU A C   1 
ATOM 1107 O O   . GLU A 1 147 ? 3.251   6.417   -3.177  1.00 55.90 ? 147 GLU A O   1 
ATOM 1108 C CB  . GLU A 1 147 ? 2.042   3.339   -3.829  1.00 59.42 ? 147 GLU A CB  1 
ATOM 1109 C CG  . GLU A 1 147 ? 2.202   1.839   -4.005  1.00 62.77 ? 147 GLU A CG  1 
ATOM 1110 C CD  . GLU A 1 147 ? 3.299   1.258   -3.126  1.00 66.74 ? 147 GLU A CD  1 
ATOM 1111 O OE1 . GLU A 1 147 ? 4.480   1.275   -3.548  1.00 69.43 ? 147 GLU A OE1 1 
ATOM 1112 O OE2 . GLU A 1 147 ? 2.979   0.798   -2.009  1.00 67.63 ? 147 GLU A OE2 1 
ATOM 1113 N N   . ARG A 1 148 ? 2.348   5.935   -5.189  1.00 54.43 ? 148 ARG A N   1 
ATOM 1114 C CA  . ARG A 1 148 ? 1.908   7.287   -5.497  1.00 51.72 ? 148 ARG A CA  1 
ATOM 1115 C C   . ARG A 1 148 ? 0.533   7.145   -6.146  1.00 50.76 ? 148 ARG A C   1 
ATOM 1116 O O   . ARG A 1 148 ? 0.365   6.390   -7.102  1.00 48.73 ? 148 ARG A O   1 
ATOM 1117 C CB  . ARG A 1 148 ? 2.880   7.943   -6.473  1.00 50.72 ? 148 ARG A CB  1 
ATOM 1118 C CG  . ARG A 1 148 ? 2.765   9.450   -6.559  1.00 52.14 ? 148 ARG A CG  1 
ATOM 1119 C CD  . ARG A 1 148 ? 3.165   9.909   -7.941  1.00 54.67 ? 148 ARG A CD  1 
ATOM 1120 N NE  . ARG A 1 148 ? 4.308   9.149   -8.434  1.00 56.68 ? 148 ARG A NE  1 
ATOM 1121 C CZ  . ARG A 1 148 ? 5.552   9.312   -8.005  1.00 58.74 ? 148 ARG A CZ  1 
ATOM 1122 N NH1 . ARG A 1 148 ? 5.818   10.219  -7.076  1.00 59.69 ? 148 ARG A NH1 1 
ATOM 1123 N NH2 . ARG A 1 148 ? 6.527   8.559   -8.496  1.00 60.71 ? 148 ARG A NH2 1 
ATOM 1124 N N   . ARG A 1 149 ? -0.450  7.861   -5.616  1.00 50.68 ? 149 ARG A N   1 
ATOM 1125 C CA  . ARG A 1 149 ? -1.814  7.802   -6.129  1.00 51.75 ? 149 ARG A CA  1 
ATOM 1126 C C   . ARG A 1 149 ? -2.100  8.976   -7.060  1.00 50.45 ? 149 ARG A C   1 
ATOM 1127 O O   . ARG A 1 149 ? -1.279  9.877   -7.192  1.00 50.09 ? 149 ARG A O   1 
ATOM 1128 C CB  . ARG A 1 149 ? -2.792  7.830   -4.962  1.00 57.00 ? 149 ARG A CB  1 
ATOM 1129 C CG  . ARG A 1 149 ? -2.550  9.009   -4.036  1.00 65.63 ? 149 ARG A CG  1 
ATOM 1130 C CD  . ARG A 1 149 ? -3.800  9.858   -3.811  1.00 71.14 ? 149 ARG A CD  1 
ATOM 1131 N NE  . ARG A 1 149 ? -4.822  9.155   -3.042  1.00 77.61 ? 149 ARG A NE  1 
ATOM 1132 C CZ  . ARG A 1 149 ? -4.592  8.526   -1.892  1.00 81.11 ? 149 ARG A CZ  1 
ATOM 1133 N NH1 . ARG A 1 149 ? -3.370  8.502   -1.366  1.00 81.92 ? 149 ARG A NH1 1 
ATOM 1134 N NH2 . ARG A 1 149 ? -5.592  7.921   -1.259  1.00 84.69 ? 149 ARG A NH2 1 
ATOM 1135 N N   . PHE A 1 150 ? -3.268  8.974   -7.695  1.00 49.52 ? 150 PHE A N   1 
ATOM 1136 C CA  . PHE A 1 150 ? -3.614  10.059  -8.601  1.00 49.92 ? 150 PHE A CA  1 
ATOM 1137 C C   . PHE A 1 150 ? -5.056  9.997   -9.108  1.00 48.71 ? 150 PHE A C   1 
ATOM 1138 O O   . PHE A 1 150 ? -5.557  8.924   -9.450  1.00 48.48 ? 150 PHE A O   1 
ATOM 1139 C CB  . PHE A 1 150 ? -2.666  10.042  -9.790  1.00 54.59 ? 150 PHE A CB  1 
ATOM 1140 C CG  . PHE A 1 150 ? -2.286  11.400  -10.274 1.00 61.18 ? 150 PHE A CG  1 
ATOM 1141 C CD1 . PHE A 1 150 ? -1.367  12.167  -9.564  1.00 63.35 ? 150 PHE A CD1 1 
ATOM 1142 C CD2 . PHE A 1 150 ? -2.857  11.927  -11.430 1.00 63.49 ? 150 PHE A CD2 1 
ATOM 1143 C CE1 . PHE A 1 150 ? -1.016  13.440  -9.995  1.00 63.85 ? 150 PHE A CE1 1 
ATOM 1144 C CE2 . PHE A 1 150 ? -2.516  13.198  -11.873 1.00 64.56 ? 150 PHE A CE2 1 
ATOM 1145 C CZ  . PHE A 1 150 ? -1.592  13.958  -11.152 1.00 65.32 ? 150 PHE A CZ  1 
ATOM 1146 N N   . SER A 1 151 ? -5.717  11.151  -9.161  1.00 47.33 ? 151 SER A N   1 
ATOM 1147 C CA  . SER A 1 151 ? -7.096  11.211  -9.636  1.00 46.69 ? 151 SER A CA  1 
ATOM 1148 C C   . SER A 1 151 ? -7.145  11.115  -11.146 1.00 46.96 ? 151 SER A C   1 
ATOM 1149 O O   . SER A 1 151 ? -6.446  11.839  -11.856 1.00 45.93 ? 151 SER A O   1 
ATOM 1150 C CB  . SER A 1 151 ? -7.785  12.508  -9.189  1.00 47.89 ? 151 SER A CB  1 
ATOM 1151 O OG  . SER A 1 151 ? -8.217  12.440  -7.837  1.00 50.66 ? 151 SER A OG  1 
ATOM 1152 N N   . ALA A 1 152 ? -7.991  10.211  -11.623 1.00 50.03 ? 152 ALA A N   1 
ATOM 1153 C CA  . ALA A 1 152 ? -8.161  9.979   -13.046 1.00 54.45 ? 152 ALA A CA  1 
ATOM 1154 C C   . ALA A 1 152 ? -8.778  11.181  -13.748 1.00 57.86 ? 152 ALA A C   1 
ATOM 1155 O O   . ALA A 1 152 ? -9.401  12.037  -13.118 1.00 58.67 ? 152 ALA A O   1 
ATOM 1156 C CB  . ALA A 1 152 ? -9.040  8.744   -13.271 1.00 51.69 ? 152 ALA A CB  1 
ATOM 1157 N N   . GLY A 1 153 ? -8.578  11.228  -15.064 1.00 61.55 ? 153 GLY A N   1 
ATOM 1158 C CA  . GLY A 1 153 ? -9.136  12.273  -15.904 1.00 64.08 ? 153 GLY A CA  1 
ATOM 1159 C C   . GLY A 1 153 ? -10.166 11.551  -16.755 1.00 68.16 ? 153 GLY A C   1 
ATOM 1160 O O   . GLY A 1 153 ? -9.899  11.210  -17.913 1.00 66.85 ? 153 GLY A O   1 
ATOM 1161 N N   . PRO A 1 154 ? -11.358 11.280  -16.181 1.00 71.95 ? 154 PRO A N   1 
ATOM 1162 C CA  . PRO A 1 154 ? -12.518 10.591  -16.767 1.00 73.76 ? 154 PRO A CA  1 
ATOM 1163 C C   . PRO A 1 154 ? -13.055 11.037  -18.133 1.00 74.27 ? 154 PRO A C   1 
ATOM 1164 O O   . PRO A 1 154 ? -13.269 12.231  -18.386 1.00 74.86 ? 154 PRO A O   1 
ATOM 1165 C CB  . PRO A 1 154 ? -13.574 10.710  -15.666 1.00 74.67 ? 154 PRO A CB  1 
ATOM 1166 C CG  . PRO A 1 154 ? -12.748 10.671  -14.415 1.00 74.98 ? 154 PRO A CG  1 
ATOM 1167 C CD  . PRO A 1 154 ? -11.642 11.637  -14.777 1.00 74.12 ? 154 PRO A CD  1 
ATOM 1168 N N   . LYS A 1 155 ? -13.292 10.034  -18.984 1.00 73.68 ? 155 LYS A N   1 
ATOM 1169 C CA  . LYS A 1 155 ? -13.822 10.187  -20.343 1.00 70.62 ? 155 LYS A CA  1 
ATOM 1170 C C   . LYS A 1 155 ? -12.994 11.112  -21.244 1.00 69.83 ? 155 LYS A C   1 
ATOM 1171 O O   . LYS A 1 155 ? -12.748 12.275  -20.917 1.00 70.40 ? 155 LYS A O   1 
ATOM 1172 C CB  . LYS A 1 155 ? -15.287 10.662  -20.297 1.00 67.81 ? 155 LYS A CB  1 
ATOM 1173 C CG  . LYS A 1 155 ? -16.214 9.858   -19.363 1.00 63.67 ? 155 LYS A CG  1 
ATOM 1174 C CD  . LYS A 1 155 ? -15.921 10.167  -17.889 1.00 60.92 ? 155 LYS A CD  1 
ATOM 1175 C CE  . LYS A 1 155 ? -17.016 9.699   -16.930 1.00 60.61 ? 155 LYS A CE  1 
ATOM 1176 N NZ  . LYS A 1 155 ? -17.111 8.224   -16.763 1.00 58.70 ? 155 LYS A NZ  1 
ATOM 1177 N N   . VAL A 1 156 ? -12.562 10.573  -22.378 1.00 68.87 ? 156 VAL A N   1 
ATOM 1178 C CA  . VAL A 1 156 ? -11.764 11.315  -23.355 1.00 68.39 ? 156 VAL A CA  1 
ATOM 1179 C C   . VAL A 1 156 ? -11.878 10.636  -24.738 1.00 67.79 ? 156 VAL A C   1 
ATOM 1180 O O   . VAL A 1 156 ? -11.966 11.316  -25.774 1.00 67.62 ? 156 VAL A O   1 
ATOM 1181 C CB  . VAL A 1 156 ? -10.265 11.411  -22.899 1.00 68.30 ? 156 VAL A CB  1 
ATOM 1182 C CG1 . VAL A 1 156 ? -10.118 12.449  -21.784 1.00 66.40 ? 156 VAL A CG1 1 
ATOM 1183 C CG2 . VAL A 1 156 ? -9.771  10.056  -22.395 1.00 66.62 ? 156 VAL A CG2 1 
ATOM 1184 N N   . ASN A 1 157 ? -11.882 9.296   -24.722 1.00 64.89 ? 157 ASN A N   1 
ATOM 1185 C CA  . ASN A 1 157 ? -12.014 8.426   -25.903 1.00 58.91 ? 157 ASN A CA  1 
ATOM 1186 C C   . ASN A 1 157 ? -12.531 7.126   -25.313 1.00 54.76 ? 157 ASN A C   1 
ATOM 1187 O O   . ASN A 1 157 ? -12.256 6.041   -25.815 1.00 50.24 ? 157 ASN A O   1 
ATOM 1188 C CB  . ASN A 1 157 ? -10.664 8.148   -26.551 1.00 58.65 ? 157 ASN A CB  1 
ATOM 1189 C CG  . ASN A 1 157 ? -9.709  9.298   -26.408 1.00 59.74 ? 157 ASN A CG  1 
ATOM 1190 O OD1 . ASN A 1 157 ? -9.926  10.376  -26.961 1.00 57.99 ? 157 ASN A OD1 1 
ATOM 1191 N ND2 . ASN A 1 157 ? -8.641  9.081   -25.649 1.00 61.37 ? 157 ASN A ND2 1 
ATOM 1192 N N   . GLY A 1 158 ? -13.269 7.268   -24.220 1.00 53.89 ? 158 GLY A N   1 
ATOM 1193 C CA  . GLY A 1 158 ? -13.810 6.130   -23.509 1.00 54.76 ? 158 GLY A CA  1 
ATOM 1194 C C   . GLY A 1 158 ? -12.921 5.851   -22.308 1.00 55.27 ? 158 GLY A C   1 
ATOM 1195 O O   . GLY A 1 158 ? -13.385 5.405   -21.255 1.00 54.51 ? 158 GLY A O   1 
ATOM 1196 N N   . THR A 1 159 ? -11.632 6.147   -22.475 1.00 54.45 ? 159 THR A N   1 
ATOM 1197 C CA  . THR A 1 159 ? -10.614 5.926   -21.449 1.00 52.23 ? 159 THR A CA  1 
ATOM 1198 C C   . THR A 1 159 ? -10.576 6.954   -20.314 1.00 50.93 ? 159 THR A C   1 
ATOM 1199 O O   . THR A 1 159 ? -11.168 8.031   -20.404 1.00 51.86 ? 159 THR A O   1 
ATOM 1200 C CB  . THR A 1 159 ? -9.211  5.867   -22.096 1.00 53.18 ? 159 THR A CB  1 
ATOM 1201 O OG1 . THR A 1 159 ? -8.947  7.092   -22.797 1.00 53.98 ? 159 THR A OG1 1 
ATOM 1202 C CG2 . THR A 1 159 ? -9.126  4.700   -23.076 1.00 52.90 ? 159 THR A CG2 1 
ATOM 1203 N N   . PHE A 1 160 ? -9.879  6.592   -19.238 1.00 48.52 ? 160 PHE A N   1 
ATOM 1204 C CA  . PHE A 1 160 ? -9.716  7.443   -18.059 1.00 47.47 ? 160 PHE A CA  1 
ATOM 1205 C C   . PHE A 1 160 ? -8.278  7.233   -17.626 1.00 46.06 ? 160 PHE A C   1 
ATOM 1206 O O   . PHE A 1 160 ? -7.953  6.172   -17.095 1.00 45.67 ? 160 PHE A O   1 
ATOM 1207 C CB  . PHE A 1 160 ? -10.593 6.979   -16.894 1.00 49.52 ? 160 PHE A CB  1 
ATOM 1208 C CG  . PHE A 1 160 ? -12.048 6.819   -17.225 1.00 52.70 ? 160 PHE A CG  1 
ATOM 1209 C CD1 . PHE A 1 160 ? -12.462 6.035   -18.296 1.00 53.99 ? 160 PHE A CD1 1 
ATOM 1210 C CD2 . PHE A 1 160 ? -13.011 7.405   -16.417 1.00 54.11 ? 160 PHE A CD2 1 
ATOM 1211 C CE1 . PHE A 1 160 ? -13.809 5.833   -18.554 1.00 55.25 ? 160 PHE A CE1 1 
ATOM 1212 C CE2 . PHE A 1 160 ? -14.361 7.209   -16.665 1.00 56.79 ? 160 PHE A CE2 1 
ATOM 1213 C CZ  . PHE A 1 160 ? -14.763 6.420   -17.737 1.00 57.75 ? 160 PHE A CZ  1 
ATOM 1214 N N   . GLN A 1 161 ? -7.414  8.218   -17.831 1.00 43.62 ? 161 GLN A N   1 
ATOM 1215 C CA  . GLN A 1 161 ? -6.026  8.034   -17.430 1.00 41.58 ? 161 GLN A CA  1 
ATOM 1216 C C   . GLN A 1 161 ? -5.536  9.052   -16.420 1.00 39.39 ? 161 GLN A C   1 
ATOM 1217 O O   . GLN A 1 161 ? -6.224  10.004  -16.080 1.00 40.55 ? 161 GLN A O   1 
ATOM 1218 C CB  . GLN A 1 161 ? -5.107  8.067   -18.648 1.00 41.47 ? 161 GLN A CB  1 
ATOM 1219 C CG  . GLN A 1 161 ? -4.804  9.456   -19.159 1.00 45.44 ? 161 GLN A CG  1 
ATOM 1220 C CD  . GLN A 1 161 ? -3.809  9.447   -20.302 1.00 47.45 ? 161 GLN A CD  1 
ATOM 1221 O OE1 . GLN A 1 161 ? -4.046  8.830   -21.340 1.00 47.76 ? 161 GLN A OE1 1 
ATOM 1222 N NE2 . GLN A 1 161 ? -2.685  10.133  -20.117 1.00 49.52 ? 161 GLN A NE2 1 
ATOM 1223 N N   . ALA A 1 162 ? -4.326  8.822   -15.938 1.00 36.74 ? 162 ALA A N   1 
ATOM 1224 C CA  . ALA A 1 162 ? -3.694  9.707   -14.986 1.00 36.12 ? 162 ALA A CA  1 
ATOM 1225 C C   . ALA A 1 162 ? -2.228  9.649   -15.372 1.00 36.81 ? 162 ALA A C   1 
ATOM 1226 O O   . ALA A 1 162 ? -1.702  8.578   -15.671 1.00 35.24 ? 162 ALA A O   1 
ATOM 1227 C CB  . ALA A 1 162 ? -3.904  9.200   -13.573 1.00 34.28 ? 162 ALA A CB  1 
ATOM 1228 N N   . ASP A 1 163 ? -1.573  10.804  -15.401 1.00 38.99 ? 163 ASP A N   1 
ATOM 1229 C CA  . ASP A 1 163 ? -0.169  10.854  -15.772 1.00 41.96 ? 163 ASP A CA  1 
ATOM 1230 C C   . ASP A 1 163 ? 0.663   11.029  -14.516 1.00 42.06 ? 163 ASP A C   1 
ATOM 1231 O O   . ASP A 1 163 ? 0.317   11.829  -13.646 1.00 43.67 ? 163 ASP A O   1 
ATOM 1232 C CB  . ASP A 1 163 ? 0.099   12.025  -16.725 1.00 47.74 ? 163 ASP A CB  1 
ATOM 1233 C CG  . ASP A 1 163 ? -0.949  12.144  -17.829 1.00 54.22 ? 163 ASP A CG  1 
ATOM 1234 O OD1 . ASP A 1 163 ? -2.092  12.572  -17.540 1.00 58.51 ? 163 ASP A OD1 1 
ATOM 1235 O OD2 . ASP A 1 163 ? -0.627  11.810  -18.993 1.00 57.33 ? 163 ASP A OD2 1 
ATOM 1236 N N   . PHE A 1 164 ? 1.751   10.274  -14.416 1.00 40.62 ? 164 PHE A N   1 
ATOM 1237 C CA  . PHE A 1 164 ? 2.632   10.363  -13.262 1.00 39.65 ? 164 PHE A CA  1 
ATOM 1238 C C   . PHE A 1 164 ? 3.993   10.880  -13.697 1.00 41.14 ? 164 PHE A C   1 
ATOM 1239 O O   . PHE A 1 164 ? 4.824   10.125  -14.195 1.00 42.97 ? 164 PHE A O   1 
ATOM 1240 C CB  . PHE A 1 164 ? 2.812   8.998   -12.591 1.00 36.49 ? 164 PHE A CB  1 
ATOM 1241 C CG  . PHE A 1 164 ? 1.550   8.427   -12.005 1.00 33.47 ? 164 PHE A CG  1 
ATOM 1242 C CD1 . PHE A 1 164 ? 0.573   7.875   -12.820 1.00 30.72 ? 164 PHE A CD1 1 
ATOM 1243 C CD2 . PHE A 1 164 ? 1.345   8.436   -10.635 1.00 32.10 ? 164 PHE A CD2 1 
ATOM 1244 C CE1 . PHE A 1 164 ? -0.582  7.344   -12.278 1.00 28.00 ? 164 PHE A CE1 1 
ATOM 1245 C CE2 . PHE A 1 164 ? 0.191   7.906   -10.090 1.00 30.58 ? 164 PHE A CE2 1 
ATOM 1246 C CZ  . PHE A 1 164 ? -0.773  7.359   -10.913 1.00 28.89 ? 164 PHE A CZ  1 
ATOM 1247 N N   . PRO A 1 165 ? 4.231   12.184  -13.535 1.00 42.26 ? 165 PRO A N   1 
ATOM 1248 C CA  . PRO A 1 165 ? 5.515   12.766  -13.923 1.00 41.53 ? 165 PRO A CA  1 
ATOM 1249 C C   . PRO A 1 165 ? 6.617   12.323  -12.973 1.00 38.88 ? 165 PRO A C   1 
ATOM 1250 O O   . PRO A 1 165 ? 6.757   12.863  -11.879 1.00 38.90 ? 165 PRO A O   1 
ATOM 1251 C CB  . PRO A 1 165 ? 5.252   14.267  -13.833 1.00 43.75 ? 165 PRO A CB  1 
ATOM 1252 C CG  . PRO A 1 165 ? 3.777   14.369  -14.123 1.00 44.28 ? 165 PRO A CG  1 
ATOM 1253 C CD  . PRO A 1 165 ? 3.231   13.238  -13.299 1.00 44.26 ? 165 PRO A CD  1 
ATOM 1254 N N   . LEU A 1 166 ? 7.394   11.339  -13.397 1.00 35.99 ? 166 LEU A N   1 
ATOM 1255 C CA  . LEU A 1 166 ? 8.483   10.826  -12.580 1.00 36.00 ? 166 LEU A CA  1 
ATOM 1256 C C   . LEU A 1 166 ? 9.664   11.800  -12.531 1.00 36.58 ? 166 LEU A C   1 
ATOM 1257 O O   . LEU A 1 166 ? 10.589  11.625  -11.736 1.00 35.57 ? 166 LEU A O   1 
ATOM 1258 C CB  . LEU A 1 166 ? 8.945   9.491   -13.148 1.00 34.40 ? 166 LEU A CB  1 
ATOM 1259 C CG  . LEU A 1 166 ? 7.830   8.481   -13.391 1.00 31.61 ? 166 LEU A CG  1 
ATOM 1260 C CD1 . LEU A 1 166 ? 8.230   7.558   -14.509 1.00 30.36 ? 166 LEU A CD1 1 
ATOM 1261 C CD2 . LEU A 1 166 ? 7.541   7.718   -12.119 1.00 30.51 ? 166 LEU A CD2 1 
ATOM 1262 N N   . GLY A 1 167 ? 9.624   12.823  -13.383 1.00 37.39 ? 167 GLY A N   1 
ATOM 1263 C CA  . GLY A 1 167 ? 10.696  13.803  -13.425 1.00 37.57 ? 167 GLY A CA  1 
ATOM 1264 C C   . GLY A 1 167 ? 11.867  13.311  -14.255 1.00 37.34 ? 167 GLY A C   1 
ATOM 1265 O O   . GLY A 1 167 ? 11.703  12.388  -15.046 1.00 37.21 ? 167 GLY A O   1 
ATOM 1266 N N   . PRO A 1 168 ? 13.061  13.905  -14.116 1.00 37.31 ? 168 PRO A N   1 
ATOM 1267 C CA  . PRO A 1 168 ? 14.192  13.435  -14.908 1.00 39.76 ? 168 PRO A CA  1 
ATOM 1268 C C   . PRO A 1 168 ? 14.560  12.010  -14.501 1.00 44.10 ? 168 PRO A C   1 
ATOM 1269 O O   . PRO A 1 168 ? 14.652  11.702  -13.312 1.00 45.34 ? 168 PRO A O   1 
ATOM 1270 C CB  . PRO A 1 168 ? 15.276  14.450  -14.579 1.00 38.20 ? 168 PRO A CB  1 
ATOM 1271 C CG  . PRO A 1 168 ? 14.963  14.808  -13.183 1.00 36.58 ? 168 PRO A CG  1 
ATOM 1272 C CD  . PRO A 1 168 ? 13.476  14.992  -13.220 1.00 35.51 ? 168 PRO A CD  1 
ATOM 1273 N N   . ALA A 1 169 ? 14.766  11.152  -15.500 1.00 47.65 ? 169 ALA A N   1 
ATOM 1274 C CA  . ALA A 1 169 ? 15.093  9.739   -15.299 1.00 50.07 ? 169 ALA A CA  1 
ATOM 1275 C C   . ALA A 1 169 ? 16.327  9.448   -14.460 1.00 52.59 ? 169 ALA A C   1 
ATOM 1276 O O   . ALA A 1 169 ? 17.464  9.574   -14.924 1.00 50.63 ? 169 ALA A O   1 
ATOM 1277 C CB  . ALA A 1 169 ? 15.222  9.042   -16.645 1.00 49.62 ? 169 ALA A CB  1 
ATOM 1278 N N   . THR A 1 170 ? 16.081  9.038   -13.221 1.00 56.70 ? 170 THR A N   1 
ATOM 1279 C CA  . THR A 1 170 ? 17.144  8.693   -12.290 1.00 59.77 ? 170 THR A CA  1 
ATOM 1280 C C   . THR A 1 170 ? 17.775  7.383   -12.759 1.00 60.26 ? 170 THR A C   1 
ATOM 1281 O O   . THR A 1 170 ? 18.719  7.374   -13.553 1.00 57.78 ? 170 THR A O   1 
ATOM 1282 C CB  . THR A 1 170 ? 16.578  8.490   -10.860 1.00 62.02 ? 170 THR A CB  1 
ATOM 1283 O OG1 . THR A 1 170 ? 15.427  7.634   -10.922 1.00 62.98 ? 170 THR A OG1 1 
ATOM 1284 C CG2 . THR A 1 170 ? 16.186  9.829   -10.233 1.00 62.01 ? 170 THR A CG2 1 
ATOM 1285 N N   . HIS A 1 171 ? 17.221  6.287   -12.252 1.00 62.78 ? 171 HIS A N   1 
ATOM 1286 C CA  . HIS A 1 171 ? 17.658  4.935   -12.574 1.00 64.81 ? 171 HIS A CA  1 
ATOM 1287 C C   . HIS A 1 171 ? 16.531  4.260   -13.325 1.00 62.89 ? 171 HIS A C   1 
ATOM 1288 O O   . HIS A 1 171 ? 15.411  4.776   -13.385 1.00 62.69 ? 171 HIS A O   1 
ATOM 1289 C CB  . HIS A 1 171 ? 17.908  4.124   -11.301 1.00 70.85 ? 171 HIS A CB  1 
ATOM 1290 C CG  . HIS A 1 171 ? 19.299  4.241   -10.757 1.00 78.88 ? 171 HIS A CG  1 
ATOM 1291 N ND1 . HIS A 1 171 ? 19.678  3.654   -9.568  1.00 81.92 ? 171 HIS A ND1 1 
ATOM 1292 C CD2 . HIS A 1 171 ? 20.405  4.849   -11.247 1.00 82.14 ? 171 HIS A CD2 1 
ATOM 1293 C CE1 . HIS A 1 171 ? 20.959  3.894   -9.350  1.00 83.39 ? 171 HIS A CE1 1 
ATOM 1294 N NE2 . HIS A 1 171 ? 21.424  4.618   -10.353 1.00 84.16 ? 171 HIS A NE2 1 
ATOM 1295 N N   . GLY A 1 172 ? 16.829  3.095   -13.881 1.00 60.41 ? 172 GLY A N   1 
ATOM 1296 C CA  . GLY A 1 172 ? 15.803  2.356   -14.582 1.00 57.55 ? 172 GLY A CA  1 
ATOM 1297 C C   . GLY A 1 172 ? 14.813  1.854   -13.547 1.00 55.17 ? 172 GLY A C   1 
ATOM 1298 O O   . GLY A 1 172 ? 14.845  2.281   -12.389 1.00 53.22 ? 172 GLY A O   1 
ATOM 1299 N N   . GLY A 1 173 ? 13.932  0.948   -13.951 1.00 53.35 ? 173 GLY A N   1 
ATOM 1300 C CA  . GLY A 1 173 ? 12.966  0.426   -13.006 1.00 53.09 ? 173 GLY A CA  1 
ATOM 1301 C C   . GLY A 1 173 ? 11.748  -0.220  -13.636 1.00 52.20 ? 173 GLY A C   1 
ATOM 1302 O O   . GLY A 1 173 ? 11.454  -0.027  -14.821 1.00 51.85 ? 173 GLY A O   1 
ATOM 1303 N N   . THR A 1 174 ? 11.038  -0.997  -12.825 1.00 49.43 ? 174 THR A N   1 
ATOM 1304 C CA  . THR A 1 174 ? 9.841   -1.685  -13.272 1.00 45.55 ? 174 THR A CA  1 
ATOM 1305 C C   . THR A 1 174 ? 8.673   -1.083  -12.507 1.00 43.21 ? 174 THR A C   1 
ATOM 1306 O O   . THR A 1 174 ? 8.644   -1.121  -11.284 1.00 42.28 ? 174 THR A O   1 
ATOM 1307 C CB  . THR A 1 174 ? 9.932   -3.191  -12.971 1.00 46.55 ? 174 THR A CB  1 
ATOM 1308 O OG1 . THR A 1 174 ? 11.239  -3.668  -13.320 1.00 45.01 ? 174 THR A OG1 1 
ATOM 1309 C CG2 . THR A 1 174 ? 8.891   -3.963  -13.782 1.00 46.96 ? 174 THR A CG2 1 
ATOM 1310 N N   . TYR A 1 175 ? 7.720   -0.509  -13.229 1.00 41.11 ? 175 TYR A N   1 
ATOM 1311 C CA  . TYR A 1 175 ? 6.566   0.104   -12.592 1.00 39.48 ? 175 TYR A CA  1 
ATOM 1312 C C   . TYR A 1 175 ? 5.305   -0.642  -12.964 1.00 38.75 ? 175 TYR A C   1 
ATOM 1313 O O   . TYR A 1 175 ? 5.204   -1.201  -14.051 1.00 39.59 ? 175 TYR A O   1 
ATOM 1314 C CB  . TYR A 1 175 ? 6.407   1.566   -13.028 1.00 39.59 ? 175 TYR A CB  1 
ATOM 1315 C CG  . TYR A 1 175 ? 7.621   2.431   -12.790 1.00 38.47 ? 175 TYR A CG  1 
ATOM 1316 C CD1 . TYR A 1 175 ? 8.802   2.212   -13.492 1.00 38.42 ? 175 TYR A CD1 1 
ATOM 1317 C CD2 . TYR A 1 175 ? 7.601   3.449   -11.840 1.00 37.24 ? 175 TYR A CD2 1 
ATOM 1318 C CE1 . TYR A 1 175 ? 9.935   2.979   -13.252 1.00 37.11 ? 175 TYR A CE1 1 
ATOM 1319 C CE2 . TYR A 1 175 ? 8.733   4.223   -11.593 1.00 36.62 ? 175 TYR A CE2 1 
ATOM 1320 C CZ  . TYR A 1 175 ? 9.898   3.977   -12.301 1.00 35.08 ? 175 TYR A CZ  1 
ATOM 1321 O OH  . TYR A 1 175 ? 11.038  4.700   -12.042 1.00 33.78 ? 175 TYR A OH  1 
ATOM 1322 N N   . ARG A 1 176 ? 4.344   -0.648  -12.049 1.00 36.77 ? 176 ARG A N   1 
ATOM 1323 C CA  . ARG A 1 176 ? 3.066   -1.292  -12.280 1.00 33.56 ? 176 ARG A CA  1 
ATOM 1324 C C   . ARG A 1 176 ? 2.021   -0.251  -11.959 1.00 31.72 ? 176 ARG A C   1 
ATOM 1325 O O   . ARG A 1 176 ? 2.307   0.718   -11.268 1.00 31.46 ? 176 ARG A O   1 
ATOM 1326 C CB  . ARG A 1 176 ? 2.892   -2.505  -11.375 1.00 34.57 ? 176 ARG A CB  1 
ATOM 1327 C CG  . ARG A 1 176 ? 3.803   -3.667  -11.717 1.00 38.95 ? 176 ARG A CG  1 
ATOM 1328 C CD  . ARG A 1 176 ? 3.010   -4.964  -11.814 1.00 43.37 ? 176 ARG A CD  1 
ATOM 1329 N NE  . ARG A 1 176 ? 3.866   -6.133  -11.942 1.00 48.80 ? 176 ARG A NE  1 
ATOM 1330 C CZ  . ARG A 1 176 ? 4.777   -6.475  -11.041 1.00 52.79 ? 176 ARG A CZ  1 
ATOM 1331 N NH1 . ARG A 1 176 ? 4.938   -5.734  -9.952  1.00 53.91 ? 176 ARG A NH1 1 
ATOM 1332 N NH2 . ARG A 1 176 ? 5.537   -7.546  -11.231 1.00 55.67 ? 176 ARG A NH2 1 
ATOM 1333 N N   . CYS A 1 177 ? 0.809   -0.451  -12.453 1.00 30.60 ? 177 CYS A N   1 
ATOM 1334 C CA  . CYS A 1 177 ? -0.265  0.500   -12.231 1.00 28.73 ? 177 CYS A CA  1 
ATOM 1335 C C   . CYS A 1 177 ? -1.558  -0.209  -11.814 1.00 27.96 ? 177 CYS A C   1 
ATOM 1336 O O   . CYS A 1 177 ? -1.855  -1.311  -12.274 1.00 30.71 ? 177 CYS A O   1 
ATOM 1337 C CB  . CYS A 1 177 ? -0.450  1.313   -13.517 1.00 29.41 ? 177 CYS A CB  1 
ATOM 1338 S SG  . CYS A 1 177 ? -2.065  2.103   -13.770 1.00 36.86 ? 177 CYS A SG  1 
ATOM 1339 N N   . PHE A 1 178 ? -2.313  0.417   -10.915 1.00 25.51 ? 178 PHE A N   1 
ATOM 1340 C CA  . PHE A 1 178 ? -3.573  -0.148  -10.453 1.00 23.24 ? 178 PHE A CA  1 
ATOM 1341 C C   . PHE A 1 178 ? -4.673  0.888   -10.559 1.00 23.50 ? 178 PHE A C   1 
ATOM 1342 O O   . PHE A 1 178 ? -4.423  2.077   -10.463 1.00 24.71 ? 178 PHE A O   1 
ATOM 1343 C CB  . PHE A 1 178 ? -3.490  -0.562  -8.993  1.00 22.99 ? 178 PHE A CB  1 
ATOM 1344 C CG  . PHE A 1 178 ? -2.350  -1.472  -8.674  1.00 24.33 ? 178 PHE A CG  1 
ATOM 1345 C CD1 . PHE A 1 178 ? -1.161  -0.966  -8.177  1.00 25.82 ? 178 PHE A CD1 1 
ATOM 1346 C CD2 . PHE A 1 178 ? -2.472  -2.840  -8.844  1.00 24.36 ? 178 PHE A CD2 1 
ATOM 1347 C CE1 . PHE A 1 178 ? -0.105  -1.813  -7.850  1.00 23.02 ? 178 PHE A CE1 1 
ATOM 1348 C CE2 . PHE A 1 178 ? -1.424  -3.688  -8.522  1.00 23.17 ? 178 PHE A CE2 1 
ATOM 1349 C CZ  . PHE A 1 178 ? -0.239  -3.170  -8.022  1.00 22.81 ? 178 PHE A CZ  1 
ATOM 1350 N N   . GLY A 1 179 ? -5.898  0.434   -10.746 1.00 25.77 ? 179 GLY A N   1 
ATOM 1351 C CA  . GLY A 1 179 ? -7.010  1.358   -10.821 1.00 27.88 ? 179 GLY A CA  1 
ATOM 1352 C C   . GLY A 1 179 ? -7.995  0.991   -9.725  1.00 30.97 ? 179 GLY A C   1 
ATOM 1353 O O   . GLY A 1 179 ? -8.081  -0.175  -9.344  1.00 31.97 ? 179 GLY A O   1 
ATOM 1354 N N   . SER A 1 180 ? -8.720  1.969   -9.194  1.00 32.49 ? 180 SER A N   1 
ATOM 1355 C CA  . SER A 1 180 ? -9.703  1.690   -8.157  1.00 34.66 ? 180 SER A CA  1 
ATOM 1356 C C   . SER A 1 180 ? -10.797 2.735   -8.259  1.00 36.75 ? 180 SER A C   1 
ATOM 1357 O O   . SER A 1 180 ? -10.652 3.716   -8.990  1.00 37.22 ? 180 SER A O   1 
ATOM 1358 C CB  . SER A 1 180 ? -9.064  1.732   -6.767  1.00 34.33 ? 180 SER A CB  1 
ATOM 1359 O OG  . SER A 1 180 ? -8.820  3.061   -6.353  1.00 37.61 ? 180 SER A OG  1 
ATOM 1360 N N   . PHE A 1 181 ? -11.897 2.515   -7.547  1.00 38.06 ? 181 PHE A N   1 
ATOM 1361 C CA  . PHE A 1 181 ? -13.008 3.454   -7.566  1.00 39.92 ? 181 PHE A CA  1 
ATOM 1362 C C   . PHE A 1 181 ? -13.063 4.165   -6.227  1.00 42.38 ? 181 PHE A C   1 
ATOM 1363 O O   . PHE A 1 181 ? -12.448 3.715   -5.259  1.00 43.60 ? 181 PHE A O   1 
ATOM 1364 C CB  . PHE A 1 181 ? -14.318 2.712   -7.820  1.00 37.67 ? 181 PHE A CB  1 
ATOM 1365 C CG  . PHE A 1 181 ? -14.331 1.924   -9.101  1.00 38.05 ? 181 PHE A CG  1 
ATOM 1366 C CD1 . PHE A 1 181 ? -14.349 2.566   -10.334 1.00 38.95 ? 181 PHE A CD1 1 
ATOM 1367 C CD2 . PHE A 1 181 ? -14.312 0.532   -9.079  1.00 38.27 ? 181 PHE A CD2 1 
ATOM 1368 C CE1 . PHE A 1 181 ? -14.352 1.830   -11.530 1.00 38.33 ? 181 PHE A CE1 1 
ATOM 1369 C CE2 . PHE A 1 181 ? -14.314 -0.209  -10.273 1.00 37.15 ? 181 PHE A CE2 1 
ATOM 1370 C CZ  . PHE A 1 181 ? -14.335 0.443   -11.496 1.00 35.59 ? 181 PHE A CZ  1 
ATOM 1371 N N   . ARG A 1 182 ? -13.776 5.283   -6.168  1.00 44.65 ? 182 ARG A N   1 
ATOM 1372 C CA  . ARG A 1 182 ? -13.892 6.017   -4.919  1.00 48.39 ? 182 ARG A CA  1 
ATOM 1373 C C   . ARG A 1 182 ? -14.541 5.065   -3.927  1.00 47.74 ? 182 ARG A C   1 
ATOM 1374 O O   . ARG A 1 182 ? -14.031 4.827   -2.837  1.00 46.70 ? 182 ARG A O   1 
ATOM 1375 C CB  . ARG A 1 182 ? -14.782 7.241   -5.100  1.00 54.33 ? 182 ARG A CB  1 
ATOM 1376 C CG  . ARG A 1 182 ? -14.363 8.183   -6.228  1.00 64.11 ? 182 ARG A CG  1 
ATOM 1377 C CD  . ARG A 1 182 ? -13.123 9.024   -5.892  1.00 71.31 ? 182 ARG A CD  1 
ATOM 1378 N NE  . ARG A 1 182 ? -12.829 10.008  -6.943  1.00 78.02 ? 182 ARG A NE  1 
ATOM 1379 C CZ  . ARG A 1 182 ? -13.532 11.120  -7.170  1.00 79.60 ? 182 ARG A CZ  1 
ATOM 1380 N NH1 . ARG A 1 182 ? -14.588 11.418  -6.414  1.00 79.72 ? 182 ARG A NH1 1 
ATOM 1381 N NH2 . ARG A 1 182 ? -13.187 11.932  -8.166  1.00 78.67 ? 182 ARG A NH2 1 
ATOM 1382 N N   . ASP A 1 183 ? -15.679 4.524   -4.344  1.00 48.78 ? 183 ASP A N   1 
ATOM 1383 C CA  . ASP A 1 183 ? -16.469 3.579   -3.564  1.00 49.90 ? 183 ASP A CA  1 
ATOM 1384 C C   . ASP A 1 183 ? -15.657 2.868   -2.503  1.00 48.17 ? 183 ASP A C   1 
ATOM 1385 O O   . ASP A 1 183 ? -15.817 3.145   -1.325  1.00 49.01 ? 183 ASP A O   1 
ATOM 1386 C CB  . ASP A 1 183 ? -17.092 2.549   -4.501  1.00 55.72 ? 183 ASP A CB  1 
ATOM 1387 C CG  . ASP A 1 183 ? -17.626 3.179   -5.788  1.00 61.94 ? 183 ASP A CG  1 
ATOM 1388 O OD1 . ASP A 1 183 ? -16.844 3.859   -6.506  1.00 64.06 ? 183 ASP A OD1 1 
ATOM 1389 O OD2 . ASP A 1 183 ? -18.829 2.987   -6.085  1.00 65.09 ? 183 ASP A OD2 1 
ATOM 1390 N N   . SER A 1 184 ? -14.786 1.953   -2.918  1.00 48.37 ? 184 SER A N   1 
ATOM 1391 C CA  . SER A 1 184 ? -13.947 1.208   -1.971  1.00 49.43 ? 184 SER A CA  1 
ATOM 1392 C C   . SER A 1 184 ? -12.442 1.365   -2.233  1.00 46.12 ? 184 SER A C   1 
ATOM 1393 O O   . SER A 1 184 ? -11.827 0.564   -2.940  1.00 46.89 ? 184 SER A O   1 
ATOM 1394 C CB  . SER A 1 184 ? -14.329 -0.277  -1.984  1.00 50.73 ? 184 SER A CB  1 
ATOM 1395 O OG  . SER A 1 184 ? -14.474 -0.755  -3.311  1.00 53.79 ? 184 SER A OG  1 
ATOM 1396 N N   . PRO A 1 185 ? -11.834 2.409   -1.649  1.00 42.08 ? 185 PRO A N   1 
ATOM 1397 C CA  . PRO A 1 185 ? -10.414 2.731   -1.778  1.00 39.73 ? 185 PRO A CA  1 
ATOM 1398 C C   . PRO A 1 185 ? -9.436  1.592   -1.500  1.00 38.88 ? 185 PRO A C   1 
ATOM 1399 O O   . PRO A 1 185 ? -8.261  1.701   -1.855  1.00 39.11 ? 185 PRO A O   1 
ATOM 1400 C CB  . PRO A 1 185 ? -10.238 3.879   -0.789  1.00 40.03 ? 185 PRO A CB  1 
ATOM 1401 C CG  . PRO A 1 185 ? -11.551 4.579   -0.870  1.00 38.67 ? 185 PRO A CG  1 
ATOM 1402 C CD  . PRO A 1 185 ? -12.521 3.430   -0.837  1.00 39.44 ? 185 PRO A CD  1 
ATOM 1403 N N   . TYR A 1 186 ? -9.904  0.512   -0.875  1.00 36.83 ? 186 TYR A N   1 
ATOM 1404 C CA  . TYR A 1 186 ? -9.020  -0.611  -0.541  1.00 34.31 ? 186 TYR A CA  1 
ATOM 1405 C C   . TYR A 1 186 ? -9.136  -1.766  -1.506  1.00 31.19 ? 186 TYR A C   1 
ATOM 1406 O O   . TYR A 1 186 ? -8.387  -2.735  -1.426  1.00 29.43 ? 186 TYR A O   1 
ATOM 1407 C CB  . TYR A 1 186 ? -9.294  -1.084  0.887   1.00 35.88 ? 186 TYR A CB  1 
ATOM 1408 C CG  . TYR A 1 186 ? -9.319  0.077   1.843   1.00 38.83 ? 186 TYR A CG  1 
ATOM 1409 C CD1 . TYR A 1 186 ? -8.164  0.825   2.091   1.00 40.02 ? 186 TYR A CD1 1 
ATOM 1410 C CD2 . TYR A 1 186 ? -10.518 0.520   2.390   1.00 39.70 ? 186 TYR A CD2 1 
ATOM 1411 C CE1 . TYR A 1 186 ? -8.210  1.991   2.845   1.00 41.57 ? 186 TYR A CE1 1 
ATOM 1412 C CE2 . TYR A 1 186 ? -10.577 1.683   3.142   1.00 42.92 ? 186 TYR A CE2 1 
ATOM 1413 C CZ  . TYR A 1 186 ? -9.424  2.417   3.362   1.00 43.64 ? 186 TYR A CZ  1 
ATOM 1414 O OH  . TYR A 1 186 ? -9.505  3.599   4.063   1.00 48.10 ? 186 TYR A OH  1 
ATOM 1415 N N   . GLU A 1 187 ? -10.084 -1.658  -2.422  1.00 30.57 ? 187 GLU A N   1 
ATOM 1416 C CA  . GLU A 1 187 ? -10.276 -2.686  -3.423  1.00 29.97 ? 187 GLU A CA  1 
ATOM 1417 C C   . GLU A 1 187 ? -9.676  -2.182  -4.735  1.00 28.45 ? 187 GLU A C   1 
ATOM 1418 O O   . GLU A 1 187 ? -10.143 -1.188  -5.291  1.00 27.29 ? 187 GLU A O   1 
ATOM 1419 C CB  . GLU A 1 187 ? -11.770 -2.996  -3.575  1.00 29.90 ? 187 GLU A CB  1 
ATOM 1420 C CG  . GLU A 1 187 ? -12.362 -3.702  -2.353  1.00 31.30 ? 187 GLU A CG  1 
ATOM 1421 C CD  . GLU A 1 187 ? -13.852 -3.994  -2.468  1.00 33.20 ? 187 GLU A CD  1 
ATOM 1422 O OE1 . GLU A 1 187 ? -14.260 -4.954  -3.165  1.00 34.28 ? 187 GLU A OE1 1 
ATOM 1423 O OE2 . GLU A 1 187 ? -14.626 -3.244  -1.848  1.00 36.99 ? 187 GLU A OE2 1 
ATOM 1424 N N   . TRP A 1 188 ? -8.623  -2.861  -5.198  1.00 27.45 ? 188 TRP A N   1 
ATOM 1425 C CA  . TRP A 1 188 ? -7.932  -2.508  -6.441  1.00 26.03 ? 188 TRP A CA  1 
ATOM 1426 C C   . TRP A 1 188 ? -8.036  -3.575  -7.495  1.00 24.59 ? 188 TRP A C   1 
ATOM 1427 O O   . TRP A 1 188 ? -8.343  -4.727  -7.205  1.00 23.70 ? 188 TRP A O   1 
ATOM 1428 C CB  . TRP A 1 188 ? -6.452  -2.296  -6.223  1.00 26.79 ? 188 TRP A CB  1 
ATOM 1429 C CG  . TRP A 1 188 ? -6.105  -1.205  -5.342  1.00 27.70 ? 188 TRP A CG  1 
ATOM 1430 C CD1 . TRP A 1 188 ? -6.949  -0.327  -4.735  1.00 27.72 ? 188 TRP A CD1 1 
ATOM 1431 C CD2 . TRP A 1 188 ? -4.789  -0.852  -4.943  1.00 30.28 ? 188 TRP A CD2 1 
ATOM 1432 N NE1 . TRP A 1 188 ? -6.229  0.559   -3.974  1.00 30.22 ? 188 TRP A NE1 1 
ATOM 1433 C CE2 . TRP A 1 188 ? -4.897  0.256   -4.086  1.00 31.71 ? 188 TRP A CE2 1 
ATOM 1434 C CE3 . TRP A 1 188 ? -3.520  -1.367  -5.232  1.00 31.07 ? 188 TRP A CE3 1 
ATOM 1435 C CZ2 . TRP A 1 188 ? -3.780  0.863   -3.512  1.00 33.32 ? 188 TRP A CZ2 1 
ATOM 1436 C CZ3 . TRP A 1 188 ? -2.412  -0.763  -4.663  1.00 32.91 ? 188 TRP A CZ3 1 
ATOM 1437 C CH2 . TRP A 1 188 ? -2.550  0.341   -3.814  1.00 33.19 ? 188 TRP A CH2 1 
ATOM 1438 N N   . SER A 1 189 ? -7.711  -3.181  -8.718  1.00 23.49 ? 189 SER A N   1 
ATOM 1439 C CA  . SER A 1 189 ? -7.772  -4.083  -9.852  1.00 24.73 ? 189 SER A CA  1 
ATOM 1440 C C   . SER A 1 189 ? -6.465  -4.823  -9.994  1.00 23.45 ? 189 SER A C   1 
ATOM 1441 O O   . SER A 1 189 ? -5.555  -4.660  -9.188  1.00 19.47 ? 189 SER A O   1 
ATOM 1442 C CB  . SER A 1 189 ? -8.053  -3.304  -11.140 1.00 23.41 ? 189 SER A CB  1 
ATOM 1443 O OG  . SER A 1 189 ? -6.957  -2.473  -11.467 1.00 25.70 ? 189 SER A OG  1 
ATOM 1444 N N   . ASN A 1 190 ? -6.392  -5.654  -11.026 1.00 27.61 ? 190 ASN A N   1 
ATOM 1445 C CA  . ASN A 1 190 ? -5.191  -6.413  -11.303 1.00 33.44 ? 190 ASN A CA  1 
ATOM 1446 C C   . ASN A 1 190 ? -4.077  -5.431  -11.599 1.00 36.68 ? 190 ASN A C   1 
ATOM 1447 O O   . ASN A 1 190 ? -4.316  -4.228  -11.785 1.00 37.59 ? 190 ASN A O   1 
ATOM 1448 C CB  . ASN A 1 190 ? -5.399  -7.322  -12.510 1.00 33.99 ? 190 ASN A CB  1 
ATOM 1449 C CG  . ASN A 1 190 ? -6.115  -8.588  -12.157 1.00 35.85 ? 190 ASN A CG  1 
ATOM 1450 O OD1 . ASN A 1 190 ? -5.535  -9.496  -11.569 1.00 35.24 ? 190 ASN A OD1 1 
ATOM 1451 N ND2 . ASN A 1 190 ? -7.391  -8.659  -12.502 1.00 39.91 ? 190 ASN A ND2 1 
ATOM 1452 N N   . SER A 1 191 ? -2.858  -5.953  -11.661 1.00 37.17 ? 191 SER A N   1 
ATOM 1453 C CA  . SER A 1 191 ? -1.700  -5.120  -11.919 1.00 35.16 ? 191 SER A CA  1 
ATOM 1454 C C   . SER A 1 191 ? -1.397  -5.006  -13.396 1.00 32.88 ? 191 SER A C   1 
ATOM 1455 O O   . SER A 1 191 ? -1.253  -6.011  -14.088 1.00 31.99 ? 191 SER A O   1 
ATOM 1456 C CB  . SER A 1 191 ? -0.484  -5.689  -11.200 1.00 37.50 ? 191 SER A CB  1 
ATOM 1457 O OG  . SER A 1 191 ? 0.538   -4.717  -11.136 1.00 38.83 ? 191 SER A OG  1 
ATOM 1458 N N   . SER A 1 192 ? -1.298  -3.772  -13.875 1.00 32.03 ? 192 SER A N   1 
ATOM 1459 C CA  . SER A 1 192 ? -0.984  -3.530  -15.275 1.00 31.99 ? 192 SER A CA  1 
ATOM 1460 C C   . SER A 1 192 ? 0.273   -4.318  -15.558 1.00 32.08 ? 192 SER A C   1 
ATOM 1461 O O   . SER A 1 192 ? 1.065   -4.569  -14.659 1.00 32.30 ? 192 SER A O   1 
ATOM 1462 C CB  . SER A 1 192 ? -0.687  -2.053  -15.514 1.00 31.33 ? 192 SER A CB  1 
ATOM 1463 O OG  . SER A 1 192 ? 0.626   -1.730  -15.089 1.00 28.82 ? 192 SER A OG  1 
ATOM 1464 N N   . ASP A 1 193 ? 0.464   -4.717  -16.802 1.00 32.01 ? 193 ASP A N   1 
ATOM 1465 C CA  . ASP A 1 193 ? 1.657   -5.464  -17.132 1.00 32.35 ? 193 ASP A CA  1 
ATOM 1466 C C   . ASP A 1 193 ? 2.869   -4.582  -16.797 1.00 31.88 ? 193 ASP A C   1 
ATOM 1467 O O   . ASP A 1 193 ? 2.842   -3.374  -17.016 1.00 31.42 ? 193 ASP A O   1 
ATOM 1468 C CB  . ASP A 1 193 ? 1.592   -5.851  -18.605 1.00 34.92 ? 193 ASP A CB  1 
ATOM 1469 C CG  . ASP A 1 193 ? 0.487   -6.868  -18.884 1.00 39.20 ? 193 ASP A CG  1 
ATOM 1470 O OD1 . ASP A 1 193 ? -0.024  -6.910  -20.023 1.00 41.24 ? 193 ASP A OD1 1 
ATOM 1471 O OD2 . ASP A 1 193 ? 0.136   -7.637  -17.959 1.00 41.61 ? 193 ASP A OD2 1 
ATOM 1472 N N   . PRO A 1 194 ? 3.937   -5.178  -16.233 1.00 30.74 ? 194 PRO A N   1 
ATOM 1473 C CA  . PRO A 1 194 ? 5.181   -4.506  -15.835 1.00 31.58 ? 194 PRO A CA  1 
ATOM 1474 C C   . PRO A 1 194 ? 5.903   -3.709  -16.913 1.00 33.15 ? 194 PRO A C   1 
ATOM 1475 O O   . PRO A 1 194 ? 6.105   -4.193  -18.020 1.00 35.19 ? 194 PRO A O   1 
ATOM 1476 C CB  . PRO A 1 194 ? 6.037   -5.652  -15.308 1.00 29.79 ? 194 PRO A CB  1 
ATOM 1477 C CG  . PRO A 1 194 ? 5.556   -6.809  -16.093 1.00 28.64 ? 194 PRO A CG  1 
ATOM 1478 C CD  . PRO A 1 194 ? 4.065   -6.629  -16.039 1.00 30.62 ? 194 PRO A CD  1 
ATOM 1479 N N   . LEU A 1 195 ? 6.309   -2.489  -16.565 1.00 33.94 ? 195 LEU A N   1 
ATOM 1480 C CA  . LEU A 1 195 ? 7.010   -1.611  -17.494 1.00 33.27 ? 195 LEU A CA  1 
ATOM 1481 C C   . LEU A 1 195 ? 8.439   -1.350  -17.050 1.00 34.88 ? 195 LEU A C   1 
ATOM 1482 O O   . LEU A 1 195 ? 8.681   -0.798  -15.976 1.00 34.56 ? 195 LEU A O   1 
ATOM 1483 C CB  . LEU A 1 195 ? 6.275   -0.274  -17.627 1.00 32.65 ? 195 LEU A CB  1 
ATOM 1484 C CG  . LEU A 1 195 ? 6.767   0.700   -18.705 1.00 31.14 ? 195 LEU A CG  1 
ATOM 1485 C CD1 . LEU A 1 195 ? 5.816   1.870   -18.808 1.00 30.31 ? 195 LEU A CD1 1 
ATOM 1486 C CD2 . LEU A 1 195 ? 8.156   1.191   -18.380 1.00 34.05 ? 195 LEU A CD2 1 
ATOM 1487 N N   . LEU A 1 196 ? 9.383   -1.739  -17.900 1.00 36.00 ? 196 LEU A N   1 
ATOM 1488 C CA  . LEU A 1 196 ? 10.792  -1.542  -17.620 1.00 36.31 ? 196 LEU A CA  1 
ATOM 1489 C C   . LEU A 1 196 ? 11.251  -0.211  -18.160 1.00 36.93 ? 196 LEU A C   1 
ATOM 1490 O O   . LEU A 1 196 ? 11.356  -0.036  -19.371 1.00 38.80 ? 196 LEU A O   1 
ATOM 1491 C CB  . LEU A 1 196 ? 11.639  -2.640  -18.267 1.00 35.22 ? 196 LEU A CB  1 
ATOM 1492 C CG  . LEU A 1 196 ? 11.978  -3.861  -17.417 1.00 38.72 ? 196 LEU A CG  1 
ATOM 1493 C CD1 . LEU A 1 196 ? 12.517  -3.376  -16.076 1.00 39.59 ? 196 LEU A CD1 1 
ATOM 1494 C CD2 . LEU A 1 196 ? 10.755  -4.750  -17.221 1.00 37.22 ? 196 LEU A CD2 1 
ATOM 1495 N N   . VAL A 1 197 ? 11.502  0.740   -17.274 1.00 36.13 ? 197 VAL A N   1 
ATOM 1496 C CA  . VAL A 1 197 ? 12.002  2.022   -17.728 1.00 34.22 ? 197 VAL A CA  1 
ATOM 1497 C C   . VAL A 1 197 ? 13.516  1.884   -17.672 1.00 35.69 ? 197 VAL A C   1 
ATOM 1498 O O   . VAL A 1 197 ? 14.088  1.628   -16.611 1.00 34.29 ? 197 VAL A O   1 
ATOM 1499 C CB  . VAL A 1 197 ? 11.548  3.164   -16.830 1.00 32.41 ? 197 VAL A CB  1 
ATOM 1500 C CG1 . VAL A 1 197 ? 12.264  4.432   -17.227 1.00 31.68 ? 197 VAL A CG1 1 
ATOM 1501 C CG2 . VAL A 1 197 ? 10.052  3.352   -16.961 1.00 29.82 ? 197 VAL A CG2 1 
ATOM 1502 N N   . SER A 1 198 ? 14.150  2.024   -18.831 1.00 35.88 ? 198 SER A N   1 
ATOM 1503 C CA  . SER A 1 198 ? 15.593  1.891   -18.962 1.00 35.12 ? 198 SER A CA  1 
ATOM 1504 C C   . SER A 1 198 ? 16.265  3.237   -19.215 1.00 35.58 ? 198 SER A C   1 
ATOM 1505 O O   . SER A 1 198 ? 16.068  3.850   -20.264 1.00 34.99 ? 198 SER A O   1 
ATOM 1506 C CB  . SER A 1 198 ? 15.889  0.923   -20.106 1.00 35.60 ? 198 SER A CB  1 
ATOM 1507 O OG  . SER A 1 198 ? 15.007  1.158   -21.192 1.00 32.27 ? 198 SER A OG  1 
ATOM 1508 N N   . VAL A 1 199 ? 17.071  3.680   -18.254 1.00 36.28 ? 199 VAL A N   1 
ATOM 1509 C CA  . VAL A 1 199 ? 17.768  4.965   -18.342 1.00 38.90 ? 199 VAL A CA  1 
ATOM 1510 C C   . VAL A 1 199 ? 19.172  4.902   -18.947 1.00 39.93 ? 199 VAL A C   1 
ATOM 1511 O O   . VAL A 1 199 ? 20.133  4.604   -18.237 1.00 41.38 ? 199 VAL A O   1 
ATOM 1512 C CB  . VAL A 1 199 ? 17.888  5.606   -16.940 1.00 40.44 ? 199 VAL A CB  1 
ATOM 1513 C CG1 . VAL A 1 199 ? 18.725  6.876   -17.006 1.00 42.37 ? 199 VAL A CG1 1 
ATOM 1514 C CG2 . VAL A 1 199 ? 16.506  5.909   -16.391 1.00 43.41 ? 199 VAL A CG2 1 
ATOM 1515 N N   . THR A 1 200 ? 19.292  5.196   -20.243 1.00 40.46 ? 200 THR A N   1 
ATOM 1516 C CA  . THR A 1 200 ? 20.595  5.185   -20.914 1.00 40.10 ? 200 THR A CA  1 
ATOM 1517 C C   . THR A 1 200 ? 21.557  6.127   -20.172 1.00 43.43 ? 200 THR A C   1 
ATOM 1518 O O   . THR A 1 200 ? 21.232  7.288   -19.919 1.00 43.44 ? 200 THR A O   1 
ATOM 1519 C CB  . THR A 1 200 ? 20.471  5.641   -22.381 1.00 37.27 ? 200 THR A CB  1 
ATOM 1520 O OG1 . THR A 1 200 ? 19.704  4.687   -23.127 1.00 35.00 ? 200 THR A OG1 1 
ATOM 1521 C CG2 . THR A 1 200 ? 21.829  5.763   -23.007 1.00 34.64 ? 200 THR A CG2 1 
ATOM 1522 N N   . GLY A 1 201 ? 22.741  5.619   -19.835 1.00 46.35 ? 201 GLY A N   1 
ATOM 1523 C CA  . GLY A 1 201 ? 23.718  6.398   -19.088 1.00 50.26 ? 201 GLY A CA  1 
ATOM 1524 C C   . GLY A 1 201 ? 24.579  7.421   -19.810 1.00 53.63 ? 201 GLY A C   1 
ATOM 1525 O O   . GLY A 1 201 ? 24.642  7.471   -21.038 1.00 53.59 ? 201 GLY A O   1 
ATOM 1526 N N   . ASN A 1 202 ? 25.262  8.238   -19.016 1.00 58.24 ? 202 ASN A N   1 
ATOM 1527 C CA  . ASN A 1 202 ? 26.136  9.297   -19.526 1.00 62.77 ? 202 ASN A CA  1 
ATOM 1528 C C   . ASN A 1 202 ? 27.577  9.094   -19.048 1.00 64.59 ? 202 ASN A C   1 
ATOM 1529 O O   . ASN A 1 202 ? 27.829  8.315   -18.124 1.00 65.63 ? 202 ASN A O   1 
ATOM 1530 C CB  . ASN A 1 202 ? 25.649  10.659  -19.025 1.00 64.42 ? 202 ASN A CB  1 
ATOM 1531 C CG  . ASN A 1 202 ? 25.930  10.870  -17.538 1.00 64.95 ? 202 ASN A CG  1 
ATOM 1532 O OD1 . ASN A 1 202 ? 25.397  10.159  -16.677 1.00 64.20 ? 202 ASN A OD1 1 
ATOM 1533 N ND2 . ASN A 1 202 ? 26.777  11.847  -17.232 1.00 65.07 ? 202 ASN A ND2 1 
ATOM 1534 N N   . PRO A 1 203 ? 28.541  9.804   -19.663 1.00 65.51 ? 203 PRO A N   1 
ATOM 1535 C CA  . PRO A 1 203 ? 29.936  9.638   -19.233 1.00 66.51 ? 203 PRO A CA  1 
ATOM 1536 C C   . PRO A 1 203 ? 30.211  10.035  -17.768 1.00 66.70 ? 203 PRO A C   1 
ATOM 1537 O O   . PRO A 1 203 ? 29.293  10.560  -17.100 1.00 66.17 ? 203 PRO A O   1 
ATOM 1538 C CB  . PRO A 1 203 ? 30.715  10.488  -20.247 1.00 66.33 ? 203 PRO A CB  1 
ATOM 1539 C CG  . PRO A 1 203 ? 29.708  11.498  -20.714 1.00 64.45 ? 203 PRO A CG  1 
ATOM 1540 C CD  . PRO A 1 203 ? 28.450  10.693  -20.838 1.00 64.04 ? 203 PRO A CD  1 
# 
